data_7MWX
#
_entry.id   7MWX
#
_cell.length_a   76.954
_cell.length_b   127.774
_cell.length_c   212.374
_cell.angle_alpha   90.00
_cell.angle_beta   90.00
_cell.angle_gamma   90.00
#
_symmetry.space_group_name_H-M   'P 21 21 21'
#
loop_
_entity.id
_entity.type
_entity.pdbx_description
1 polymer 'Core protein precursor eE2'
2 polymer '2A12 Fab Heavy Chain'
3 polymer '2A12 Fab Light Chain'
4 polymer 'CD81 protein'
5 branched beta-D-mannopyranose-(1-4)-2-acetamido-2-deoxy-beta-D-glucopyranose-(1-4)-2-acetamido-2-deoxy-beta-D-glucopyranose
6 branched 2-acetamido-2-deoxy-beta-D-glucopyranose-(1-4)-2-acetamido-2-deoxy-beta-D-glucopyranose
7 non-polymer 2-acetamido-2-deoxy-beta-D-glucopyranose
#
loop_
_entity_poly.entity_id
_entity_poly.type
_entity_poly.pdbx_seq_one_letter_code
_entity_poly.pdbx_strand_id
1 'polypeptide(L)'
;GPRQKIQLVNTNGSWHINRTALNCNDSLHTGFIASLFYTHSFNSSGCPERMSACRSIEAFRVGWGALQYEDNVTNPEDMR
PYCWHYPPRQCGVVSAKTVCGPVYCFTPSPVVVGTTDRLGAPTYTWGENETDVFLLNSTRPPLGSWFGCTWMNSSGYTKT
CGAPPCRTRADFNASTDLLCPTDCFRKHPDTTYLKCGSGPWLTPRCLIDYPYRLWHYPCTVNYTIFKIRMYVGGVEHRLT
AACNFTRGDRCNLEDRDRS
;
C,G
2 'polypeptide(L)'
;EVQLQQSGAELVKPGASVKLSCTASGFNIKDTYIHWVNQRPEQGLEWIGRIDPANGHTQYDPKFQGKATITADTSSNTAY
LQLSSLTSEDTAVYYCATSDYSYALDSWGQGTSVTVSSAKTTAPSVYPLAPVCGDTTGSSVTLGCLVKGYFPEPVTLTWN
SGSLSSGVHTFPAVLQSDLYTLSSSVTVTSSTWPSQSITCNVAHPASSTKVDKKIEPR
;
A,E
3 'polypeptide(L)'
;DIVMTQSPSSLAMSVGQKVTMSCKSSQSLLNSNNQKNYLAWYQQKPGQSPKLLVYFASTRESGVPDRFIGSGSGTDFTLT
ISSVQAEDLADYFCQQHYSTPYTFGGGTKLEIRRADAAPTVSIFPPSSEQLTSGGASVVCFLNNFYPKDINVKWKIDGSE
RQNGVLNSWTDQDSKDSTYSMSSTLTLTKDEYERHNSYTCEATHKTSTSPIVKSFNRN
;
B,F
4 'polypeptide(L)'
;TGSFVNKDQIAKDVKQFYDQALQQAVVDDDANNAKAVVKTFHETLNCCGSSTLSALTTSMLKNNLCPSGSSIISNLFKED
CHQKIDELFSGKL
;
D,H
#
# COMPACT_ATOMS: atom_id res chain seq x y z
N GLY A 13 -16.17 5.78 8.64
CA GLY A 13 -16.65 6.03 9.98
C GLY A 13 -17.92 5.27 10.33
N SER A 14 -18.17 5.11 11.62
CA SER A 14 -19.40 4.49 12.11
C SER A 14 -19.57 4.87 13.57
N TRP A 15 -20.83 4.91 14.02
CA TRP A 15 -21.21 5.19 15.40
C TRP A 15 -20.44 6.37 15.98
N HIS A 16 -20.30 7.44 15.21
CA HIS A 16 -19.57 8.63 15.60
C HIS A 16 -20.42 9.88 15.41
N ILE A 17 -19.87 11.04 15.79
CA ILE A 17 -20.61 12.30 15.77
C ILE A 17 -19.68 13.45 15.42
N ASN A 18 -20.17 14.39 14.61
CA ASN A 18 -19.44 15.63 14.33
C ASN A 18 -19.76 16.68 15.39
N ARG A 19 -21.00 17.18 15.37
CA ARG A 19 -21.42 18.17 16.36
C ARG A 19 -22.94 18.22 16.33
N THR A 20 -23.57 17.47 17.25
CA THR A 20 -25.02 17.55 17.43
C THR A 20 -25.35 17.56 18.92
N ALA A 21 -24.47 18.14 19.73
CA ALA A 21 -24.61 18.23 21.18
C ALA A 21 -24.80 19.67 21.59
N LEU A 22 -23.96 20.09 22.53
CA LEU A 22 -24.01 21.45 23.08
C LEU A 22 -25.43 21.73 23.54
N ASN A 23 -25.79 23.02 23.58
CA ASN A 23 -27.09 23.48 24.05
C ASN A 23 -27.21 23.34 25.56
N CYS A 24 -26.09 23.52 26.27
CA CYS A 24 -26.05 23.41 27.71
C CYS A 24 -26.23 24.77 28.35
N ASN A 25 -26.81 24.79 29.55
CA ASN A 25 -26.94 26.01 30.33
C ASN A 25 -26.05 25.86 31.55
N ASP A 26 -25.31 26.93 31.88
CA ASP A 26 -24.38 26.86 33.00
C ASP A 26 -25.13 26.57 34.30
N SER A 27 -26.16 27.37 34.60
CA SER A 27 -27.00 27.17 35.78
C SER A 27 -26.08 27.19 37.00
N LEU A 28 -26.11 26.17 37.86
CA LEU A 28 -25.26 26.14 39.03
C LEU A 28 -23.93 25.46 38.70
N HIS A 29 -22.94 25.71 39.55
CA HIS A 29 -21.60 25.12 39.39
C HIS A 29 -21.57 23.75 40.05
N THR A 30 -22.34 22.83 39.46
CA THR A 30 -22.47 21.47 39.99
C THR A 30 -21.50 20.49 39.35
N GLY A 31 -20.50 20.98 38.63
CA GLY A 31 -19.59 20.11 37.92
C GLY A 31 -20.19 19.39 36.73
N PHE A 32 -21.15 20.02 36.04
CA PHE A 32 -21.74 19.39 34.87
C PHE A 32 -20.78 19.37 33.69
N ILE A 33 -19.77 20.24 33.71
CA ILE A 33 -18.74 20.31 32.67
C ILE A 33 -17.53 19.48 33.07
N ALA A 34 -17.71 18.61 34.06
CA ALA A 34 -16.60 17.81 34.57
C ALA A 34 -16.05 16.87 33.49
N SER A 35 -16.93 16.29 32.68
CA SER A 35 -16.47 15.26 31.76
C SER A 35 -15.84 15.83 30.49
N LEU A 36 -16.05 17.11 30.21
CA LEU A 36 -15.24 17.75 29.18
C LEU A 36 -13.80 17.75 29.69
N PHE A 37 -12.91 17.05 28.98
CA PHE A 37 -11.56 16.73 29.47
C PHE A 37 -11.65 16.31 30.94
N TYR A 38 -12.00 15.05 31.17
CA TYR A 38 -12.31 14.55 32.51
C TYR A 38 -11.11 13.90 33.19
N THR A 39 -9.89 14.19 32.72
CA THR A 39 -8.72 13.60 33.35
C THR A 39 -8.61 14.00 34.82
N HIS A 40 -9.28 15.08 35.22
CA HIS A 40 -9.26 15.56 36.59
C HIS A 40 -10.48 16.44 36.81
N SER A 41 -10.87 16.58 38.09
CA SER A 41 -12.03 17.34 38.54
C SER A 41 -13.32 16.59 38.27
N PHE A 42 -13.30 15.27 38.45
CA PHE A 42 -14.48 14.43 38.29
C PHE A 42 -14.94 13.92 39.65
N ASN A 43 -16.26 13.91 39.87
CA ASN A 43 -16.84 13.53 41.15
C ASN A 43 -18.36 13.56 41.04
N SER A 44 -19.02 12.87 41.97
CA SER A 44 -20.47 12.75 42.01
C SER A 44 -21.04 13.76 43.01
N SER A 45 -22.11 14.44 42.62
CA SER A 45 -22.72 15.44 43.47
C SER A 45 -23.38 14.82 44.70
N GLY A 46 -24.09 13.71 44.53
CA GLY A 46 -24.65 13.01 45.67
C GLY A 46 -25.19 11.63 45.38
N CYS A 47 -24.60 10.62 46.01
CA CYS A 47 -25.00 9.24 45.83
C CYS A 47 -25.26 8.64 47.22
N PRO A 48 -26.41 7.97 47.42
CA PRO A 48 -26.70 7.34 48.71
C PRO A 48 -25.90 6.06 48.94
N HIS A 85 -31.65 6.14 41.13
CA HIS A 85 -32.12 5.64 39.84
C HIS A 85 -33.59 5.25 39.93
N TYR A 86 -34.30 5.35 38.81
CA TYR A 86 -35.69 4.95 38.73
C TYR A 86 -35.97 4.50 37.30
N PRO A 87 -37.02 3.70 37.09
CA PRO A 87 -37.28 3.16 35.75
C PRO A 87 -37.58 4.28 34.77
N PRO A 88 -37.22 4.10 33.50
CA PRO A 88 -37.40 5.18 32.52
C PRO A 88 -38.81 5.16 31.94
N ARG A 89 -39.09 6.22 31.17
CA ARG A 89 -40.37 6.39 30.51
C ARG A 89 -40.29 5.95 29.05
N GLN A 90 -41.44 5.99 28.38
CA GLN A 90 -41.53 5.54 27.00
C GLN A 90 -40.72 6.44 26.08
N CYS A 91 -40.33 5.89 24.93
CA CYS A 91 -39.47 6.58 23.97
C CYS A 91 -40.33 7.23 22.89
N GLY A 92 -40.26 8.56 22.81
CA GLY A 92 -41.01 9.31 21.81
C GLY A 92 -40.16 10.24 20.95
N VAL A 93 -40.18 11.53 21.29
CA VAL A 93 -39.46 12.56 20.54
C VAL A 93 -38.55 13.30 21.51
N VAL A 94 -37.50 13.93 20.98
CA VAL A 94 -36.52 14.61 21.81
C VAL A 94 -36.62 16.11 21.56
N SER A 95 -36.07 16.88 22.50
CA SER A 95 -35.92 18.32 22.38
C SER A 95 -34.44 18.67 22.38
N ALA A 96 -33.99 19.33 21.30
CA ALA A 96 -32.57 19.58 21.12
C ALA A 96 -32.04 20.66 22.07
N LYS A 97 -32.83 21.72 22.30
CA LYS A 97 -32.31 22.88 23.02
C LYS A 97 -31.90 22.56 24.45
N THR A 98 -32.58 21.64 25.13
CA THR A 98 -32.26 21.36 26.52
C THR A 98 -31.20 20.26 26.67
N VAL A 99 -31.03 19.39 25.70
CA VAL A 99 -30.08 18.28 25.87
C VAL A 99 -28.66 18.80 25.74
N CYS A 100 -27.79 18.35 26.64
CA CYS A 100 -26.38 18.72 26.63
C CYS A 100 -25.53 17.47 26.47
N GLY A 101 -24.62 17.50 25.50
CA GLY A 101 -23.74 16.39 25.23
C GLY A 101 -24.39 15.38 24.30
N PRO A 102 -23.62 14.36 23.91
CA PRO A 102 -24.18 13.34 23.00
C PRO A 102 -25.17 12.43 23.71
N VAL A 103 -26.22 12.07 22.99
CA VAL A 103 -27.23 11.14 23.49
C VAL A 103 -26.81 9.74 23.06
N TYR A 104 -26.55 8.87 24.03
CA TYR A 104 -26.08 7.52 23.75
C TYR A 104 -27.28 6.58 23.86
N CYS A 105 -27.63 5.94 22.75
CA CYS A 105 -28.74 5.00 22.75
C CYS A 105 -28.22 3.58 22.67
N PHE A 106 -28.97 2.68 23.30
CA PHE A 106 -28.54 1.31 23.55
C PHE A 106 -29.47 0.37 22.77
N THR A 107 -28.90 -0.23 21.72
CA THR A 107 -29.34 -1.38 20.96
C THR A 107 -28.62 -2.53 21.69
N PRO A 108 -28.14 -3.61 21.04
CA PRO A 108 -27.16 -4.42 21.75
C PRO A 108 -25.89 -3.67 22.13
N SER A 109 -25.41 -2.76 21.27
CA SER A 109 -24.19 -2.01 21.57
C SER A 109 -24.51 -0.52 21.69
N PRO A 110 -23.59 0.29 22.22
CA PRO A 110 -23.85 1.73 22.28
C PRO A 110 -23.73 2.37 20.90
N VAL A 111 -24.64 3.30 20.62
CA VAL A 111 -24.62 4.01 19.34
C VAL A 111 -25.07 5.44 19.56
N VAL A 112 -24.40 6.37 18.89
CA VAL A 112 -24.76 7.78 18.93
C VAL A 112 -25.74 8.06 17.80
N VAL A 113 -26.63 9.02 18.02
CA VAL A 113 -27.66 9.37 17.05
C VAL A 113 -27.61 10.85 16.80
N GLY A 114 -27.45 11.25 15.54
CA GLY A 114 -27.44 12.64 15.18
C GLY A 114 -28.84 13.16 14.91
N THR A 115 -28.94 14.48 14.81
CA THR A 115 -30.25 15.11 14.74
C THR A 115 -31.00 14.66 13.49
N THR A 116 -32.29 14.39 13.65
CA THR A 116 -33.10 13.92 12.54
C THR A 116 -33.06 14.94 11.41
N ASP A 117 -33.11 14.43 10.18
CA ASP A 117 -33.04 15.21 8.94
C ASP A 117 -31.65 15.78 8.73
N ARG A 118 -30.70 15.48 9.63
CA ARG A 118 -29.28 15.81 9.57
C ARG A 118 -28.98 17.27 9.86
N LEU A 119 -27.86 17.53 10.54
CA LEU A 119 -27.41 18.86 10.93
C LEU A 119 -26.04 19.15 10.31
N GLY A 120 -25.64 20.42 10.38
CA GLY A 120 -24.34 20.86 9.92
C GLY A 120 -23.57 21.52 11.05
N ALA A 121 -22.31 21.85 10.76
CA ALA A 121 -21.43 22.48 11.74
C ALA A 121 -20.26 23.31 11.21
N PRO A 122 -19.81 23.18 9.95
CA PRO A 122 -18.72 24.03 9.47
C PRO A 122 -19.04 25.51 9.59
N THR A 123 -17.99 26.32 9.50
CA THR A 123 -18.07 27.76 9.75
C THR A 123 -18.12 28.52 8.43
N TYR A 124 -18.28 29.84 8.56
CA TYR A 124 -18.30 30.80 7.45
C TYR A 124 -19.30 30.39 6.37
N THR A 125 -20.57 30.54 6.74
CA THR A 125 -21.66 30.36 5.79
C THR A 125 -22.82 31.23 6.27
N TRP A 126 -23.51 31.87 5.33
CA TRP A 126 -24.55 32.81 5.74
C TRP A 126 -25.82 32.02 6.08
N GLY A 127 -26.32 32.27 7.28
CA GLY A 127 -27.54 31.63 7.75
C GLY A 127 -27.75 32.05 9.19
N GLU A 128 -28.83 31.55 9.78
CA GLU A 128 -29.20 32.00 11.12
C GLU A 128 -29.79 30.87 11.94
N ASN A 129 -29.22 30.66 13.13
CA ASN A 129 -29.77 29.83 14.20
C ASN A 129 -29.78 28.34 13.90
N GLU A 130 -29.50 27.52 14.91
CA GLU A 130 -29.54 26.07 14.82
C GLU A 130 -30.60 25.56 15.79
N THR A 131 -31.56 24.81 15.27
CA THR A 131 -32.59 24.18 16.10
C THR A 131 -33.18 22.96 15.40
N ASP A 132 -32.45 21.85 15.44
CA ASP A 132 -32.89 20.60 14.81
C ASP A 132 -32.63 19.46 15.78
N VAL A 133 -33.61 18.58 15.92
CA VAL A 133 -33.59 17.59 17.00
C VAL A 133 -33.34 16.23 16.36
N PHE A 134 -33.32 15.17 17.16
CA PHE A 134 -33.26 13.81 16.63
C PHE A 134 -34.47 12.99 17.07
N LEU A 135 -34.56 11.80 16.48
CA LEU A 135 -35.61 10.83 16.77
C LEU A 135 -35.05 9.63 17.51
N LEU A 136 -35.86 9.08 18.42
CA LEU A 136 -35.54 7.87 19.14
C LEU A 136 -36.70 6.88 19.14
N ASN A 137 -37.74 7.13 18.34
CA ASN A 137 -38.90 6.25 18.27
C ASN A 137 -38.46 4.86 17.82
N SER A 138 -38.33 3.94 18.77
CA SER A 138 -37.82 2.61 18.47
C SER A 138 -38.44 1.57 19.39
N THR A 139 -38.67 0.39 18.84
CA THR A 139 -39.03 -0.79 19.63
C THR A 139 -37.82 -1.72 19.71
N ARG A 140 -37.97 -2.80 20.47
CA ARG A 140 -36.85 -3.69 20.75
C ARG A 140 -36.25 -4.23 19.45
N PRO A 141 -34.93 -4.43 19.40
CA PRO A 141 -34.24 -4.71 18.12
C PRO A 141 -34.81 -5.90 17.37
N PRO A 142 -35.13 -7.03 18.03
CA PRO A 142 -35.71 -8.15 17.27
C PRO A 142 -36.93 -7.77 16.45
N LEU A 143 -37.79 -6.91 16.99
CA LEU A 143 -38.96 -6.42 16.27
C LEU A 143 -38.79 -4.98 15.81
N GLY A 144 -37.69 -4.33 16.15
CA GLY A 144 -37.47 -2.94 15.77
C GLY A 144 -36.02 -2.54 15.62
N SER A 145 -35.58 -1.58 16.45
CA SER A 145 -34.24 -1.01 16.31
C SER A 145 -33.43 -1.18 17.59
N TRP A 146 -33.79 -0.54 18.69
CA TRP A 146 -32.97 -0.56 19.89
C TRP A 146 -33.83 -0.55 21.15
N PHE A 147 -33.18 -0.79 22.28
CA PHE A 147 -33.86 -0.83 23.56
C PHE A 147 -34.19 0.56 24.08
N GLY A 148 -33.16 1.38 24.37
CA GLY A 148 -33.46 2.67 24.96
C GLY A 148 -32.24 3.57 25.04
N CYS A 149 -32.50 4.87 25.11
CA CYS A 149 -31.44 5.87 25.07
C CYS A 149 -31.22 6.49 26.44
N THR A 150 -30.11 7.22 26.57
CA THR A 150 -29.75 7.91 27.80
C THR A 150 -28.96 9.16 27.45
N TRP A 151 -29.26 10.26 28.14
CA TRP A 151 -28.60 11.53 27.88
C TRP A 151 -28.59 12.37 29.14
N MET A 152 -27.99 13.56 29.05
CA MET A 152 -27.89 14.49 30.16
C MET A 152 -28.44 15.84 29.73
N ASN A 153 -29.40 16.37 30.50
CA ASN A 153 -30.11 17.56 30.04
C ASN A 153 -29.25 18.82 30.20
N SER A 154 -29.87 20.00 30.33
CA SER A 154 -29.14 21.26 30.22
C SER A 154 -28.61 21.76 31.54
N SER A 155 -29.19 21.33 32.66
CA SER A 155 -28.77 21.79 33.97
C SER A 155 -27.68 20.94 34.59
N GLY A 156 -27.47 19.71 34.10
CA GLY A 156 -26.52 18.82 34.72
C GLY A 156 -27.08 17.49 35.20
N TYR A 157 -28.34 17.16 34.97
CA TYR A 157 -28.86 15.87 35.42
C TYR A 157 -29.12 14.97 34.21
N THR A 158 -29.40 13.70 34.51
CA THR A 158 -29.56 12.67 33.50
C THR A 158 -31.02 12.36 33.24
N LYS A 159 -31.35 12.11 31.96
CA LYS A 159 -32.67 11.68 31.54
C LYS A 159 -32.53 10.42 30.70
N THR A 160 -33.33 9.40 31.02
CA THR A 160 -33.24 8.10 30.38
C THR A 160 -34.49 7.85 29.55
N CYS A 161 -34.32 7.08 28.47
CA CYS A 161 -35.41 6.64 27.61
C CYS A 161 -35.57 5.13 27.80
N GLY A 162 -36.73 4.61 27.41
CA GLY A 162 -36.99 3.21 27.66
C GLY A 162 -38.23 2.74 26.92
N ALA A 163 -38.45 1.44 27.00
CA ALA A 163 -39.55 0.76 26.34
C ALA A 163 -40.42 0.04 27.37
N PRO A 164 -41.67 -0.27 27.02
CA PRO A 164 -42.58 -0.88 28.01
C PRO A 164 -42.13 -2.27 28.39
N PRO A 165 -42.09 -2.58 29.69
CA PRO A 165 -41.67 -3.91 30.13
C PRO A 165 -42.62 -4.99 29.63
N CYS A 166 -42.07 -6.20 29.54
CA CYS A 166 -42.82 -7.37 29.10
C CYS A 166 -44.08 -7.60 29.93
N THR A 192 -33.11 -13.00 27.78
CA THR A 192 -33.81 -12.42 28.91
C THR A 192 -33.81 -10.89 28.85
N TYR A 193 -32.69 -10.32 28.41
CA TYR A 193 -32.61 -8.86 28.27
C TYR A 193 -33.46 -8.37 27.11
N LEU A 194 -33.55 -9.17 26.04
CA LEU A 194 -34.39 -8.78 24.90
C LEU A 194 -35.87 -8.81 25.25
N LYS A 195 -36.25 -9.61 26.26
CA LYS A 195 -37.67 -9.77 26.57
C LYS A 195 -38.22 -8.55 27.30
N CYS A 196 -37.58 -8.15 28.40
CA CYS A 196 -38.11 -7.09 29.25
C CYS A 196 -37.14 -5.93 29.47
N GLY A 197 -35.91 -6.03 28.96
CA GLY A 197 -34.95 -4.96 29.15
C GLY A 197 -35.34 -3.70 28.40
N SER A 198 -34.99 -2.56 28.98
CA SER A 198 -35.36 -1.27 28.41
C SER A 198 -34.14 -0.38 28.23
N GLY A 199 -33.39 -0.17 29.30
CA GLY A 199 -32.26 0.73 29.28
C GLY A 199 -30.94 0.00 29.14
N PRO A 200 -29.83 0.75 29.26
CA PRO A 200 -28.51 0.11 29.24
C PRO A 200 -28.27 -0.87 30.37
N TRP A 201 -29.16 -0.94 31.36
CA TRP A 201 -28.99 -1.81 32.52
C TRP A 201 -29.35 -3.23 32.14
N LEU A 202 -28.33 -4.11 32.07
CA LEU A 202 -28.60 -5.53 31.88
C LEU A 202 -29.28 -6.10 33.11
N THR A 203 -28.77 -5.79 34.29
CA THR A 203 -29.32 -6.18 35.58
C THR A 203 -29.25 -4.93 36.45
N PRO A 204 -29.91 -4.88 37.61
CA PRO A 204 -29.73 -3.72 38.50
C PRO A 204 -28.28 -3.43 38.88
N ARG A 205 -27.43 -4.46 38.93
CA ARG A 205 -26.05 -4.29 39.38
C ARG A 205 -25.05 -4.22 38.23
N CYS A 206 -25.50 -4.21 36.98
CA CYS A 206 -24.61 -4.14 35.82
C CYS A 206 -25.16 -3.17 34.80
N LEU A 207 -24.26 -2.59 34.01
CA LEU A 207 -24.64 -1.67 32.94
C LEU A 207 -23.64 -1.75 31.81
N ILE A 208 -24.06 -1.34 30.63
CA ILE A 208 -23.22 -1.39 29.44
C ILE A 208 -22.22 -0.24 29.52
N ASP A 209 -20.93 -0.57 29.43
CA ASP A 209 -19.89 0.44 29.53
C ASP A 209 -19.75 1.20 28.20
N TYR A 210 -19.73 2.51 28.29
CA TYR A 210 -19.53 3.38 27.14
C TYR A 210 -18.71 4.58 27.61
N PRO A 211 -18.02 5.28 26.68
CA PRO A 211 -17.07 6.33 27.07
C PRO A 211 -17.61 7.39 28.01
N TYR A 212 -18.92 7.62 28.01
CA TYR A 212 -19.53 8.63 28.89
C TYR A 212 -20.44 7.99 29.94
N ARG A 213 -20.09 6.79 30.40
CA ARG A 213 -20.86 6.14 31.44
C ARG A 213 -20.68 6.84 32.79
N LEU A 214 -19.44 7.18 33.13
CA LEU A 214 -19.17 7.87 34.39
C LEU A 214 -19.87 9.22 34.46
N TRP A 215 -20.15 9.83 33.31
CA TRP A 215 -20.87 11.10 33.31
C TRP A 215 -22.35 10.89 33.63
N HIS A 216 -23.00 9.97 32.92
CA HIS A 216 -24.43 9.74 33.13
C HIS A 216 -24.71 8.98 34.42
N TYR A 217 -23.74 8.19 34.89
CA TYR A 217 -23.90 7.40 36.12
C TYR A 217 -22.64 7.56 36.96
N PRO A 218 -22.53 8.68 37.69
CA PRO A 218 -21.32 8.88 38.51
C PRO A 218 -21.24 7.94 39.70
N CYS A 219 -22.37 7.49 40.23
CA CYS A 219 -22.36 6.57 41.36
C CYS A 219 -21.77 5.21 41.01
N THR A 220 -21.59 4.91 39.73
CA THR A 220 -21.06 3.62 39.27
C THR A 220 -19.57 3.67 38.97
N VAL A 221 -18.83 4.59 39.59
CA VAL A 221 -17.40 4.71 39.33
C VAL A 221 -16.68 3.43 39.75
N ASN A 222 -17.02 2.89 40.92
CA ASN A 222 -16.34 1.74 41.48
C ASN A 222 -16.72 0.42 40.82
N TYR A 223 -17.58 0.46 39.79
CA TYR A 223 -17.97 -0.76 39.10
C TYR A 223 -16.80 -1.34 38.33
N THR A 224 -16.68 -2.67 38.34
CA THR A 224 -15.60 -3.35 37.63
C THR A 224 -16.05 -3.76 36.24
N ILE A 225 -15.17 -3.58 35.26
CA ILE A 225 -15.52 -3.76 33.86
C ILE A 225 -14.98 -5.09 33.35
N PHE A 226 -15.71 -5.68 32.39
CA PHE A 226 -15.28 -6.90 31.72
C PHE A 226 -16.05 -7.05 30.42
N LYS A 227 -15.54 -7.90 29.53
CA LYS A 227 -16.06 -8.04 28.19
C LYS A 227 -16.97 -9.26 28.08
N ILE A 228 -18.15 -9.07 27.49
CA ILE A 228 -19.15 -10.11 27.30
C ILE A 228 -19.60 -10.08 25.84
N ARG A 229 -20.46 -11.04 25.48
CA ARG A 229 -21.01 -11.15 24.14
C ARG A 229 -22.47 -11.55 24.23
N MET A 230 -23.28 -11.05 23.29
CA MET A 230 -24.70 -11.29 23.27
C MET A 230 -25.18 -11.58 21.85
N TYR A 231 -26.41 -12.08 21.76
CA TYR A 231 -27.07 -12.38 20.50
C TYR A 231 -28.42 -11.66 20.47
N VAL A 232 -28.75 -11.10 19.30
CA VAL A 232 -30.01 -10.40 19.11
C VAL A 232 -30.54 -10.70 17.72
N GLY A 233 -30.81 -11.98 17.45
CA GLY A 233 -31.33 -12.38 16.16
C GLY A 233 -30.25 -12.73 15.17
N GLY A 234 -29.34 -13.64 15.56
CA GLY A 234 -28.33 -14.14 14.65
C GLY A 234 -27.13 -13.24 14.43
N VAL A 235 -26.95 -12.21 15.25
CA VAL A 235 -25.80 -11.31 15.13
C VAL A 235 -25.13 -11.22 16.50
N GLU A 236 -23.82 -11.48 16.52
CA GLU A 236 -23.04 -11.47 17.75
C GLU A 236 -22.57 -10.05 18.04
N HIS A 237 -22.94 -9.53 19.21
CA HIS A 237 -22.52 -8.19 19.63
C HIS A 237 -21.58 -8.31 20.82
N ARG A 238 -20.43 -7.64 20.72
CA ARG A 238 -19.42 -7.64 21.77
C ARG A 238 -19.59 -6.39 22.61
N LEU A 239 -19.56 -6.55 23.94
CA LEU A 239 -19.86 -5.46 24.85
C LEU A 239 -18.85 -5.40 25.98
N THR A 240 -18.63 -4.20 26.49
CA THR A 240 -17.98 -4.00 27.77
C THR A 240 -19.04 -3.63 28.79
N ALA A 241 -19.05 -4.31 29.93
CA ALA A 241 -20.06 -4.11 30.95
C ALA A 241 -19.40 -3.95 32.30
N ALA A 242 -19.96 -3.06 33.12
CA ALA A 242 -19.47 -2.80 34.47
C ALA A 242 -20.48 -3.32 35.48
N CYS A 243 -20.00 -4.02 36.48
CA CYS A 243 -20.84 -4.67 37.49
C CYS A 243 -20.32 -4.39 38.89
N ASN A 244 -21.23 -4.52 39.85
CA ASN A 244 -20.94 -4.41 41.27
C ASN A 244 -20.50 -5.77 41.80
N PHE A 245 -19.44 -5.76 42.61
CA PHE A 245 -18.96 -7.00 43.22
C PHE A 245 -18.44 -6.76 44.63
N ASN B 10 12.34 9.36 6.66
CA ASN B 10 12.12 8.90 8.04
C ASN B 10 13.40 8.26 8.56
N THR B 11 13.27 7.07 9.15
CA THR B 11 14.44 6.24 9.35
C THR B 11 14.99 5.82 8.00
N ASN B 12 16.31 5.74 7.90
CA ASN B 12 17.04 5.77 6.63
C ASN B 12 16.94 7.17 6.02
N GLY B 13 17.99 7.63 5.37
CA GLY B 13 18.06 9.02 4.98
C GLY B 13 18.25 9.29 3.49
N SER B 14 17.90 10.50 3.07
CA SER B 14 18.19 10.93 1.71
C SER B 14 19.66 10.77 1.38
N TRP B 15 20.52 10.92 2.37
CA TRP B 15 21.95 10.65 2.24
C TRP B 15 22.42 9.98 3.53
N HIS B 16 23.53 9.26 3.43
CA HIS B 16 24.02 8.48 4.57
C HIS B 16 24.76 9.40 5.53
N ILE B 17 24.07 9.79 6.59
CA ILE B 17 24.60 10.67 7.63
C ILE B 17 23.98 10.16 8.93
N ASN B 18 24.58 9.11 9.47
CA ASN B 18 24.12 8.51 10.72
C ASN B 18 24.75 9.23 11.91
N ARG B 19 24.22 8.94 13.09
CA ARG B 19 24.74 9.55 14.30
C ARG B 19 26.14 9.01 14.58
N THR B 20 27.15 9.74 14.11
CA THR B 20 28.55 9.41 14.29
C THR B 20 29.36 10.68 14.54
N ALA B 21 28.81 11.59 15.34
CA ALA B 21 29.44 12.89 15.55
C ALA B 21 30.09 12.95 16.92
N LEU B 22 31.04 13.88 17.06
CA LEU B 22 31.84 13.96 18.28
C LEU B 22 31.66 15.34 18.92
N ASN B 23 32.57 15.72 19.81
CA ASN B 23 32.49 16.99 20.51
C ASN B 23 33.87 17.62 20.67
N CYS B 24 34.74 17.38 19.68
CA CYS B 24 36.12 17.87 19.62
C CYS B 24 36.82 17.97 20.97
N ASN B 25 37.51 19.08 21.18
CA ASN B 25 38.23 19.37 22.41
C ASN B 25 37.59 20.55 23.14
N ASP B 26 38.12 20.81 24.34
CA ASP B 26 37.62 21.91 25.16
C ASP B 26 37.68 23.23 24.41
N SER B 27 38.84 23.52 23.80
CA SER B 27 39.07 24.71 22.98
C SER B 27 38.84 25.96 23.84
N LEU B 28 38.04 26.92 23.40
CA LEU B 28 37.84 28.16 24.15
C LEU B 28 36.40 28.64 23.96
N HIS B 29 35.99 29.55 24.84
CA HIS B 29 34.64 30.13 24.80
C HIS B 29 34.59 31.32 23.84
N THR B 30 34.87 31.04 22.58
CA THR B 30 34.88 32.05 21.53
C THR B 30 33.58 32.09 20.75
N GLY B 31 32.53 31.43 21.22
CA GLY B 31 31.33 31.30 20.41
C GLY B 31 31.59 30.40 19.23
N PHE B 32 32.46 29.39 19.42
CA PHE B 32 32.89 28.56 18.30
C PHE B 32 31.79 27.64 17.80
N ILE B 33 30.91 27.15 18.67
CA ILE B 33 29.78 26.32 18.27
C ILE B 33 28.46 27.07 18.37
N ALA B 34 28.49 28.41 18.43
CA ALA B 34 27.27 29.17 18.72
C ALA B 34 26.20 28.94 17.66
N SER B 35 26.58 28.99 16.38
CA SER B 35 25.65 28.83 15.28
C SER B 35 25.49 27.38 14.83
N LEU B 36 26.29 26.46 15.37
CA LEU B 36 26.18 25.04 15.01
C LEU B 36 24.77 24.52 15.26
N PHE B 37 24.13 24.97 16.33
CA PHE B 37 22.81 24.49 16.70
C PHE B 37 21.72 25.55 16.52
N TYR B 38 22.06 26.81 16.72
CA TYR B 38 21.11 27.92 16.64
C TYR B 38 21.20 28.56 15.27
N THR B 39 20.04 28.96 14.73
CA THR B 39 19.99 29.63 13.44
C THR B 39 20.74 30.96 13.43
N HIS B 40 20.98 31.55 14.61
CA HIS B 40 21.65 32.84 14.71
C HIS B 40 22.98 32.86 13.97
N SER B 41 23.42 34.05 13.55
CA SER B 41 24.67 34.15 12.82
C SER B 41 25.85 33.93 13.75
N PHE B 42 26.99 33.56 13.16
CA PHE B 42 28.22 33.33 13.91
C PHE B 42 29.15 34.51 13.69
N ASN B 43 29.79 34.95 14.76
CA ASN B 43 30.64 36.14 14.67
C ASN B 43 31.72 35.95 13.62
N SER B 44 31.91 36.95 12.78
CA SER B 44 32.90 36.92 11.72
C SER B 44 34.06 37.85 12.05
N SER B 45 35.27 37.36 11.90
CA SER B 45 36.43 38.20 12.09
C SER B 45 36.57 39.18 10.92
N GLY B 46 37.47 40.14 11.08
CA GLY B 46 37.78 41.07 10.00
C GLY B 46 38.32 40.34 8.79
N CYS B 47 37.64 40.46 7.65
CA CYS B 47 38.04 39.78 6.44
C CYS B 47 38.23 40.77 5.31
N PRO B 48 39.35 40.73 4.58
CA PRO B 48 39.62 41.63 3.46
C PRO B 48 38.83 41.25 2.21
N HIS B 85 41.50 30.40 1.97
CA HIS B 85 41.64 28.99 2.30
C HIS B 85 42.97 28.45 1.80
N TYR B 86 43.27 28.73 0.52
CA TYR B 86 44.52 28.36 -0.15
C TYR B 86 44.58 26.85 -0.35
N PRO B 87 45.41 26.34 -1.27
CA PRO B 87 45.38 24.91 -1.59
C PRO B 87 45.76 24.05 -0.41
N PRO B 88 45.13 22.88 -0.27
CA PRO B 88 45.38 22.00 0.87
C PRO B 88 46.51 21.01 0.66
N ARG B 89 46.83 20.24 1.69
CA ARG B 89 47.85 19.20 1.61
C ARG B 89 47.20 17.85 1.29
N GLN B 90 48.03 16.85 1.08
CA GLN B 90 47.56 15.55 0.62
C GLN B 90 46.63 14.90 1.63
N CYS B 91 45.76 14.02 1.13
CA CYS B 91 44.72 13.38 1.93
C CYS B 91 45.19 12.01 2.38
N GLY B 92 45.32 11.83 3.70
CA GLY B 92 45.66 10.55 4.26
C GLY B 92 44.68 10.14 5.34
N VAL B 93 45.09 10.25 6.60
CA VAL B 93 44.22 9.91 7.72
C VAL B 93 44.20 11.09 8.68
N VAL B 94 43.09 11.19 9.43
CA VAL B 94 42.85 12.25 10.39
C VAL B 94 42.79 11.61 11.78
N SER B 95 42.68 12.44 12.81
CA SER B 95 42.47 11.98 14.18
C SER B 95 41.04 12.37 14.60
N ALA B 96 40.26 11.38 15.03
CA ALA B 96 38.84 11.61 15.29
C ALA B 96 38.64 12.51 16.50
N LYS B 97 39.46 12.34 17.53
CA LYS B 97 39.28 13.12 18.74
C LYS B 97 39.39 14.61 18.47
N THR B 98 40.14 14.98 17.43
CA THR B 98 40.35 16.40 17.18
C THR B 98 39.19 17.01 16.40
N VAL B 99 38.52 16.25 15.54
CA VAL B 99 37.53 16.83 14.64
C VAL B 99 36.26 17.19 15.39
N CYS B 100 35.71 18.37 15.09
CA CYS B 100 34.47 18.86 15.66
C CYS B 100 33.48 19.09 14.53
N GLY B 101 32.27 18.54 14.68
CA GLY B 101 31.25 18.73 13.67
C GLY B 101 31.35 17.70 12.56
N PRO B 102 30.42 17.77 11.61
CA PRO B 102 30.43 16.81 10.51
C PRO B 102 31.60 17.06 9.55
N VAL B 103 32.17 15.97 9.05
CA VAL B 103 33.25 16.04 8.08
C VAL B 103 32.63 16.02 6.69
N TYR B 104 32.79 17.13 5.95
CA TYR B 104 32.18 17.23 4.62
C TYR B 104 33.22 17.01 3.54
N CYS B 105 33.08 15.95 2.76
CA CYS B 105 33.96 15.65 1.66
C CYS B 105 33.25 15.97 0.35
N PHE B 106 34.02 16.44 -0.62
CA PHE B 106 33.48 16.96 -1.87
C PHE B 106 33.94 16.06 -3.00
N THR B 107 32.97 15.33 -3.54
CA THR B 107 32.90 14.61 -4.81
C THR B 107 32.36 15.70 -5.75
N PRO B 108 31.53 15.44 -6.78
CA PRO B 108 30.81 16.59 -7.36
C PRO B 108 29.87 17.28 -6.39
N SER B 109 29.22 16.53 -5.50
CA SER B 109 28.27 17.10 -4.54
C SER B 109 28.80 16.91 -3.12
N PRO B 110 28.23 17.56 -2.11
CA PRO B 110 28.69 17.32 -0.74
C PRO B 110 28.24 15.96 -0.23
N VAL B 111 29.14 15.28 0.49
CA VAL B 111 28.85 13.99 1.09
C VAL B 111 29.58 13.93 2.43
N VAL B 112 28.91 13.46 3.47
CA VAL B 112 29.52 13.32 4.79
C VAL B 112 30.05 11.92 4.97
N VAL B 113 31.19 11.80 5.66
CA VAL B 113 31.80 10.51 5.95
C VAL B 113 32.24 10.51 7.41
N GLY B 114 31.29 10.70 8.31
CA GLY B 114 31.60 10.70 9.73
C GLY B 114 31.52 9.36 10.43
N THR B 115 31.23 8.28 9.70
CA THR B 115 30.92 7.00 10.34
C THR B 115 32.09 6.45 11.15
N THR B 116 33.33 6.71 10.71
CA THR B 116 34.52 6.14 11.34
C THR B 116 34.37 4.63 11.46
N ASP B 117 34.35 4.14 12.69
CA ASP B 117 34.09 2.75 13.00
C ASP B 117 33.29 2.63 14.29
N ARG B 118 32.98 3.74 14.92
CA ARG B 118 32.17 3.83 16.13
C ARG B 118 30.76 4.27 15.76
N LEU B 119 29.79 3.85 16.56
CA LEU B 119 28.38 4.16 16.35
C LEU B 119 27.92 5.17 17.39
N GLY B 120 26.74 5.72 17.16
CA GLY B 120 26.19 6.70 18.10
C GLY B 120 24.85 6.29 18.67
N ALA B 121 24.74 5.03 19.09
CA ALA B 121 23.53 4.52 19.72
C ALA B 121 23.78 4.28 21.20
N PRO B 122 23.35 5.19 22.08
CA PRO B 122 23.52 4.94 23.52
C PRO B 122 22.20 4.83 24.26
N THR B 123 22.20 4.23 25.46
CA THR B 123 20.95 3.94 26.19
C THR B 123 21.19 3.94 27.71
N TYR B 124 21.48 5.12 28.27
CA TYR B 124 21.59 5.29 29.72
C TYR B 124 22.53 4.24 30.33
N THR B 125 23.83 4.46 30.12
CA THR B 125 24.83 3.51 30.59
C THR B 125 26.10 4.27 30.97
N TRP B 126 26.85 3.70 31.90
CA TRP B 126 27.94 4.39 32.58
C TRP B 126 29.15 4.64 31.69
N GLY B 127 29.64 5.88 31.71
CA GLY B 127 30.91 6.25 31.13
C GLY B 127 30.89 6.55 29.64
N GLU B 128 32.05 7.03 29.18
CA GLU B 128 32.26 7.45 27.81
C GLU B 128 33.74 7.26 27.46
N ASN B 129 34.02 6.57 26.35
CA ASN B 129 35.38 6.49 25.82
C ASN B 129 35.29 6.57 24.30
N GLU B 130 35.77 7.68 23.73
CA GLU B 130 35.75 7.89 22.29
C GLU B 130 37.17 8.05 21.76
N THR B 131 37.56 7.20 20.82
CA THR B 131 38.82 7.33 20.10
C THR B 131 38.71 6.52 18.81
N ASP B 132 39.76 6.61 17.99
CA ASP B 132 39.92 5.90 16.71
C ASP B 132 39.04 6.55 15.64
N VAL B 133 39.58 6.63 14.42
CA VAL B 133 39.14 7.59 13.42
C VAL B 133 38.42 6.90 12.25
N PHE B 134 38.24 7.63 11.15
CA PHE B 134 37.74 7.19 9.85
C PHE B 134 38.89 7.30 8.86
N LEU B 135 38.61 6.93 7.61
CA LEU B 135 39.60 7.07 6.55
C LEU B 135 39.21 8.25 5.67
N LEU B 136 40.22 8.96 5.15
CA LEU B 136 39.98 10.08 4.27
C LEU B 136 40.84 10.02 3.00
N ASN B 137 41.61 8.95 2.81
CA ASN B 137 42.39 8.75 1.60
C ASN B 137 41.47 8.60 0.41
N SER B 138 41.46 9.59 -0.48
CA SER B 138 40.54 9.57 -1.61
C SER B 138 41.27 10.05 -2.87
N THR B 139 40.95 9.41 -3.99
CA THR B 139 41.46 9.81 -5.29
C THR B 139 40.37 10.54 -6.07
N ARG B 140 40.74 11.02 -7.26
CA ARG B 140 39.84 11.86 -8.05
C ARG B 140 38.53 11.11 -8.32
N PRO B 141 37.40 11.82 -8.29
CA PRO B 141 36.09 11.15 -8.38
C PRO B 141 35.93 10.32 -9.64
N PRO B 142 36.35 10.81 -10.83
CA PRO B 142 36.21 9.94 -12.02
C PRO B 142 36.84 8.58 -11.87
N LEU B 143 37.99 8.50 -11.20
CA LEU B 143 38.68 7.24 -10.97
C LEU B 143 38.52 6.74 -9.53
N GLY B 144 37.84 7.50 -8.67
CA GLY B 144 37.70 7.10 -7.29
C GLY B 144 36.42 7.56 -6.61
N SER B 145 36.55 8.41 -5.58
CA SER B 145 35.39 8.80 -4.78
C SER B 145 35.17 10.31 -4.82
N TRP B 146 36.06 11.12 -4.25
CA TRP B 146 35.81 12.54 -4.16
C TRP B 146 37.10 13.32 -4.32
N PHE B 147 36.95 14.63 -4.54
CA PHE B 147 38.12 15.50 -4.68
C PHE B 147 38.77 15.77 -3.33
N GLY B 148 38.04 16.37 -2.40
CA GLY B 148 38.69 16.76 -1.15
C GLY B 148 37.70 17.18 -0.09
N CYS B 149 38.15 17.06 1.15
CA CYS B 149 37.29 17.27 2.30
C CYS B 149 37.58 18.58 3.01
N THR B 150 36.68 18.92 3.91
CA THR B 150 36.75 20.12 4.73
C THR B 150 36.07 19.80 6.06
N TRP B 151 36.69 20.28 7.13
CA TRP B 151 36.24 20.05 8.50
C TRP B 151 36.65 21.27 9.32
N MET B 152 36.44 21.20 10.64
CA MET B 152 36.55 22.39 11.47
C MET B 152 37.70 22.20 12.46
N ASN B 153 37.43 22.30 13.77
CA ASN B 153 38.48 22.47 14.77
C ASN B 153 39.27 21.19 14.99
N SER B 154 40.56 21.23 14.65
CA SER B 154 41.58 20.75 15.58
C SER B 154 42.24 21.91 16.32
N SER B 155 42.36 23.06 15.65
CA SER B 155 42.92 24.28 16.22
C SER B 155 41.86 25.30 16.62
N GLY B 156 40.68 25.21 16.02
CA GLY B 156 39.61 26.19 16.18
C GLY B 156 39.25 26.88 14.88
N TYR B 157 40.00 26.59 13.82
CA TYR B 157 39.81 27.07 12.46
C TYR B 157 39.45 25.88 11.57
N THR B 158 39.24 26.15 10.29
CA THR B 158 38.83 25.14 9.33
C THR B 158 40.06 24.60 8.62
N LYS B 159 40.07 23.30 8.36
CA LYS B 159 41.15 22.65 7.64
C LYS B 159 40.57 21.89 6.45
N THR B 160 41.19 22.07 5.29
CA THR B 160 40.73 21.48 4.04
C THR B 160 41.72 20.44 3.57
N CYS B 161 41.21 19.41 2.90
CA CYS B 161 42.04 18.40 2.27
C CYS B 161 41.87 18.40 0.77
N GLY B 162 42.90 17.93 0.06
CA GLY B 162 42.86 17.86 -1.39
C GLY B 162 44.13 17.22 -1.90
N ALA B 163 44.10 16.88 -3.20
CA ALA B 163 45.28 16.32 -3.87
C ALA B 163 45.58 17.07 -5.18
N PRO B 164 45.73 18.39 -5.13
CA PRO B 164 45.91 19.15 -6.37
C PRO B 164 47.26 18.86 -7.00
N PRO B 165 47.28 18.50 -8.29
CA PRO B 165 48.56 18.27 -8.96
C PRO B 165 49.06 19.53 -9.65
N CYS B 166 49.49 19.39 -10.91
CA CYS B 166 49.96 20.51 -11.72
C CYS B 166 51.03 21.34 -11.02
N THR B 191 34.22 22.47 -17.80
CA THR B 191 34.99 23.01 -16.69
C THR B 191 36.27 22.21 -16.49
N THR B 192 37.39 22.92 -16.30
CA THR B 192 38.68 22.29 -16.07
C THR B 192 38.86 21.83 -14.62
N TYR B 193 37.82 21.96 -13.79
CA TYR B 193 37.90 21.56 -12.39
C TYR B 193 38.28 20.09 -12.24
N LEU B 194 37.89 19.24 -13.19
CA LEU B 194 38.24 17.83 -13.11
C LEU B 194 39.75 17.60 -13.25
N LYS B 195 40.46 18.51 -13.92
CA LYS B 195 41.89 18.31 -14.16
C LYS B 195 42.71 18.57 -12.91
N CYS B 196 42.57 19.75 -12.32
CA CYS B 196 43.43 20.17 -11.22
C CYS B 196 42.67 20.62 -9.97
N GLY B 197 41.34 20.63 -9.99
CA GLY B 197 40.59 21.08 -8.82
C GLY B 197 40.78 20.14 -7.65
N SER B 198 40.76 20.72 -6.45
CA SER B 198 41.06 19.95 -5.24
C SER B 198 39.97 20.06 -4.17
N GLY B 199 39.65 21.28 -3.76
CA GLY B 199 38.74 21.50 -2.66
C GLY B 199 37.33 21.84 -3.09
N PRO B 200 36.49 22.21 -2.13
CA PRO B 200 35.13 22.66 -2.47
C PRO B 200 35.10 23.90 -3.34
N TRP B 201 36.25 24.56 -3.55
CA TRP B 201 36.32 25.75 -4.39
C TRP B 201 36.35 25.31 -5.85
N LEU B 202 35.24 25.50 -6.56
CA LEU B 202 35.24 25.29 -8.01
C LEU B 202 36.06 26.37 -8.71
N THR B 203 35.88 27.61 -8.30
CA THR B 203 36.59 28.77 -8.82
C THR B 203 37.11 29.58 -7.63
N PRO B 204 38.03 30.51 -7.87
CA PRO B 204 38.47 31.38 -6.77
C PRO B 204 37.34 32.18 -6.13
N ARG B 205 36.33 32.56 -6.91
CA ARG B 205 35.23 33.38 -6.42
C ARG B 205 33.94 32.61 -6.18
N CYS B 206 33.95 31.29 -6.36
CA CYS B 206 32.74 30.50 -6.17
C CYS B 206 33.08 29.23 -5.39
N LEU B 207 32.07 28.72 -4.68
CA LEU B 207 32.24 27.51 -3.89
C LEU B 207 30.92 26.75 -3.81
N ILE B 208 31.04 25.46 -3.53
CA ILE B 208 29.87 24.56 -3.47
C ILE B 208 29.13 24.80 -2.16
N ASP B 209 27.84 25.12 -2.28
CA ASP B 209 27.02 25.37 -1.11
C ASP B 209 26.59 24.06 -0.47
N TYR B 210 26.77 23.98 0.85
CA TYR B 210 26.37 22.84 1.65
C TYR B 210 25.88 23.36 2.99
N PRO B 211 25.08 22.57 3.73
CA PRO B 211 24.41 23.11 4.93
C PRO B 211 25.33 23.81 5.92
N TYR B 212 26.62 23.49 5.94
CA TYR B 212 27.57 24.12 6.84
C TYR B 212 28.64 24.91 6.10
N ARG B 213 28.27 25.53 4.96
CA ARG B 213 29.22 26.33 4.21
C ARG B 213 29.58 27.61 4.97
N LEU B 214 28.56 28.30 5.48
CA LEU B 214 28.80 29.50 6.28
C LEU B 214 29.61 29.19 7.53
N TRP B 215 29.58 27.93 7.98
CA TRP B 215 30.35 27.51 9.14
C TRP B 215 31.84 27.46 8.83
N HIS B 216 32.20 26.74 7.78
CA HIS B 216 33.61 26.58 7.41
C HIS B 216 34.17 27.82 6.71
N TYR B 217 33.32 28.63 6.09
CA TYR B 217 33.76 29.83 5.37
C TYR B 217 32.85 30.98 5.76
N PRO B 218 33.09 31.59 6.92
CA PRO B 218 32.22 32.70 7.35
C PRO B 218 32.38 33.96 6.52
N CYS B 219 33.57 34.20 5.96
CA CYS B 219 33.80 35.40 5.16
C CYS B 219 32.96 35.43 3.89
N THR B 220 32.33 34.31 3.51
CA THR B 220 31.55 34.22 2.29
C THR B 220 30.04 34.40 2.55
N VAL B 221 29.68 35.11 3.62
CA VAL B 221 28.27 35.30 3.93
C VAL B 221 27.56 36.06 2.82
N ASN B 222 28.17 37.12 2.32
CA ASN B 222 27.54 37.99 1.32
C ASN B 222 27.54 37.37 -0.08
N TYR B 223 28.04 36.15 -0.24
CA TYR B 223 28.05 35.49 -1.53
C TYR B 223 26.62 35.18 -1.99
N THR B 224 26.38 35.35 -3.29
CA THR B 224 25.06 35.09 -3.87
C THR B 224 25.01 33.66 -4.39
N ILE B 225 23.88 33.00 -4.14
CA ILE B 225 23.73 31.57 -4.43
C ILE B 225 22.89 31.39 -5.68
N PHE B 226 23.18 30.30 -6.40
CA PHE B 226 22.38 29.91 -7.57
C PHE B 226 22.61 28.44 -7.85
N LYS B 227 21.72 27.87 -8.66
CA LYS B 227 21.71 26.43 -8.93
C LYS B 227 22.44 26.14 -10.23
N ILE B 228 23.35 25.17 -10.19
CA ILE B 228 24.09 24.75 -11.37
C ILE B 228 24.03 23.23 -11.46
N ARG B 229 24.50 22.72 -12.59
CA ARG B 229 24.56 21.28 -12.82
C ARG B 229 25.82 20.96 -13.60
N MET B 230 26.44 19.81 -13.29
CA MET B 230 27.68 19.41 -13.92
C MET B 230 27.63 17.91 -14.24
N TYR B 231 28.59 17.47 -15.04
CA TYR B 231 28.70 16.07 -15.45
C TYR B 231 30.09 15.55 -15.13
N VAL B 232 30.15 14.31 -14.65
CA VAL B 232 31.42 13.69 -14.28
C VAL B 232 31.43 12.22 -14.67
N GLY B 233 31.29 11.93 -15.96
CA GLY B 233 31.29 10.56 -16.41
C GLY B 233 29.91 9.93 -16.46
N GLY B 234 28.98 10.59 -17.14
CA GLY B 234 27.65 10.04 -17.34
C GLY B 234 26.71 10.17 -16.18
N VAL B 235 27.03 10.98 -15.17
CA VAL B 235 26.15 11.20 -14.02
C VAL B 235 25.96 12.69 -13.84
N GLU B 236 24.70 13.12 -13.80
CA GLU B 236 24.35 14.53 -13.64
C GLU B 236 24.34 14.88 -12.15
N HIS B 237 25.14 15.85 -11.76
CA HIS B 237 25.19 16.30 -10.38
C HIS B 237 24.62 17.71 -10.29
N ARG B 238 23.64 17.88 -9.41
CA ARG B 238 22.98 19.15 -9.18
C ARG B 238 23.59 19.81 -7.96
N LEU B 239 23.92 21.10 -8.08
CA LEU B 239 24.68 21.79 -7.04
C LEU B 239 24.06 23.15 -6.78
N THR B 240 24.20 23.62 -5.55
CA THR B 240 24.02 25.01 -5.21
C THR B 240 25.40 25.62 -5.02
N ALA B 241 25.65 26.76 -5.67
CA ALA B 241 26.97 27.37 -5.65
C ALA B 241 26.84 28.84 -5.30
N ALA B 242 27.79 29.33 -4.51
CA ALA B 242 27.83 30.72 -4.09
C ALA B 242 29.02 31.42 -4.73
N CYS B 243 28.77 32.63 -5.24
CA CYS B 243 29.78 33.40 -5.97
C CYS B 243 29.82 34.82 -5.41
N ASN B 244 30.93 35.51 -5.67
CA ASN B 244 31.13 36.86 -5.16
C ASN B 244 30.45 37.90 -6.05
N PHE B 245 30.93 38.05 -7.28
CA PHE B 245 30.34 38.98 -8.25
C PHE B 245 30.40 38.35 -9.65
N THR B 246 29.73 37.22 -9.80
CA THR B 246 29.82 36.43 -11.02
C THR B 246 28.44 36.05 -11.51
N ARG B 247 28.24 36.15 -12.82
CA ARG B 247 27.03 35.62 -13.44
C ARG B 247 27.11 34.10 -13.53
N GLY B 248 25.95 33.46 -13.57
CA GLY B 248 25.88 32.01 -13.57
C GLY B 248 26.64 31.36 -14.70
N ASP B 249 27.66 30.56 -14.35
CA ASP B 249 28.48 29.84 -15.31
C ASP B 249 29.11 30.79 -16.33
N GLU C 1 -20.88 -16.17 15.13
CA GLU C 1 -19.55 -15.59 15.29
C GLU C 1 -19.53 -14.14 14.81
N VAL C 2 -18.33 -13.60 14.61
CA VAL C 2 -18.14 -12.25 14.10
C VAL C 2 -17.16 -12.32 12.94
N GLN C 3 -17.30 -11.39 12.01
CA GLN C 3 -16.52 -11.43 10.77
C GLN C 3 -15.11 -10.91 11.01
N LEU C 4 -14.12 -11.72 10.65
CA LEU C 4 -12.72 -11.32 10.69
C LEU C 4 -12.07 -11.69 9.37
N GLN C 5 -11.29 -10.76 8.83
CA GLN C 5 -10.65 -10.93 7.52
C GLN C 5 -9.13 -10.79 7.70
N GLN C 6 -8.39 -11.81 7.28
CA GLN C 6 -6.94 -11.77 7.39
C GLN C 6 -6.31 -11.47 6.04
N SER C 7 -5.03 -11.12 6.07
CA SER C 7 -4.31 -10.80 4.84
C SER C 7 -4.00 -12.08 4.07
N GLY C 8 -3.54 -11.89 2.83
CA GLY C 8 -3.24 -13.01 1.97
C GLY C 8 -2.03 -13.78 2.44
N ALA C 9 -1.87 -14.98 1.86
CA ALA C 9 -0.73 -15.81 2.19
C ALA C 9 0.56 -15.12 1.79
N GLU C 10 1.56 -15.21 2.66
CA GLU C 10 2.81 -14.46 2.49
C GLU C 10 3.98 -15.42 2.36
N LEU C 11 4.82 -15.18 1.36
CA LEU C 11 6.11 -15.85 1.24
C LEU C 11 7.19 -14.89 1.72
N VAL C 12 7.93 -15.29 2.75
CA VAL C 12 8.94 -14.46 3.37
C VAL C 12 10.28 -15.15 3.22
N LYS C 13 11.32 -14.36 2.93
CA LYS C 13 12.66 -14.91 2.85
C LYS C 13 13.17 -15.24 4.26
N PRO C 14 13.98 -16.28 4.39
CA PRO C 14 14.47 -16.66 5.72
C PRO C 14 15.36 -15.58 6.32
N GLY C 15 14.89 -15.00 7.44
CA GLY C 15 15.57 -13.93 8.12
C GLY C 15 14.89 -12.59 8.02
N ALA C 16 13.84 -12.46 7.23
CA ALA C 16 13.14 -11.20 7.07
C ALA C 16 12.00 -11.12 8.08
N SER C 17 11.14 -10.10 7.94
CA SER C 17 10.01 -9.89 8.83
C SER C 17 8.74 -9.74 8.00
N VAL C 18 7.60 -10.00 8.64
CA VAL C 18 6.32 -9.91 7.97
C VAL C 18 5.26 -9.46 8.97
N LYS C 19 4.35 -8.59 8.53
CA LYS C 19 3.29 -8.06 9.37
C LYS C 19 1.95 -8.55 8.81
N LEU C 20 1.27 -9.39 9.58
CA LEU C 20 -0.04 -9.91 9.20
C LEU C 20 -1.13 -9.08 9.86
N SER C 21 -2.27 -8.99 9.18
CA SER C 21 -3.38 -8.15 9.60
C SER C 21 -4.62 -9.00 9.89
N CYS C 22 -5.54 -8.41 10.66
CA CYS C 22 -6.80 -9.05 11.01
C CYS C 22 -7.83 -7.95 11.22
N THR C 23 -8.69 -7.75 10.22
CA THR C 23 -9.69 -6.70 10.23
C THR C 23 -11.02 -7.23 10.74
N ALA C 24 -11.63 -6.51 11.67
CA ALA C 24 -12.93 -6.88 12.22
C ALA C 24 -14.05 -6.19 11.47
N SER C 25 -15.20 -6.87 11.39
CA SER C 25 -16.36 -6.33 10.70
C SER C 25 -17.61 -6.58 11.53
N GLY C 26 -18.44 -5.55 11.66
CA GLY C 26 -19.71 -5.67 12.36
C GLY C 26 -19.66 -5.36 13.84
N PHE C 27 -18.49 -5.06 14.39
CA PHE C 27 -18.36 -4.79 15.81
C PHE C 27 -17.08 -3.98 16.03
N ASN C 28 -16.82 -3.63 17.28
CA ASN C 28 -15.63 -2.87 17.66
C ASN C 28 -14.67 -3.78 18.43
N ILE C 29 -13.40 -3.76 18.03
CA ILE C 29 -12.39 -4.60 18.67
C ILE C 29 -12.15 -4.20 20.12
N LYS C 30 -12.58 -2.99 20.52
CA LYS C 30 -12.41 -2.54 21.89
C LYS C 30 -13.21 -3.38 22.88
N ASP C 31 -14.20 -4.13 22.40
CA ASP C 31 -15.07 -4.91 23.26
C ASP C 31 -14.67 -6.38 23.37
N THR C 32 -13.55 -6.77 22.75
CA THR C 32 -13.12 -8.16 22.78
C THR C 32 -11.60 -8.24 22.87
N TYR C 33 -11.11 -9.33 23.45
CA TYR C 33 -9.68 -9.65 23.40
C TYR C 33 -9.35 -10.30 22.07
N ILE C 34 -8.26 -9.85 21.45
CA ILE C 34 -7.82 -10.37 20.16
C ILE C 34 -6.65 -11.31 20.39
N HIS C 35 -6.82 -12.58 20.05
CA HIS C 35 -5.80 -13.60 20.22
C HIS C 35 -5.21 -13.99 18.88
N TRP C 36 -3.93 -14.36 18.90
CA TRP C 36 -3.24 -14.91 17.74
C TRP C 36 -2.73 -16.30 18.09
N VAL C 37 -2.99 -17.26 17.20
CA VAL C 37 -2.64 -18.66 17.40
C VAL C 37 -2.03 -19.20 16.12
N ASN C 38 -0.90 -19.88 16.23
CA ASN C 38 -0.25 -20.49 15.07
C ASN C 38 -0.50 -21.98 15.04
N GLN C 39 -0.59 -22.52 13.82
CA GLN C 39 -0.73 -23.95 13.58
C GLN C 39 0.30 -24.36 12.53
N ARG C 40 1.26 -25.19 12.93
CA ARG C 40 2.27 -25.68 12.02
C ARG C 40 1.76 -26.90 11.25
N PRO C 41 2.32 -27.18 10.08
CA PRO C 41 1.84 -28.31 9.27
C PRO C 41 1.91 -29.63 10.05
N GLU C 42 0.76 -30.30 10.12
CA GLU C 42 0.62 -31.56 10.87
C GLU C 42 1.03 -31.38 12.33
N GLN C 43 0.61 -30.26 12.92
CA GLN C 43 0.91 -29.96 14.31
C GLN C 43 -0.33 -29.39 14.98
N GLY C 44 -0.32 -29.41 16.30
CA GLY C 44 -1.42 -28.88 17.07
C GLY C 44 -1.45 -27.36 17.07
N LEU C 45 -2.55 -26.82 17.57
CA LEU C 45 -2.67 -25.39 17.73
C LEU C 45 -1.80 -24.89 18.87
N GLU C 46 -1.11 -23.77 18.65
CA GLU C 46 -0.19 -23.22 19.63
C GLU C 46 -0.51 -21.74 19.81
N TRP C 47 -0.91 -21.37 21.02
CA TRP C 47 -1.34 -20.01 21.31
C TRP C 47 -0.13 -19.07 21.29
N ILE C 48 -0.14 -18.12 20.35
CA ILE C 48 0.92 -17.12 20.29
C ILE C 48 0.72 -16.07 21.37
N GLY C 49 -0.37 -15.32 21.29
CA GLY C 49 -0.54 -14.24 22.25
C GLY C 49 -1.93 -13.66 22.21
N ARG C 50 -2.11 -12.60 23.00
CA ARG C 50 -3.38 -11.90 23.07
C ARG C 50 -3.13 -10.41 23.30
N ILE C 51 -4.15 -9.61 22.98
CA ILE C 51 -4.09 -8.17 23.15
C ILE C 51 -5.46 -7.66 23.55
N ASP C 52 -5.48 -6.61 24.38
CA ASP C 52 -6.70 -5.88 24.71
C ASP C 52 -6.68 -4.55 23.98
N PRO C 53 -7.45 -4.39 22.90
CA PRO C 53 -7.41 -3.11 22.16
C PRO C 53 -7.94 -1.92 22.95
N ALA C 54 -8.63 -2.15 24.07
CA ALA C 54 -9.14 -1.02 24.85
C ALA C 54 -8.02 -0.24 25.53
N ASN C 55 -6.96 -0.94 25.95
CA ASN C 55 -5.83 -0.29 26.61
C ASN C 55 -4.49 -0.55 25.96
N GLY C 56 -4.40 -1.48 25.01
CA GLY C 56 -3.14 -1.82 24.39
C GLY C 56 -2.29 -2.83 25.14
N HIS C 57 -2.82 -3.41 26.22
CA HIS C 57 -2.05 -4.38 26.99
C HIS C 57 -1.97 -5.70 26.24
N THR C 58 -0.74 -6.18 26.05
CA THR C 58 -0.48 -7.42 25.35
C THR C 58 -0.05 -8.50 26.34
N GLN C 59 -0.12 -9.74 25.90
CA GLN C 59 0.32 -10.88 26.72
C GLN C 59 0.74 -12.00 25.77
N TYR C 60 2.02 -12.32 25.77
CA TYR C 60 2.59 -13.29 24.84
C TYR C 60 2.90 -14.60 25.56
N ASP C 61 3.20 -15.61 24.75
CA ASP C 61 3.68 -16.92 25.15
C ASP C 61 5.20 -16.89 25.32
N PRO C 62 5.70 -17.49 26.39
CA PRO C 62 7.16 -17.52 26.61
C PRO C 62 7.98 -17.92 25.40
N LYS C 63 7.45 -18.76 24.52
CA LYS C 63 8.20 -19.19 23.35
C LYS C 63 8.17 -18.19 22.21
N PHE C 64 7.19 -17.29 22.18
CA PHE C 64 7.06 -16.32 21.09
C PHE C 64 7.48 -14.91 21.50
N GLN C 65 7.99 -14.72 22.71
CA GLN C 65 8.42 -13.40 23.14
C GLN C 65 9.69 -12.99 22.42
N GLY C 66 9.70 -11.77 21.87
CA GLY C 66 10.81 -11.23 21.12
C GLY C 66 10.66 -11.35 19.62
N LYS C 67 9.95 -12.36 19.14
CA LYS C 67 9.69 -12.55 17.73
C LYS C 67 8.31 -12.04 17.33
N ALA C 68 7.28 -12.39 18.09
CA ALA C 68 5.92 -11.98 17.80
C ALA C 68 5.61 -10.67 18.53
N THR C 69 4.91 -9.78 17.84
CA THR C 69 4.52 -8.48 18.40
C THR C 69 3.10 -8.18 17.97
N ILE C 70 2.18 -8.09 18.93
CA ILE C 70 0.78 -7.85 18.65
C ILE C 70 0.45 -6.39 18.91
N THR C 71 -0.20 -5.76 17.94
CA THR C 71 -0.68 -4.39 18.07
C THR C 71 -2.14 -4.32 17.62
N ALA C 72 -2.80 -3.23 17.98
CA ALA C 72 -4.21 -3.06 17.62
C ALA C 72 -4.49 -1.58 17.35
N ASP C 73 -5.11 -1.32 16.20
CA ASP C 73 -5.56 0.02 15.82
C ASP C 73 -7.07 0.08 15.94
N THR C 74 -7.56 0.96 16.81
CA THR C 74 -8.99 1.05 17.06
C THR C 74 -9.71 1.92 16.04
N SER C 75 -9.02 2.88 15.44
CA SER C 75 -9.65 3.72 14.42
C SER C 75 -9.95 2.92 13.16
N SER C 76 -9.12 1.94 12.83
CA SER C 76 -9.33 1.08 11.68
C SER C 76 -9.93 -0.27 12.05
N ASN C 77 -10.11 -0.54 13.34
CA ASN C 77 -10.67 -1.81 13.82
C ASN C 77 -9.85 -3.00 13.33
N THR C 78 -8.53 -2.92 13.54
CA THR C 78 -7.62 -3.93 13.01
C THR C 78 -6.64 -4.38 14.09
N ALA C 79 -6.18 -5.62 13.95
CA ALA C 79 -5.12 -6.17 14.77
C ALA C 79 -3.96 -6.57 13.86
N TYR C 80 -2.75 -6.52 14.40
CA TYR C 80 -1.55 -6.77 13.61
C TYR C 80 -0.60 -7.68 14.39
N LEU C 81 -0.08 -8.71 13.71
CA LEU C 81 0.93 -9.59 14.27
C LEU C 81 2.20 -9.42 13.46
N GLN C 82 3.24 -8.87 14.08
CA GLN C 82 4.54 -8.68 13.46
C GLN C 82 5.45 -9.84 13.85
N LEU C 83 6.03 -10.49 12.85
CA LEU C 83 6.99 -11.57 13.04
C LEU C 83 8.34 -11.13 12.50
N SER C 84 9.36 -11.20 13.35
CA SER C 84 10.69 -10.72 13.02
C SER C 84 11.67 -11.90 12.94
N SER C 85 12.53 -11.88 11.93
CA SER C 85 13.57 -12.88 11.73
C SER C 85 12.98 -14.29 11.77
N LEU C 86 12.21 -14.58 10.73
CA LEU C 86 11.55 -15.87 10.62
C LEU C 86 12.52 -16.94 10.14
N THR C 87 12.21 -18.19 10.47
CA THR C 87 12.98 -19.35 10.04
C THR C 87 12.04 -20.38 9.45
N SER C 88 12.59 -21.53 9.07
CA SER C 88 11.77 -22.60 8.49
C SER C 88 10.77 -23.14 9.50
N GLU C 89 11.08 -23.04 10.80
CA GLU C 89 10.15 -23.50 11.83
C GLU C 89 8.94 -22.59 11.98
N ASP C 90 8.96 -21.40 11.37
CA ASP C 90 7.85 -20.46 11.48
C ASP C 90 6.83 -20.63 10.35
N THR C 91 7.13 -21.46 9.35
CA THR C 91 6.19 -21.75 8.28
C THR C 91 4.91 -22.34 8.86
N ALA C 92 3.82 -21.59 8.87
CA ALA C 92 2.62 -22.06 9.55
C ALA C 92 1.43 -21.20 9.14
N VAL C 93 0.26 -21.58 9.62
CA VAL C 93 -0.97 -20.82 9.42
C VAL C 93 -1.26 -20.05 10.69
N TYR C 94 -1.38 -18.74 10.57
CA TYR C 94 -1.63 -17.86 11.71
C TYR C 94 -3.10 -17.45 11.69
N TYR C 95 -3.83 -17.81 12.74
CA TYR C 95 -5.23 -17.47 12.90
C TYR C 95 -5.37 -16.36 13.94
N CYS C 96 -6.30 -15.45 13.70
CA CYS C 96 -6.68 -14.42 14.66
C CYS C 96 -8.09 -14.73 15.14
N ALA C 97 -8.29 -14.69 16.46
CA ALA C 97 -9.55 -15.06 17.06
C ALA C 97 -9.97 -13.99 18.06
N THR C 98 -11.26 -14.00 18.40
CA THR C 98 -11.82 -13.11 19.39
C THR C 98 -12.25 -13.89 20.62
N SER C 99 -12.15 -13.23 21.78
CA SER C 99 -12.56 -13.85 23.03
C SER C 99 -13.16 -12.81 23.95
N ASP C 100 -14.03 -13.26 24.85
CA ASP C 100 -14.63 -12.37 25.84
C ASP C 100 -13.91 -12.52 27.18
N TYR C 101 -14.65 -12.38 28.28
CA TYR C 101 -14.04 -12.52 29.60
C TYR C 101 -13.54 -13.93 29.85
N SER C 102 -14.12 -14.93 29.18
CA SER C 102 -13.75 -16.33 29.40
C SER C 102 -12.49 -16.74 28.67
N TYR C 103 -11.93 -15.87 27.83
CA TYR C 103 -10.73 -16.16 27.03
C TYR C 103 -10.92 -17.38 26.13
N ALA C 104 -12.17 -17.73 25.83
CA ALA C 104 -12.47 -18.81 24.90
C ALA C 104 -12.56 -18.25 23.50
N LEU C 105 -11.78 -18.83 22.58
CA LEU C 105 -11.72 -18.35 21.20
C LEU C 105 -12.98 -18.80 20.48
N ASP C 106 -13.96 -17.90 20.38
CA ASP C 106 -15.25 -18.22 19.80
C ASP C 106 -15.26 -18.01 18.29
N SER C 107 -14.78 -16.86 17.83
CA SER C 107 -14.77 -16.52 16.42
C SER C 107 -13.33 -16.50 15.93
N TRP C 108 -13.10 -17.10 14.77
CA TRP C 108 -11.78 -17.22 14.18
C TRP C 108 -11.77 -16.56 12.80
N GLY C 109 -10.56 -16.42 12.25
CA GLY C 109 -10.38 -15.93 10.91
C GLY C 109 -10.08 -17.07 9.93
N GLN C 110 -9.99 -16.69 8.65
CA GLN C 110 -9.71 -17.69 7.62
C GLN C 110 -8.29 -18.22 7.71
N GLY C 111 -7.39 -17.51 8.37
CA GLY C 111 -6.02 -17.95 8.50
C GLY C 111 -5.10 -17.39 7.44
N THR C 112 -3.86 -17.11 7.81
CA THR C 112 -2.86 -16.58 6.90
C THR C 112 -1.69 -17.56 6.85
N SER C 113 -1.43 -18.11 5.67
CA SER C 113 -0.35 -19.07 5.49
C SER C 113 0.95 -18.32 5.22
N VAL C 114 1.90 -18.44 6.14
CA VAL C 114 3.21 -17.81 6.02
C VAL C 114 4.22 -18.90 5.72
N THR C 115 4.84 -18.82 4.55
CA THR C 115 5.84 -19.77 4.08
C THR C 115 7.19 -19.07 4.07
N VAL C 116 8.15 -19.62 4.82
CA VAL C 116 9.49 -19.07 4.94
C VAL C 116 10.42 -19.97 4.15
N SER C 117 10.83 -19.51 2.97
CA SER C 117 11.71 -20.30 2.10
C SER C 117 12.47 -19.35 1.20
N SER C 118 13.59 -19.86 0.67
CA SER C 118 14.43 -19.11 -0.25
C SER C 118 14.13 -19.37 -1.71
N ALA C 119 13.24 -20.31 -2.01
CA ALA C 119 12.95 -20.65 -3.40
C ALA C 119 12.27 -19.49 -4.12
N LYS C 120 12.53 -19.39 -5.41
CA LYS C 120 12.01 -18.32 -6.25
C LYS C 120 10.56 -18.60 -6.64
N THR C 121 9.79 -17.52 -6.80
CA THR C 121 8.40 -17.64 -7.24
C THR C 121 8.37 -18.08 -8.69
N THR C 122 7.79 -19.26 -8.95
CA THR C 122 7.75 -19.87 -10.27
C THR C 122 6.31 -19.99 -10.76
N ALA C 123 6.09 -19.60 -12.01
CA ALA C 123 4.76 -19.74 -12.60
C ALA C 123 4.45 -21.21 -12.88
N PRO C 124 3.20 -21.62 -12.75
CA PRO C 124 2.84 -23.03 -12.93
C PRO C 124 2.75 -23.43 -14.39
N SER C 125 2.64 -24.75 -14.59
CA SER C 125 2.40 -25.35 -15.90
C SER C 125 1.14 -26.20 -15.80
N VAL C 126 0.12 -25.84 -16.56
CA VAL C 126 -1.19 -26.48 -16.49
C VAL C 126 -1.35 -27.39 -17.70
N TYR C 127 -1.42 -28.70 -17.46
CA TYR C 127 -1.60 -29.69 -18.51
C TYR C 127 -2.94 -30.38 -18.35
N PRO C 128 -3.75 -30.42 -19.40
CA PRO C 128 -5.00 -31.19 -19.34
C PRO C 128 -4.73 -32.69 -19.48
N LEU C 129 -5.67 -33.48 -18.96
CA LEU C 129 -5.55 -34.93 -18.96
C LEU C 129 -6.87 -35.53 -19.42
N ALA C 130 -6.85 -36.05 -20.64
CA ALA C 130 -7.98 -36.73 -21.25
C ALA C 130 -7.74 -38.24 -21.21
N PRO C 131 -8.79 -39.05 -21.27
CA PRO C 131 -8.59 -40.50 -21.18
C PRO C 131 -7.77 -41.02 -22.35
N VAL C 132 -7.25 -42.24 -22.17
CA VAL C 132 -6.45 -42.88 -23.20
C VAL C 132 -7.36 -43.37 -24.32
N CYS C 133 -6.86 -43.27 -25.56
CA CYS C 133 -7.64 -43.71 -26.71
C CYS C 133 -7.85 -45.22 -26.64
N GLY C 134 -9.04 -45.66 -27.04
CA GLY C 134 -9.34 -47.07 -26.98
C GLY C 134 -9.96 -47.54 -25.69
N ASP C 135 -10.39 -46.61 -24.83
CA ASP C 135 -10.90 -46.95 -23.50
C ASP C 135 -12.40 -47.18 -23.56
N THR C 136 -12.82 -48.36 -23.09
CA THR C 136 -14.23 -48.71 -23.00
C THR C 136 -14.97 -47.78 -22.06
N THR C 137 -15.94 -47.05 -22.60
CA THR C 137 -16.73 -46.11 -21.83
C THR C 137 -17.90 -46.81 -21.14
N GLY C 138 -18.37 -46.21 -20.05
CA GLY C 138 -19.46 -46.78 -19.29
C GLY C 138 -20.29 -45.77 -18.50
N SER C 139 -20.73 -44.72 -19.17
CA SER C 139 -21.51 -43.63 -18.54
C SER C 139 -20.78 -43.03 -17.35
N SER C 140 -19.45 -43.01 -17.39
CA SER C 140 -18.66 -42.38 -16.34
C SER C 140 -17.29 -42.04 -16.93
N VAL C 141 -17.02 -40.75 -17.10
CA VAL C 141 -15.77 -40.28 -17.69
C VAL C 141 -15.03 -39.42 -16.67
N THR C 142 -13.73 -39.69 -16.52
CA THR C 142 -12.89 -38.97 -15.58
C THR C 142 -11.84 -38.17 -16.34
N LEU C 143 -11.75 -36.89 -16.02
CA LEU C 143 -10.78 -35.98 -16.61
C LEU C 143 -9.84 -35.49 -15.52
N GLY C 144 -8.66 -35.03 -15.93
CA GLY C 144 -7.65 -34.60 -14.99
C GLY C 144 -7.04 -33.27 -15.39
N CYS C 145 -6.46 -32.62 -14.39
CA CYS C 145 -5.77 -31.35 -14.59
C CYS C 145 -4.51 -31.37 -13.72
N LEU C 146 -3.34 -31.25 -14.36
CA LEU C 146 -2.06 -31.35 -13.67
C LEU C 146 -1.40 -29.99 -13.65
N VAL C 147 -1.26 -29.40 -12.47
CA VAL C 147 -0.61 -28.11 -12.28
C VAL C 147 0.76 -28.41 -11.67
N LYS C 148 1.79 -28.43 -12.49
CA LYS C 148 3.11 -28.84 -12.06
C LYS C 148 4.09 -27.67 -12.09
N GLY C 149 5.07 -27.71 -11.20
CA GLY C 149 6.19 -26.79 -11.26
C GLY C 149 5.84 -25.35 -10.94
N TYR C 150 5.33 -25.11 -9.73
CA TYR C 150 5.02 -23.77 -9.29
C TYR C 150 5.45 -23.57 -7.84
N PHE C 151 5.55 -22.31 -7.44
CA PHE C 151 5.93 -21.92 -6.09
C PHE C 151 5.62 -20.44 -5.90
N PRO C 152 5.06 -20.05 -4.75
CA PRO C 152 4.63 -20.93 -3.68
C PRO C 152 3.13 -21.19 -3.68
N GLU C 153 2.65 -21.78 -2.58
CA GLU C 153 1.21 -21.94 -2.39
C GLU C 153 0.57 -20.58 -2.16
N PRO C 154 -0.75 -20.45 -2.42
CA PRO C 154 -1.65 -21.48 -2.94
C PRO C 154 -2.01 -21.31 -4.42
N VAL C 155 -2.75 -22.28 -4.94
CA VAL C 155 -3.34 -22.19 -6.27
C VAL C 155 -4.82 -22.53 -6.15
N THR C 156 -5.65 -21.84 -6.92
CA THR C 156 -7.09 -22.08 -6.94
C THR C 156 -7.44 -22.80 -8.24
N LEU C 157 -7.96 -24.02 -8.10
CA LEU C 157 -8.34 -24.84 -9.25
C LEU C 157 -9.85 -25.05 -9.23
N THR C 158 -10.51 -24.64 -10.31
CA THR C 158 -11.93 -24.82 -10.48
C THR C 158 -12.20 -25.46 -11.83
N TRP C 159 -13.44 -25.93 -12.01
CA TRP C 159 -13.88 -26.53 -13.27
C TRP C 159 -15.06 -25.74 -13.79
N ASN C 160 -14.89 -25.15 -14.98
CA ASN C 160 -15.93 -24.33 -15.60
C ASN C 160 -16.33 -23.16 -14.70
N SER C 161 -15.33 -22.39 -14.27
CA SER C 161 -15.53 -21.22 -13.41
C SER C 161 -16.25 -21.58 -12.12
N GLY C 162 -16.01 -22.79 -11.61
CA GLY C 162 -16.62 -23.24 -10.38
C GLY C 162 -18.04 -23.74 -10.51
N SER C 163 -18.62 -23.70 -11.72
CA SER C 163 -19.98 -24.19 -11.91
C SER C 163 -20.05 -25.72 -11.83
N LEU C 164 -18.94 -26.41 -12.08
CA LEU C 164 -18.86 -27.86 -11.95
C LEU C 164 -18.29 -28.17 -10.56
N SER C 165 -19.20 -28.43 -9.61
CA SER C 165 -18.82 -28.62 -8.21
C SER C 165 -18.76 -30.10 -7.81
N SER C 166 -19.84 -30.84 -8.03
CA SER C 166 -19.87 -32.24 -7.62
C SER C 166 -18.90 -33.07 -8.44
N GLY C 167 -18.54 -34.24 -7.90
CA GLY C 167 -17.64 -35.15 -8.57
C GLY C 167 -16.22 -34.65 -8.75
N VAL C 168 -15.83 -33.59 -8.05
CA VAL C 168 -14.49 -33.01 -8.18
C VAL C 168 -13.67 -33.40 -6.96
N HIS C 169 -12.45 -33.88 -7.21
CA HIS C 169 -11.49 -34.20 -6.15
C HIS C 169 -10.20 -33.45 -6.45
N THR C 170 -9.94 -32.39 -5.69
CA THR C 170 -8.74 -31.59 -5.83
C THR C 170 -7.71 -32.04 -4.79
N PHE C 171 -6.60 -32.60 -5.26
CA PHE C 171 -5.60 -33.18 -4.37
C PHE C 171 -4.67 -32.10 -3.81
N PRO C 172 -4.24 -32.24 -2.56
CA PRO C 172 -3.34 -31.25 -1.97
C PRO C 172 -1.98 -31.23 -2.66
N ALA C 173 -1.33 -30.07 -2.59
CA ALA C 173 -0.04 -29.89 -3.24
C ALA C 173 1.06 -30.65 -2.52
N VAL C 174 2.06 -31.09 -3.29
CA VAL C 174 3.22 -31.78 -2.75
C VAL C 174 4.48 -31.04 -3.20
N LEU C 175 5.46 -30.96 -2.31
CA LEU C 175 6.70 -30.24 -2.54
C LEU C 175 7.79 -31.18 -3.04
N GLN C 176 8.38 -30.85 -4.19
CA GLN C 176 9.49 -31.63 -4.74
C GLN C 176 10.79 -30.86 -4.55
N SER C 177 11.44 -30.49 -5.65
CA SER C 177 12.67 -29.71 -5.58
C SER C 177 12.32 -28.22 -5.52
N ASP C 178 11.76 -27.84 -4.38
CA ASP C 178 11.32 -26.47 -4.12
C ASP C 178 10.27 -26.02 -5.14
N LEU C 179 9.47 -26.97 -5.61
CA LEU C 179 8.44 -26.71 -6.61
C LEU C 179 7.23 -27.58 -6.29
N TYR C 180 6.05 -26.98 -6.40
CA TYR C 180 4.82 -27.66 -6.03
C TYR C 180 4.20 -28.37 -7.23
N THR C 181 3.56 -29.50 -6.94
CA THR C 181 2.86 -30.29 -7.95
C THR C 181 1.49 -30.64 -7.41
N LEU C 182 0.45 -30.36 -8.20
CA LEU C 182 -0.93 -30.59 -7.81
C LEU C 182 -1.67 -31.27 -8.95
N SER C 183 -2.67 -32.06 -8.60
CA SER C 183 -3.51 -32.73 -9.58
C SER C 183 -4.96 -32.63 -9.13
N SER C 184 -5.87 -32.61 -10.11
CA SER C 184 -7.29 -32.54 -9.84
C SER C 184 -8.02 -33.50 -10.77
N SER C 185 -9.06 -34.14 -10.26
CA SER C 185 -9.87 -35.10 -11.00
C SER C 185 -11.32 -34.64 -11.01
N VAL C 186 -11.98 -34.77 -12.16
CA VAL C 186 -13.41 -34.49 -12.29
C VAL C 186 -14.06 -35.65 -13.02
N THR C 187 -15.02 -36.31 -12.36
CA THR C 187 -15.63 -37.52 -12.88
C THR C 187 -17.11 -37.24 -13.16
N VAL C 188 -17.42 -36.93 -14.41
CA VAL C 188 -18.81 -36.70 -14.82
C VAL C 188 -19.32 -37.95 -15.51
N THR C 189 -20.47 -37.84 -16.18
CA THR C 189 -21.02 -38.95 -16.94
C THR C 189 -20.51 -38.90 -18.38
N SER C 190 -20.26 -40.07 -18.95
CA SER C 190 -19.64 -40.18 -20.27
C SER C 190 -20.51 -39.61 -21.38
N SER C 191 -21.69 -39.11 -21.03
CA SER C 191 -22.59 -38.58 -22.05
C SER C 191 -22.53 -37.07 -22.18
N THR C 192 -21.79 -36.37 -21.29
CA THR C 192 -21.77 -34.92 -21.34
C THR C 192 -20.38 -34.30 -21.52
N TRP C 193 -19.30 -35.07 -21.37
CA TRP C 193 -17.97 -34.46 -21.53
C TRP C 193 -17.70 -33.99 -22.95
N PRO C 194 -17.81 -34.84 -23.99
CA PRO C 194 -17.54 -34.33 -25.34
C PRO C 194 -18.60 -33.37 -25.84
N SER C 195 -19.85 -33.52 -25.40
CA SER C 195 -20.91 -32.62 -25.81
C SER C 195 -20.73 -31.24 -25.20
N GLN C 196 -20.64 -31.18 -23.87
CA GLN C 196 -20.51 -29.94 -23.13
C GLN C 196 -19.05 -29.77 -22.71
N SER C 197 -18.43 -28.69 -23.16
CA SER C 197 -17.00 -28.48 -22.91
C SER C 197 -16.74 -28.28 -21.41
N ILE C 198 -15.66 -28.88 -20.94
CA ILE C 198 -15.20 -28.75 -19.55
C ILE C 198 -13.81 -28.13 -19.55
N THR C 199 -13.62 -27.10 -18.74
CA THR C 199 -12.39 -26.35 -18.70
C THR C 199 -11.83 -26.30 -17.28
N CYS C 200 -10.51 -26.37 -17.16
CA CYS C 200 -9.81 -26.30 -15.89
C CYS C 200 -9.24 -24.90 -15.72
N ASN C 201 -9.69 -24.19 -14.68
CA ASN C 201 -9.26 -22.83 -14.39
C ASN C 201 -8.30 -22.86 -13.21
N VAL C 202 -7.07 -22.41 -13.43
CA VAL C 202 -6.02 -22.41 -12.43
C VAL C 202 -5.58 -20.96 -12.20
N ALA C 203 -5.52 -20.57 -10.92
CA ALA C 203 -5.10 -19.22 -10.53
C ALA C 203 -3.94 -19.33 -9.55
N HIS C 204 -2.83 -18.66 -9.88
CA HIS C 204 -1.64 -18.57 -9.02
C HIS C 204 -1.36 -17.08 -8.81
N PRO C 205 -1.91 -16.48 -7.75
CA PRO C 205 -1.79 -15.02 -7.57
C PRO C 205 -0.38 -14.56 -7.23
N ALA C 206 0.51 -15.46 -6.80
CA ALA C 206 1.87 -15.05 -6.47
C ALA C 206 2.63 -14.58 -7.71
N SER C 207 2.36 -15.18 -8.86
CA SER C 207 2.97 -14.77 -10.12
C SER C 207 1.96 -14.20 -11.10
N SER C 208 0.76 -13.85 -10.62
CA SER C 208 -0.31 -13.30 -11.45
C SER C 208 -0.61 -14.22 -12.64
N THR C 209 -0.76 -15.50 -12.36
CA THR C 209 -1.03 -16.50 -13.39
C THR C 209 -2.51 -16.87 -13.38
N LYS C 210 -3.12 -16.86 -14.56
CA LYS C 210 -4.53 -17.24 -14.72
C LYS C 210 -4.63 -18.05 -16.01
N VAL C 211 -4.79 -19.36 -15.89
CA VAL C 211 -4.74 -20.28 -17.04
C VAL C 211 -6.06 -21.03 -17.12
N ASP C 212 -6.72 -20.95 -18.26
CA ASP C 212 -7.94 -21.72 -18.53
C ASP C 212 -7.67 -22.72 -19.65
N LYS C 213 -7.49 -23.98 -19.28
CA LYS C 213 -7.17 -25.05 -20.23
C LYS C 213 -8.41 -25.90 -20.49
N LYS C 214 -8.85 -25.94 -21.74
CA LYS C 214 -9.99 -26.76 -22.14
C LYS C 214 -9.54 -28.19 -22.42
N ILE C 215 -10.15 -29.16 -21.74
CA ILE C 215 -9.85 -30.56 -22.02
C ILE C 215 -10.39 -30.95 -23.38
N GLU C 216 -9.60 -31.71 -24.13
CA GLU C 216 -9.98 -32.21 -25.44
C GLU C 216 -9.57 -33.68 -25.54
N PRO C 217 -10.36 -34.50 -26.23
CA PRO C 217 -10.04 -35.94 -26.33
C PRO C 217 -8.75 -36.20 -27.11
N ARG C 218 -8.50 -37.47 -27.41
CA ARG C 218 -7.27 -37.92 -28.07
C ARG C 218 -6.05 -37.57 -27.22
N ASP D 1 3.81 -25.08 31.94
CA ASP D 1 2.58 -25.02 31.16
C ASP D 1 1.67 -26.20 31.49
N ILE D 2 0.37 -26.01 31.31
CA ILE D 2 -0.59 -27.10 31.50
C ILE D 2 -0.47 -28.03 30.30
N VAL D 3 -0.17 -29.29 30.56
CA VAL D 3 0.04 -30.27 29.49
C VAL D 3 -1.28 -30.99 29.24
N MET D 4 -1.89 -30.71 28.08
CA MET D 4 -3.14 -31.35 27.70
C MET D 4 -2.83 -32.61 26.91
N THR D 5 -3.50 -33.71 27.27
CA THR D 5 -3.34 -34.98 26.58
C THR D 5 -4.71 -35.47 26.15
N GLN D 6 -4.89 -35.68 24.85
CA GLN D 6 -6.14 -36.16 24.29
C GLN D 6 -6.05 -37.64 23.98
N SER D 7 -7.18 -38.34 24.12
CA SER D 7 -7.21 -39.77 23.90
C SER D 7 -8.56 -40.18 23.31
N PRO D 8 -8.56 -40.95 22.21
CA PRO D 8 -7.33 -41.38 21.53
C PRO D 8 -6.90 -40.38 20.46
N SER D 9 -5.80 -40.68 19.77
CA SER D 9 -5.35 -39.82 18.69
C SER D 9 -6.20 -40.01 17.44
N SER D 10 -6.26 -41.23 16.92
CA SER D 10 -7.12 -41.57 15.80
C SER D 10 -8.38 -42.25 16.31
N LEU D 11 -9.50 -41.99 15.64
CA LEU D 11 -10.78 -42.52 16.07
C LEU D 11 -11.70 -42.66 14.87
N ALA D 12 -12.26 -43.86 14.69
CA ALA D 12 -13.11 -44.16 13.55
C ALA D 12 -14.41 -44.79 14.04
N MET D 13 -15.53 -44.10 13.81
CA MET D 13 -16.85 -44.58 14.22
C MET D 13 -17.80 -44.47 13.03
N SER D 14 -18.69 -45.44 12.91
CA SER D 14 -19.67 -45.45 11.83
C SER D 14 -20.75 -44.41 12.08
N VAL D 15 -21.55 -44.15 11.05
CA VAL D 15 -22.56 -43.10 11.10
C VAL D 15 -23.66 -43.48 12.10
N GLY D 16 -24.05 -42.52 12.93
CA GLY D 16 -25.11 -42.72 13.90
C GLY D 16 -24.65 -43.21 15.26
N GLN D 17 -23.39 -43.57 15.41
CA GLN D 17 -22.90 -44.08 16.69
C GLN D 17 -22.62 -42.94 17.66
N LYS D 18 -22.51 -43.29 18.93
CA LYS D 18 -22.13 -42.35 19.98
C LYS D 18 -20.63 -42.45 20.21
N VAL D 19 -19.93 -41.34 20.03
CA VAL D 19 -18.46 -41.32 20.07
C VAL D 19 -18.02 -40.44 21.24
N THR D 20 -17.01 -40.90 21.97
CA THR D 20 -16.47 -40.18 23.11
C THR D 20 -14.97 -40.02 22.98
N MET D 21 -14.46 -38.85 23.34
CA MET D 21 -13.02 -38.57 23.33
C MET D 21 -12.65 -37.78 24.58
N SER D 22 -11.60 -38.22 25.26
CA SER D 22 -11.22 -37.66 26.55
C SER D 22 -10.05 -36.69 26.42
N CYS D 23 -10.04 -35.70 27.31
CA CYS D 23 -8.99 -34.70 27.42
C CYS D 23 -8.60 -34.56 28.88
N LYS D 24 -7.31 -34.72 29.18
CA LYS D 24 -6.80 -34.69 30.54
C LYS D 24 -5.71 -33.64 30.65
N SER D 25 -5.88 -32.72 31.60
CA SER D 25 -4.92 -31.65 31.83
C SER D 25 -4.06 -31.95 33.06
N SER D 26 -2.79 -31.56 32.98
CA SER D 26 -1.85 -31.78 34.08
C SER D 26 -2.23 -31.01 35.34
N GLN D 27 -3.14 -30.04 35.23
CA GLN D 27 -3.61 -29.26 36.38
C GLN D 27 -5.12 -29.17 36.32
N SER D 28 -5.75 -29.30 37.49
CA SER D 28 -7.20 -29.11 37.57
C SER D 28 -7.59 -27.73 37.05
N LEU D 29 -8.57 -27.71 36.15
CA LEU D 29 -9.07 -26.47 35.57
C LEU D 29 -10.27 -25.92 36.31
N LEU D 30 -10.49 -26.36 37.55
CA LEU D 30 -11.63 -25.93 38.34
C LEU D 30 -11.28 -24.66 39.13
N ASN D 31 -12.07 -23.62 38.96
CA ASN D 31 -11.92 -22.39 39.72
C ASN D 31 -12.92 -22.41 40.88
N SER D 32 -12.40 -22.44 42.10
CA SER D 32 -13.25 -22.63 43.28
C SER D 32 -14.18 -21.45 43.52
N ASN D 33 -13.90 -20.29 42.92
CA ASN D 33 -14.75 -19.12 43.14
C ASN D 33 -16.07 -19.25 42.40
N ASN D 34 -16.01 -19.57 41.11
CA ASN D 34 -17.22 -19.68 40.28
C ASN D 34 -17.64 -21.12 40.04
N GLN D 35 -16.88 -22.10 40.53
CA GLN D 35 -17.22 -23.52 40.40
C GLN D 35 -17.43 -23.92 38.95
N LYS D 36 -16.57 -23.41 38.07
CA LYS D 36 -16.66 -23.67 36.64
C LYS D 36 -15.31 -24.18 36.13
N ASN D 37 -15.37 -25.15 35.21
CA ASN D 37 -14.17 -25.72 34.61
C ASN D 37 -13.81 -24.94 33.35
N TYR D 38 -12.59 -24.41 33.32
CA TYR D 38 -12.14 -23.56 32.20
C TYR D 38 -11.50 -24.45 31.14
N LEU D 39 -12.36 -25.10 30.35
CA LEU D 39 -11.93 -25.93 29.23
C LEU D 39 -12.88 -25.72 28.05
N ALA D 40 -12.31 -25.68 26.85
CA ALA D 40 -13.08 -25.49 25.64
C ALA D 40 -12.70 -26.55 24.62
N TRP D 41 -13.63 -26.84 23.72
CA TRP D 41 -13.45 -27.79 22.64
C TRP D 41 -13.55 -27.08 21.30
N TYR D 42 -12.71 -27.49 20.36
CA TYR D 42 -12.65 -26.88 19.04
C TYR D 42 -12.74 -27.95 17.96
N GLN D 43 -13.51 -27.65 16.92
CA GLN D 43 -13.68 -28.53 15.78
C GLN D 43 -13.04 -27.87 14.56
N GLN D 44 -12.04 -28.54 13.97
CA GLN D 44 -11.37 -28.05 12.78
C GLN D 44 -11.64 -29.05 11.67
N LYS D 45 -12.51 -28.68 10.73
CA LYS D 45 -12.77 -29.52 9.59
C LYS D 45 -11.60 -29.45 8.60
N PRO D 46 -11.39 -30.49 7.79
CA PRO D 46 -10.24 -30.51 6.87
C PRO D 46 -10.18 -29.28 5.97
N GLY D 47 -9.11 -28.50 6.13
CA GLY D 47 -8.92 -27.30 5.33
C GLY D 47 -9.81 -26.15 5.74
N GLN D 48 -10.07 -26.00 7.03
CA GLN D 48 -10.94 -24.94 7.53
C GLN D 48 -10.35 -24.37 8.82
N SER D 49 -10.96 -23.29 9.29
CA SER D 49 -10.57 -22.70 10.55
C SER D 49 -11.26 -23.40 11.72
N PRO D 50 -10.59 -23.49 12.86
CA PRO D 50 -11.23 -24.11 14.04
C PRO D 50 -12.47 -23.35 14.46
N LYS D 51 -13.45 -24.10 14.97
CA LYS D 51 -14.73 -23.56 15.39
C LYS D 51 -14.98 -23.97 16.84
N LEU D 52 -15.37 -23.01 17.67
CA LEU D 52 -15.64 -23.28 19.07
C LEU D 52 -16.96 -24.05 19.21
N LEU D 53 -16.87 -25.24 19.80
CA LEU D 53 -18.04 -26.09 20.01
C LEU D 53 -18.64 -25.91 21.40
N VAL D 54 -17.87 -26.18 22.44
CA VAL D 54 -18.34 -26.12 23.82
C VAL D 54 -17.25 -25.48 24.66
N TYR D 55 -17.53 -24.32 25.23
CA TYR D 55 -16.62 -23.68 26.17
C TYR D 55 -17.11 -23.89 27.60
N PHE D 56 -16.24 -23.58 28.55
CA PHE D 56 -16.51 -23.84 29.97
C PHE D 56 -16.83 -25.31 30.22
N ALA D 57 -16.19 -26.20 29.46
CA ALA D 57 -16.29 -27.64 29.62
C ALA D 57 -17.67 -28.21 29.32
N SER D 58 -18.74 -27.45 29.62
CA SER D 58 -20.08 -27.97 29.45
C SER D 58 -20.99 -27.03 28.69
N THR D 59 -20.72 -25.72 28.75
CA THR D 59 -21.57 -24.74 28.09
C THR D 59 -21.41 -24.85 26.58
N ARG D 60 -22.48 -25.24 25.90
CA ARG D 60 -22.46 -25.40 24.45
C ARG D 60 -22.60 -24.05 23.77
N GLU D 61 -21.78 -23.83 22.74
CA GLU D 61 -21.79 -22.56 22.02
C GLU D 61 -23.06 -22.43 21.20
N SER D 62 -23.61 -21.20 21.16
CA SER D 62 -24.83 -20.92 20.42
C SER D 62 -24.62 -21.19 18.93
N GLY D 63 -25.47 -22.04 18.36
CA GLY D 63 -25.41 -22.42 16.97
C GLY D 63 -25.01 -23.88 16.77
N VAL D 64 -24.19 -24.42 17.67
CA VAL D 64 -23.78 -25.82 17.58
C VAL D 64 -24.98 -26.71 17.90
N PRO D 65 -25.24 -27.75 17.12
CA PRO D 65 -26.36 -28.65 17.43
C PRO D 65 -26.18 -29.32 18.78
N ASP D 66 -27.31 -29.71 19.38
CA ASP D 66 -27.31 -30.26 20.72
C ASP D 66 -26.79 -31.68 20.79
N ARG D 67 -26.33 -32.26 19.68
CA ARG D 67 -25.75 -33.60 19.71
C ARG D 67 -24.33 -33.61 20.26
N PHE D 68 -23.70 -32.44 20.41
CA PHE D 68 -22.39 -32.34 21.04
C PHE D 68 -22.56 -32.07 22.53
N ILE D 69 -21.96 -32.90 23.36
CA ILE D 69 -22.06 -32.77 24.81
C ILE D 69 -20.65 -32.75 25.38
N GLY D 70 -20.34 -31.69 26.12
CA GLY D 70 -19.09 -31.63 26.86
C GLY D 70 -19.29 -31.91 28.32
N SER D 71 -18.77 -33.03 28.80
CA SER D 71 -18.91 -33.44 30.20
C SER D 71 -17.54 -33.54 30.84
N GLY D 72 -17.52 -33.81 32.13
CA GLY D 72 -16.29 -33.91 32.89
C GLY D 72 -16.05 -32.70 33.77
N SER D 73 -15.05 -32.86 34.63
CA SER D 73 -14.72 -31.83 35.61
C SER D 73 -13.30 -32.04 36.09
N GLY D 74 -12.85 -31.14 36.97
CA GLY D 74 -11.52 -31.23 37.56
C GLY D 74 -10.42 -31.33 36.54
N THR D 75 -9.85 -32.54 36.42
CA THR D 75 -8.76 -32.78 35.49
C THR D 75 -9.17 -33.60 34.27
N ASP D 76 -10.34 -34.23 34.29
CA ASP D 76 -10.74 -35.15 33.22
C ASP D 76 -12.01 -34.64 32.55
N PHE D 77 -11.98 -34.51 31.23
CA PHE D 77 -13.12 -34.05 30.46
C PHE D 77 -13.34 -34.97 29.27
N THR D 78 -14.56 -34.93 28.73
CA THR D 78 -14.93 -35.79 27.62
C THR D 78 -15.88 -35.05 26.70
N LEU D 79 -15.54 -35.01 25.40
CA LEU D 79 -16.44 -34.54 24.37
C LEU D 79 -17.10 -35.74 23.72
N THR D 80 -18.44 -35.74 23.66
CA THR D 80 -19.18 -36.86 23.12
C THR D 80 -20.20 -36.37 22.11
N ILE D 81 -20.42 -37.19 21.10
CA ILE D 81 -21.48 -36.99 20.12
C ILE D 81 -22.45 -38.16 20.22
N SER D 82 -23.71 -37.85 20.53
CA SER D 82 -24.71 -38.89 20.72
C SER D 82 -24.97 -39.66 19.42
N SER D 83 -25.08 -38.94 18.31
CA SER D 83 -25.27 -39.56 16.99
C SER D 83 -24.41 -38.81 16.00
N VAL D 84 -23.30 -39.42 15.59
CA VAL D 84 -22.36 -38.78 14.67
C VAL D 84 -22.91 -38.85 13.25
N GLN D 85 -22.82 -37.74 12.53
CA GLN D 85 -23.23 -37.67 11.13
C GLN D 85 -21.99 -37.70 10.24
N ALA D 86 -22.23 -37.75 8.92
CA ALA D 86 -21.14 -37.73 7.96
C ALA D 86 -20.39 -36.40 7.95
N GLU D 87 -21.02 -35.32 8.42
CA GLU D 87 -20.40 -34.00 8.43
C GLU D 87 -19.58 -33.73 9.68
N ASP D 88 -19.63 -34.61 10.67
CA ASP D 88 -18.86 -34.42 11.90
C ASP D 88 -17.40 -34.83 11.76
N LEU D 89 -16.98 -35.25 10.56
CA LEU D 89 -15.59 -35.59 10.28
C LEU D 89 -14.70 -34.37 10.43
N ALA D 90 -13.79 -34.40 11.41
CA ALA D 90 -12.91 -33.26 11.67
C ALA D 90 -11.84 -33.69 12.67
N ASP D 91 -10.98 -32.73 13.02
CA ASP D 91 -10.00 -32.87 14.09
C ASP D 91 -10.50 -32.09 15.30
N TYR D 92 -10.54 -32.73 16.46
CA TYR D 92 -11.09 -32.12 17.67
C TYR D 92 -9.97 -31.83 18.64
N PHE D 93 -9.87 -30.56 19.05
CA PHE D 93 -8.87 -30.11 20.00
C PHE D 93 -9.53 -29.71 21.31
N CYS D 94 -8.81 -29.89 22.41
CA CYS D 94 -9.23 -29.36 23.71
C CYS D 94 -8.20 -28.33 24.17
N GLN D 95 -8.69 -27.22 24.70
CA GLN D 95 -7.83 -26.11 25.11
C GLN D 95 -8.25 -25.60 26.48
N GLN D 96 -7.29 -25.44 27.38
CA GLN D 96 -7.56 -24.85 28.67
C GLN D 96 -7.50 -23.33 28.55
N HIS D 97 -8.58 -22.65 28.93
CA HIS D 97 -8.57 -21.20 28.99
C HIS D 97 -8.56 -20.74 30.45
N TYR D 98 -7.66 -21.32 31.24
CA TYR D 98 -7.57 -21.04 32.66
C TYR D 98 -6.42 -20.09 32.97
N SER D 99 -5.19 -20.53 32.76
CA SER D 99 -4.02 -19.75 33.07
C SER D 99 -3.12 -19.60 31.85
N THR D 100 -2.38 -18.50 31.81
CA THR D 100 -1.45 -18.22 30.72
C THR D 100 -0.18 -19.05 30.89
N PRO D 101 0.31 -19.71 29.83
CA PRO D 101 -0.25 -19.71 28.47
C PRO D 101 -1.37 -20.73 28.28
N TYR D 102 -2.31 -20.42 27.39
CA TYR D 102 -3.45 -21.30 27.12
C TYR D 102 -3.02 -22.39 26.15
N THR D 103 -2.89 -23.61 26.65
CA THR D 103 -2.38 -24.73 25.86
C THR D 103 -3.51 -25.49 25.20
N PHE D 104 -3.28 -25.93 23.97
CA PHE D 104 -4.22 -26.78 23.24
C PHE D 104 -3.84 -28.24 23.42
N GLY D 105 -4.75 -29.12 23.03
CA GLY D 105 -4.50 -30.55 23.07
C GLY D 105 -3.73 -31.03 21.85
N GLY D 106 -3.37 -32.31 21.89
CA GLY D 106 -2.68 -32.91 20.76
C GLY D 106 -3.57 -33.03 19.54
N GLY D 107 -4.85 -33.34 19.75
CA GLY D 107 -5.78 -33.48 18.66
C GLY D 107 -6.28 -34.89 18.44
N THR D 108 -7.60 -35.05 18.36
CA THR D 108 -8.23 -36.32 18.05
C THR D 108 -8.82 -36.23 16.65
N LYS D 109 -8.20 -36.93 15.71
CA LYS D 109 -8.71 -36.99 14.34
C LYS D 109 -9.83 -38.01 14.28
N LEU D 110 -11.03 -37.57 13.89
CA LEU D 110 -12.20 -38.43 13.89
C LEU D 110 -12.51 -38.87 12.47
N GLU D 111 -12.31 -40.16 12.19
CA GLU D 111 -12.69 -40.76 10.91
C GLU D 111 -14.13 -41.28 11.00
N ILE D 112 -14.67 -41.63 9.85
CA ILE D 112 -16.03 -42.15 9.73
C ILE D 112 -15.96 -43.47 8.98
N ARG D 113 -16.65 -44.49 9.52
CA ARG D 113 -16.65 -45.82 8.91
C ARG D 113 -17.85 -45.96 7.97
N ARG D 114 -17.56 -46.39 6.75
CA ARG D 114 -18.57 -46.66 5.73
C ARG D 114 -18.38 -48.08 5.22
N ALA D 115 -19.21 -48.48 4.26
CA ALA D 115 -19.04 -49.77 3.63
C ALA D 115 -17.76 -49.77 2.81
N ASP D 116 -16.97 -50.83 2.93
CA ASP D 116 -15.71 -50.91 2.21
C ASP D 116 -15.94 -50.77 0.72
N ALA D 117 -15.23 -49.81 0.11
CA ALA D 117 -15.37 -49.52 -1.30
C ALA D 117 -14.05 -49.79 -2.03
N ALA D 118 -14.17 -50.14 -3.31
CA ALA D 118 -13.08 -50.41 -4.22
C ALA D 118 -12.69 -49.12 -4.95
N PRO D 119 -11.40 -48.91 -5.20
CA PRO D 119 -10.99 -47.66 -5.85
C PRO D 119 -11.32 -47.67 -7.34
N THR D 120 -11.82 -46.53 -7.82
CA THR D 120 -12.04 -46.33 -9.25
C THR D 120 -10.74 -45.77 -9.83
N VAL D 121 -10.08 -46.57 -10.67
CA VAL D 121 -8.74 -46.26 -11.15
C VAL D 121 -8.83 -45.76 -12.58
N SER D 122 -8.18 -44.63 -12.84
CA SER D 122 -8.14 -44.04 -14.18
C SER D 122 -6.72 -43.57 -14.45
N ILE D 123 -6.14 -44.04 -15.55
CA ILE D 123 -4.78 -43.68 -15.95
C ILE D 123 -4.84 -42.60 -17.02
N PHE D 124 -3.87 -41.70 -16.99
CA PHE D 124 -3.83 -40.56 -17.91
C PHE D 124 -2.42 -40.45 -18.46
N PRO D 125 -2.24 -40.55 -19.77
CA PRO D 125 -0.90 -40.41 -20.37
C PRO D 125 -0.45 -38.97 -20.34
N PRO D 126 0.84 -38.72 -20.55
CA PRO D 126 1.33 -37.33 -20.59
C PRO D 126 0.61 -36.51 -21.65
N SER D 127 0.30 -35.28 -21.31
CA SER D 127 -0.37 -34.38 -22.25
C SER D 127 0.56 -34.01 -23.39
N SER D 128 -0.02 -33.55 -24.50
CA SER D 128 0.78 -33.13 -25.63
C SER D 128 1.60 -31.89 -25.30
N GLU D 129 1.04 -30.99 -24.49
CA GLU D 129 1.79 -29.80 -24.09
C GLU D 129 3.05 -30.18 -23.32
N GLN D 130 2.93 -31.12 -22.37
CA GLN D 130 4.10 -31.56 -21.62
C GLN D 130 5.06 -32.35 -22.50
N LEU D 131 4.54 -33.13 -23.45
CA LEU D 131 5.42 -33.86 -24.36
C LEU D 131 6.24 -32.91 -25.21
N THR D 132 5.66 -31.77 -25.60
CA THR D 132 6.41 -30.75 -26.31
C THR D 132 7.28 -29.91 -25.37
N SER D 133 6.98 -29.88 -24.08
CA SER D 133 7.75 -29.08 -23.13
C SER D 133 9.10 -29.73 -22.81
N GLY D 134 9.11 -31.05 -22.58
CA GLY D 134 10.35 -31.73 -22.26
C GLY D 134 10.18 -32.90 -21.32
N GLY D 135 9.17 -32.85 -20.47
CA GLY D 135 8.89 -33.91 -19.53
C GLY D 135 7.71 -34.78 -19.95
N ALA D 136 7.35 -35.71 -19.07
CA ALA D 136 6.23 -36.60 -19.32
C ALA D 136 5.75 -37.14 -17.98
N SER D 137 4.52 -36.79 -17.61
CA SER D 137 3.95 -37.21 -16.33
C SER D 137 2.79 -38.15 -16.60
N VAL D 138 2.91 -39.40 -16.16
CA VAL D 138 1.82 -40.36 -16.20
C VAL D 138 1.05 -40.24 -14.89
N VAL D 139 -0.25 -39.96 -15.00
CA VAL D 139 -1.06 -39.71 -13.81
C VAL D 139 -1.97 -40.92 -13.58
N CYS D 140 -2.22 -41.21 -12.31
CA CYS D 140 -3.10 -42.31 -11.92
C CYS D 140 -4.00 -41.83 -10.80
N PHE D 141 -5.31 -41.78 -11.06
CA PHE D 141 -6.29 -41.38 -10.08
C PHE D 141 -6.99 -42.61 -9.52
N LEU D 142 -7.15 -42.64 -8.20
CA LEU D 142 -7.86 -43.71 -7.49
C LEU D 142 -8.92 -43.00 -6.66
N ASN D 143 -10.13 -42.91 -7.20
CA ASN D 143 -11.17 -42.10 -6.60
C ASN D 143 -12.18 -43.00 -5.88
N ASN D 144 -12.68 -42.50 -4.74
CA ASN D 144 -13.81 -43.07 -4.02
C ASN D 144 -13.52 -44.51 -3.59
N PHE D 145 -12.65 -44.62 -2.60
CA PHE D 145 -12.31 -45.91 -2.00
C PHE D 145 -12.29 -45.78 -0.48
N TYR D 146 -12.23 -46.93 0.19
CA TYR D 146 -12.20 -47.00 1.64
C TYR D 146 -11.68 -48.38 2.04
N PRO D 147 -10.83 -48.48 3.07
CA PRO D 147 -10.31 -47.37 3.89
C PRO D 147 -9.17 -46.61 3.22
N LYS D 148 -8.60 -45.65 3.94
CA LYS D 148 -7.55 -44.81 3.38
C LYS D 148 -6.26 -45.59 3.10
N ASP D 149 -6.04 -46.70 3.79
CA ASP D 149 -4.82 -47.48 3.61
C ASP D 149 -4.85 -48.15 2.23
N ILE D 150 -3.97 -47.71 1.34
CA ILE D 150 -3.89 -48.26 -0.01
C ILE D 150 -2.43 -48.26 -0.45
N ASN D 151 -2.13 -49.11 -1.43
CA ASN D 151 -0.78 -49.25 -1.97
C ASN D 151 -0.83 -49.06 -3.48
N VAL D 152 0.15 -48.35 -4.02
CA VAL D 152 0.22 -48.05 -5.45
C VAL D 152 1.60 -48.45 -5.97
N LYS D 153 1.61 -49.16 -7.10
CA LYS D 153 2.86 -49.56 -7.76
C LYS D 153 2.83 -49.11 -9.21
N TRP D 154 3.99 -48.71 -9.71
CA TRP D 154 4.17 -48.31 -11.10
C TRP D 154 5.00 -49.36 -11.82
N LYS D 155 4.56 -49.76 -13.01
CA LYS D 155 5.27 -50.76 -13.80
C LYS D 155 5.51 -50.22 -15.20
N ILE D 156 6.75 -50.33 -15.67
CA ILE D 156 7.13 -49.96 -17.03
C ILE D 156 7.61 -51.22 -17.73
N ASP D 157 6.93 -51.58 -18.82
CA ASP D 157 7.20 -52.81 -19.60
C ASP D 157 7.37 -54.04 -18.69
N GLY D 158 6.62 -54.08 -17.60
CA GLY D 158 6.65 -55.21 -16.69
C GLY D 158 7.74 -55.19 -15.65
N SER D 159 8.35 -54.03 -15.39
CA SER D 159 9.38 -53.89 -14.36
C SER D 159 8.96 -52.78 -13.41
N GLU D 160 9.16 -53.00 -12.12
CA GLU D 160 8.71 -52.03 -11.11
C GLU D 160 9.56 -50.77 -11.15
N ARG D 161 8.91 -49.63 -10.96
CA ARG D 161 9.58 -48.33 -10.89
C ARG D 161 9.10 -47.60 -9.64
N GLN D 162 10.06 -47.15 -8.83
CA GLN D 162 9.75 -46.53 -7.55
C GLN D 162 10.22 -45.09 -7.46
N ASN D 163 11.45 -44.80 -7.88
CA ASN D 163 11.99 -43.46 -7.77
C ASN D 163 11.33 -42.53 -8.81
N GLY D 164 10.99 -41.32 -8.36
CA GLY D 164 10.35 -40.36 -9.22
C GLY D 164 8.84 -40.39 -9.19
N VAL D 165 8.23 -40.70 -8.06
CA VAL D 165 6.79 -40.82 -7.92
C VAL D 165 6.31 -39.88 -6.83
N LEU D 166 5.33 -39.05 -7.16
CA LEU D 166 4.68 -38.17 -6.19
C LEU D 166 3.29 -38.69 -5.89
N ASN D 167 2.90 -38.63 -4.62
CA ASN D 167 1.62 -39.13 -4.16
C ASN D 167 0.90 -38.04 -3.37
N SER D 168 -0.42 -38.04 -3.47
CA SER D 168 -1.23 -37.06 -2.76
C SER D 168 -2.58 -37.68 -2.40
N TRP D 169 -2.90 -37.69 -1.11
CA TRP D 169 -4.16 -38.22 -0.63
C TRP D 169 -5.11 -37.07 -0.27
N THR D 170 -6.36 -37.19 -0.69
CA THR D 170 -7.37 -36.24 -0.25
C THR D 170 -7.81 -36.59 1.17
N ASP D 171 -8.27 -35.58 1.90
CA ASP D 171 -8.95 -35.85 3.15
C ASP D 171 -10.29 -36.53 2.88
N GLN D 172 -10.79 -37.24 3.88
CA GLN D 172 -12.03 -37.99 3.72
C GLN D 172 -13.15 -37.07 3.26
N ASP D 173 -14.01 -37.59 2.40
CA ASP D 173 -15.06 -36.79 1.81
C ASP D 173 -16.18 -36.52 2.82
N SER D 174 -16.76 -35.33 2.74
CA SER D 174 -17.82 -34.93 3.65
C SER D 174 -19.18 -35.48 3.24
N LYS D 175 -19.27 -36.17 2.10
CA LYS D 175 -20.54 -36.70 1.61
C LYS D 175 -20.55 -38.23 1.67
N ASP D 176 -19.72 -38.89 0.86
CA ASP D 176 -19.71 -40.35 0.79
C ASP D 176 -18.68 -40.99 1.72
N SER D 177 -17.88 -40.18 2.42
CA SER D 177 -16.90 -40.67 3.38
C SER D 177 -15.85 -41.56 2.73
N THR D 178 -15.57 -41.34 1.45
CA THR D 178 -14.58 -42.10 0.71
C THR D 178 -13.27 -41.33 0.63
N TYR D 179 -12.25 -42.00 0.10
CA TYR D 179 -10.92 -41.41 -0.07
C TYR D 179 -10.54 -41.40 -1.54
N SER D 180 -9.60 -40.51 -1.88
CA SER D 180 -9.07 -40.41 -3.23
C SER D 180 -7.57 -40.23 -3.16
N MET D 181 -6.87 -40.75 -4.16
CA MET D 181 -5.41 -40.77 -4.16
C MET D 181 -4.90 -40.50 -5.57
N SER D 182 -3.93 -39.60 -5.69
CA SER D 182 -3.30 -39.27 -6.96
C SER D 182 -1.84 -39.69 -6.94
N SER D 183 -1.42 -40.41 -7.97
CA SER D 183 -0.04 -40.86 -8.13
C SER D 183 0.50 -40.39 -9.47
N THR D 184 1.53 -39.55 -9.43
CA THR D 184 2.13 -38.98 -10.63
C THR D 184 3.55 -39.49 -10.78
N LEU D 185 3.81 -40.21 -11.88
CA LEU D 185 5.16 -40.66 -12.24
C LEU D 185 5.71 -39.70 -13.28
N THR D 186 6.74 -38.95 -12.92
CA THR D 186 7.33 -37.94 -13.79
C THR D 186 8.65 -38.45 -14.34
N LEU D 187 8.80 -38.39 -15.67
CA LEU D 187 10.01 -38.83 -16.34
C LEU D 187 10.34 -37.82 -17.44
N THR D 188 11.44 -38.05 -18.14
CA THR D 188 11.79 -37.24 -19.29
C THR D 188 11.20 -37.85 -20.56
N LYS D 189 11.12 -37.03 -21.61
CA LYS D 189 10.55 -37.49 -22.87
C LYS D 189 11.35 -38.64 -23.45
N ASP D 190 12.68 -38.60 -23.33
CA ASP D 190 13.54 -39.65 -23.87
C ASP D 190 13.20 -41.00 -23.24
N GLU D 191 13.25 -41.07 -21.91
CA GLU D 191 12.96 -42.33 -21.23
C GLU D 191 11.48 -42.71 -21.32
N TYR D 192 10.60 -41.73 -21.55
CA TYR D 192 9.18 -42.05 -21.70
C TYR D 192 8.92 -42.75 -23.03
N GLU D 193 9.47 -42.21 -24.12
CA GLU D 193 9.33 -42.87 -25.42
C GLU D 193 10.28 -44.04 -25.60
N ARG D 194 11.24 -44.22 -24.69
CA ARG D 194 12.18 -45.34 -24.80
C ARG D 194 11.51 -46.68 -24.48
N HIS D 195 10.39 -46.67 -23.75
CA HIS D 195 9.72 -47.88 -23.34
C HIS D 195 8.26 -47.82 -23.77
N ASN D 196 7.52 -48.89 -23.46
CA ASN D 196 6.11 -49.00 -23.80
C ASN D 196 5.39 -49.76 -22.69
N SER D 197 4.06 -49.67 -22.70
CA SER D 197 3.19 -50.35 -21.74
C SER D 197 3.46 -49.88 -20.32
N TYR D 198 2.84 -48.77 -19.93
CA TYR D 198 2.90 -48.27 -18.56
C TYR D 198 1.65 -48.72 -17.81
N THR D 199 1.86 -49.28 -16.62
CA THR D 199 0.78 -49.84 -15.81
C THR D 199 0.80 -49.24 -14.41
N CYS D 200 -0.40 -49.01 -13.88
CA CYS D 200 -0.62 -48.51 -12.53
C CYS D 200 -1.40 -49.59 -11.77
N GLU D 201 -0.77 -50.16 -10.74
CA GLU D 201 -1.35 -51.24 -9.96
C GLU D 201 -1.77 -50.72 -8.59
N ALA D 202 -2.93 -51.18 -8.12
CA ALA D 202 -3.50 -50.74 -6.85
C ALA D 202 -3.75 -51.97 -5.98
N THR D 203 -3.05 -52.03 -4.84
CA THR D 203 -3.27 -53.07 -3.84
C THR D 203 -4.08 -52.47 -2.70
N HIS D 204 -5.26 -53.04 -2.46
CA HIS D 204 -6.18 -52.54 -1.44
C HIS D 204 -6.67 -53.72 -0.59
N LYS D 205 -7.29 -53.39 0.55
CA LYS D 205 -7.80 -54.41 1.43
C LYS D 205 -9.05 -55.09 0.88
N THR D 206 -9.78 -54.43 0.00
CA THR D 206 -11.02 -55.00 -0.52
C THR D 206 -10.75 -56.11 -1.52
N SER D 207 -9.72 -55.95 -2.35
CA SER D 207 -9.38 -56.90 -3.39
C SER D 207 -8.00 -57.48 -3.12
N THR D 208 -7.93 -58.81 -3.00
CA THR D 208 -6.63 -59.46 -2.84
C THR D 208 -5.80 -59.39 -4.12
N SER D 209 -6.44 -59.21 -5.28
CA SER D 209 -5.75 -59.04 -6.55
C SER D 209 -5.66 -57.57 -6.90
N PRO D 210 -4.50 -57.07 -7.28
CA PRO D 210 -4.37 -55.63 -7.55
C PRO D 210 -5.17 -55.21 -8.77
N ILE D 211 -5.77 -54.02 -8.67
CA ILE D 211 -6.50 -53.43 -9.80
C ILE D 211 -5.48 -52.73 -10.68
N VAL D 212 -5.41 -53.13 -11.95
CA VAL D 212 -4.39 -52.65 -12.87
C VAL D 212 -5.02 -51.78 -13.93
N LYS D 213 -4.29 -50.74 -14.35
CA LYS D 213 -4.70 -49.90 -15.47
C LYS D 213 -3.46 -49.61 -16.31
N SER D 214 -3.47 -50.03 -17.57
CA SER D 214 -2.30 -49.93 -18.41
C SER D 214 -2.62 -49.19 -19.70
N PHE D 215 -1.58 -48.65 -20.32
CA PHE D 215 -1.70 -48.01 -21.62
C PHE D 215 -0.38 -48.12 -22.38
N ASN D 216 -0.49 -48.20 -23.70
CA ASN D 216 0.65 -48.40 -24.59
C ASN D 216 0.76 -47.17 -25.51
N ARG D 217 1.67 -47.26 -26.48
CA ARG D 217 2.00 -46.09 -27.30
C ARG D 217 0.77 -45.53 -28.00
N ASN D 218 -0.19 -46.39 -28.35
CA ASN D 218 -1.44 -45.95 -28.96
C ASN D 218 -2.51 -47.01 -28.76
N ILE E 10 7.75 28.43 42.69
CA ILE E 10 7.94 28.79 41.29
C ILE E 10 6.86 28.13 40.43
N ALA E 11 6.49 26.90 40.81
CA ALA E 11 5.43 26.20 40.09
C ALA E 11 4.11 26.96 40.20
N LYS E 12 3.78 27.43 41.41
CA LYS E 12 2.54 28.19 41.59
C LYS E 12 2.62 29.55 40.90
N ASP E 13 3.82 30.11 40.77
CA ASP E 13 3.98 31.36 40.03
C ASP E 13 3.62 31.17 38.57
N VAL E 14 4.14 30.09 37.95
CA VAL E 14 3.78 29.80 36.57
C VAL E 14 2.30 29.43 36.46
N LYS E 15 1.75 28.78 37.50
CA LYS E 15 0.31 28.50 37.50
C LYS E 15 -0.50 29.79 37.46
N GLN E 16 -0.14 30.77 38.28
CA GLN E 16 -0.83 32.05 38.27
C GLN E 16 -0.63 32.78 36.95
N PHE E 17 0.57 32.69 36.38
CA PHE E 17 0.82 33.30 35.07
C PHE E 17 -0.06 32.67 34.00
N TYR E 18 -0.19 31.33 34.02
CA TYR E 18 -1.04 30.65 33.07
C TYR E 18 -2.50 31.02 33.28
N ASP E 19 -2.92 31.16 34.55
CA ASP E 19 -4.28 31.59 34.83
C ASP E 19 -4.53 33.00 34.28
N GLN E 20 -3.55 33.89 34.41
CA GLN E 20 -3.68 35.24 33.88
C GLN E 20 -3.74 35.24 32.36
N ALA E 21 -2.85 34.48 31.70
CA ALA E 21 -2.90 34.39 30.25
C ALA E 21 -4.20 33.78 29.77
N LEU E 22 -4.76 32.84 30.55
CA LEU E 22 -6.06 32.28 30.23
C LEU E 22 -7.14 33.34 30.41
N GLN E 23 -7.05 34.13 31.49
CA GLN E 23 -8.00 35.22 31.70
C GLN E 23 -7.94 36.22 30.55
N GLN E 24 -6.75 36.40 29.95
CA GLN E 24 -6.68 37.21 28.74
C GLN E 24 -7.39 36.49 27.59
N ALA E 25 -7.23 35.17 27.53
CA ALA E 25 -7.93 34.35 26.55
C ALA E 25 -9.43 34.29 26.80
N VAL E 26 -9.90 34.50 28.04
CA VAL E 26 -11.31 34.35 28.37
C VAL E 26 -12.03 35.69 28.48
N VAL E 27 -11.45 36.77 27.96
CA VAL E 27 -12.13 38.06 28.05
C VAL E 27 -13.46 37.97 27.33
N ASP E 28 -13.51 37.19 26.26
CA ASP E 28 -14.73 36.98 25.48
C ASP E 28 -14.93 35.47 25.34
N ASP E 29 -15.55 35.05 24.24
CA ASP E 29 -15.67 33.63 23.95
C ASP E 29 -14.30 33.08 23.60
N ASP E 30 -13.60 33.79 22.73
CA ASP E 30 -12.21 33.62 22.37
C ASP E 30 -11.56 34.98 22.48
N ALA E 31 -10.24 35.01 22.34
CA ALA E 31 -9.58 36.31 22.19
C ALA E 31 -9.96 36.86 20.82
N ASN E 32 -10.56 38.05 20.80
CA ASN E 32 -11.05 38.59 19.54
C ASN E 32 -9.89 39.03 18.67
N ASN E 33 -9.87 38.53 17.44
CA ASN E 33 -8.80 38.78 16.47
C ASN E 33 -7.46 38.24 16.99
N ALA E 34 -7.49 37.63 18.18
CA ALA E 34 -6.31 37.01 18.78
C ALA E 34 -6.63 35.60 19.27
N LYS E 35 -7.70 34.99 18.76
CA LYS E 35 -7.99 33.60 19.07
C LYS E 35 -6.94 32.67 18.49
N ALA E 36 -6.29 33.10 17.41
CA ALA E 36 -5.19 32.32 16.85
C ALA E 36 -4.04 32.17 17.84
N VAL E 37 -3.87 33.16 18.73
CA VAL E 37 -2.86 33.02 19.79
C VAL E 37 -3.23 31.89 20.74
N VAL E 38 -4.51 31.83 21.15
CA VAL E 38 -4.97 30.74 22.00
C VAL E 38 -4.85 29.41 21.29
N LYS E 39 -5.14 29.39 19.98
CA LYS E 39 -5.00 28.16 19.21
C LYS E 39 -3.53 27.74 19.08
N THR E 40 -2.62 28.71 19.00
CA THR E 40 -1.20 28.40 18.99
C THR E 40 -0.77 27.75 20.31
N PHE E 41 -1.19 28.35 21.43
CA PHE E 41 -0.93 27.74 22.72
C PHE E 41 -1.50 26.34 22.80
N HIS E 42 -2.73 26.15 22.29
CA HIS E 42 -3.38 24.86 22.35
C HIS E 42 -2.61 23.82 21.54
N GLU E 43 -2.27 24.14 20.29
CA GLU E 43 -1.54 23.20 19.45
C GLU E 43 -0.14 22.94 19.97
N THR E 44 0.44 23.91 20.70
CA THR E 44 1.74 23.66 21.31
C THR E 44 1.62 22.74 22.51
N LEU E 45 0.50 22.79 23.24
CA LEU E 45 0.29 21.95 24.40
C LEU E 45 -0.63 20.76 24.15
N ASN E 46 -1.27 20.69 22.98
CA ASN E 46 -2.25 19.65 22.67
C ASN E 46 -3.34 19.60 23.73
N CYS E 47 -3.90 20.77 24.03
CA CYS E 47 -4.92 20.92 25.06
C CYS E 47 -6.02 21.82 24.53
N CYS E 48 -7.09 21.96 25.33
CA CYS E 48 -8.25 22.75 24.91
C CYS E 48 -9.07 23.08 26.15
N GLY E 49 -8.76 24.20 26.78
CA GLY E 49 -9.49 24.65 27.94
C GLY E 49 -8.91 24.17 29.26
N SER E 50 -9.62 24.48 30.33
CA SER E 50 -9.16 24.18 31.68
C SER E 50 -10.35 23.78 32.55
N SER E 51 -10.02 23.09 33.65
CA SER E 51 -11.06 22.65 34.58
C SER E 51 -11.71 23.82 35.29
N THR E 52 -10.98 24.94 35.43
CA THR E 52 -11.55 26.11 36.09
C THR E 52 -12.72 26.68 35.31
N LEU E 53 -12.48 27.08 34.07
CA LEU E 53 -13.54 27.63 33.22
C LEU E 53 -13.95 26.63 32.15
N SER E 54 -14.40 25.44 32.54
CA SER E 54 -14.81 24.44 31.58
C SER E 54 -16.15 24.74 30.93
N ALA E 55 -17.01 25.51 31.61
CA ALA E 55 -18.24 25.96 30.96
C ALA E 55 -17.95 26.94 29.84
N LEU E 56 -16.80 27.62 29.90
CA LEU E 56 -16.37 28.51 28.83
C LEU E 56 -15.66 27.75 27.72
N THR E 57 -15.25 26.50 27.97
CA THR E 57 -14.55 25.68 26.98
C THR E 57 -15.52 25.09 25.95
N THR E 58 -16.60 25.81 25.67
CA THR E 58 -17.52 25.38 24.62
C THR E 58 -17.41 26.24 23.39
N SER E 59 -17.03 27.51 23.55
CA SER E 59 -17.05 28.43 22.43
C SER E 59 -15.91 28.14 21.45
N MET E 60 -14.74 27.74 21.94
CA MET E 60 -13.65 27.42 21.03
C MET E 60 -14.04 26.26 20.13
N LEU E 61 -14.77 25.29 20.67
CA LEU E 61 -15.28 24.20 19.84
C LEU E 61 -16.41 24.67 18.94
N LYS E 62 -17.21 25.64 19.40
CA LYS E 62 -18.34 26.09 18.59
C LYS E 62 -17.91 26.90 17.38
N ASN E 63 -16.84 27.68 17.50
CA ASN E 63 -16.28 28.42 16.37
C ASN E 63 -15.08 27.71 15.76
N ASN E 64 -14.83 26.46 16.15
CA ASN E 64 -13.73 25.64 15.63
C ASN E 64 -12.37 26.25 15.94
N LEU E 65 -12.30 27.12 16.94
CA LEU E 65 -11.02 27.68 17.37
C LEU E 65 -10.18 26.61 18.08
N CYS E 66 -10.83 25.72 18.81
CA CYS E 66 -10.14 24.63 19.46
C CYS E 66 -9.55 23.68 18.41
N PRO E 67 -8.27 23.35 18.49
CA PRO E 67 -7.66 22.50 17.45
C PRO E 67 -8.27 21.10 17.47
N SER E 68 -8.80 20.70 16.31
CA SER E 68 -9.38 19.37 16.14
C SER E 68 -8.76 18.73 14.91
N GLY E 69 -8.04 17.63 15.09
CA GLY E 69 -7.50 16.90 13.97
C GLY E 69 -8.53 16.17 13.13
N SER E 70 -9.78 16.10 13.61
CA SER E 70 -10.82 15.35 12.90
C SER E 70 -12.16 15.86 13.42
N SER E 71 -12.65 16.94 12.82
CA SER E 71 -13.92 17.55 13.20
C SER E 71 -15.09 17.03 12.39
N ILE E 72 -14.92 15.91 11.70
CA ILE E 72 -16.02 15.30 10.95
C ILE E 72 -16.78 14.28 11.78
N ILE E 73 -16.08 13.47 12.57
CA ILE E 73 -16.72 12.42 13.38
C ILE E 73 -15.92 12.13 14.65
N SER E 74 -16.32 11.07 15.35
CA SER E 74 -15.73 10.53 16.59
C SER E 74 -16.26 11.23 17.83
N ASN E 75 -16.31 10.49 18.94
CA ASN E 75 -16.88 10.96 20.20
C ASN E 75 -15.79 10.97 21.27
N LEU E 76 -15.53 12.14 21.85
CA LEU E 76 -14.59 12.23 22.96
C LEU E 76 -14.59 13.60 23.64
N PHE E 77 -13.51 13.85 24.38
CA PHE E 77 -13.25 15.07 25.12
C PHE E 77 -11.82 15.50 24.86
N LYS E 78 -11.53 16.76 25.11
CA LYS E 78 -10.20 17.29 24.87
C LYS E 78 -9.34 17.02 26.10
N GLU E 79 -8.24 17.74 26.27
CA GLU E 79 -7.40 17.60 27.45
C GLU E 79 -7.20 18.96 28.11
N ASP E 80 -7.17 18.95 29.44
CA ASP E 80 -7.06 20.18 30.21
C ASP E 80 -5.73 20.86 29.95
N CYS E 81 -5.77 22.19 29.79
CA CYS E 81 -4.54 22.94 29.56
C CYS E 81 -3.77 23.16 30.86
N HIS E 82 -4.49 23.38 31.97
CA HIS E 82 -3.81 23.48 33.26
C HIS E 82 -3.15 22.15 33.63
N GLN E 83 -3.80 21.03 33.28
CA GLN E 83 -3.20 19.72 33.52
C GLN E 83 -1.93 19.54 32.71
N LYS E 84 -1.94 19.98 31.45
CA LYS E 84 -0.73 19.88 30.63
C LYS E 84 0.37 20.79 31.15
N ILE E 85 -0.01 21.97 31.64
CA ILE E 85 0.98 22.90 32.21
C ILE E 85 1.61 22.29 33.46
N ASP E 86 0.80 21.67 34.31
CA ASP E 86 1.35 21.02 35.50
C ASP E 86 2.20 19.80 35.13
N GLU E 87 1.82 19.08 34.08
CA GLU E 87 2.65 17.95 33.63
C GLU E 87 3.96 18.43 33.02
N LEU E 88 3.97 19.65 32.48
CA LEU E 88 5.20 20.22 31.94
C LEU E 88 6.24 20.42 33.02
N PHE E 89 5.84 20.54 34.28
CA PHE E 89 6.76 20.68 35.41
C PHE E 89 6.84 19.41 36.24
N SER E 90 6.67 18.25 35.60
CA SER E 90 6.75 16.97 36.29
C SER E 90 8.09 16.30 36.04
N GLU F 1 19.09 13.00 -18.55
CA GLU F 1 18.14 13.44 -17.53
C GLU F 1 18.66 13.07 -16.14
N VAL F 2 17.80 13.11 -15.13
CA VAL F 2 18.25 12.77 -13.78
C VAL F 2 17.26 11.77 -13.18
N GLN F 3 16.17 11.49 -13.90
CA GLN F 3 15.09 10.58 -13.50
C GLN F 3 14.18 11.16 -12.42
N LEU F 4 12.89 11.22 -12.71
CA LEU F 4 11.83 11.65 -11.80
C LEU F 4 10.67 10.67 -11.91
N GLN F 5 10.06 10.33 -10.78
CA GLN F 5 8.96 9.36 -10.75
C GLN F 5 7.70 10.05 -10.25
N GLN F 6 6.63 10.01 -11.05
CA GLN F 6 5.38 10.66 -10.71
C GLN F 6 4.34 9.65 -10.23
N SER F 7 3.27 10.18 -9.65
CA SER F 7 2.20 9.35 -9.12
C SER F 7 1.33 8.79 -10.25
N GLY F 8 0.45 7.87 -9.89
CA GLY F 8 -0.42 7.23 -10.85
C GLY F 8 -1.49 8.16 -11.40
N ALA F 9 -2.11 7.70 -12.49
CA ALA F 9 -3.18 8.46 -13.12
C ALA F 9 -4.37 8.62 -12.18
N GLU F 10 -4.94 9.81 -12.16
CA GLU F 10 -5.98 10.16 -11.22
C GLU F 10 -7.27 10.54 -11.94
N LEU F 11 -8.39 9.98 -11.50
CA LEU F 11 -9.72 10.41 -11.92
C LEU F 11 -10.32 11.26 -10.81
N VAL F 12 -10.65 12.51 -11.13
CA VAL F 12 -11.16 13.47 -10.17
C VAL F 12 -12.56 13.91 -10.58
N LYS F 13 -13.45 14.01 -9.60
CA LYS F 13 -14.79 14.54 -9.87
C LYS F 13 -14.72 16.06 -10.06
N PRO F 14 -15.56 16.62 -10.91
CA PRO F 14 -15.53 18.07 -11.15
C PRO F 14 -15.92 18.84 -9.89
N GLY F 15 -14.96 19.63 -9.39
CA GLY F 15 -15.15 20.41 -8.18
C GLY F 15 -14.33 19.92 -7.00
N ALA F 16 -13.66 18.78 -7.12
CA ALA F 16 -12.85 18.23 -6.04
C ALA F 16 -11.41 18.72 -6.20
N SER F 17 -10.50 18.15 -5.41
CA SER F 17 -9.09 18.50 -5.44
C SER F 17 -8.26 17.23 -5.60
N VAL F 18 -7.04 17.41 -6.09
CA VAL F 18 -6.14 16.28 -6.31
C VAL F 18 -4.70 16.73 -6.05
N LYS F 19 -3.92 15.87 -5.41
CA LYS F 19 -2.53 16.16 -5.08
C LYS F 19 -1.64 15.18 -5.83
N LEU F 20 -0.86 15.69 -6.78
CA LEU F 20 0.07 14.88 -7.54
C LEU F 20 1.46 14.98 -6.94
N SER F 21 2.23 13.90 -7.05
CA SER F 21 3.55 13.82 -6.44
C SER F 21 4.62 13.64 -7.51
N CYS F 22 5.86 13.97 -7.13
CA CYS F 22 7.01 13.85 -8.02
C CYS F 22 8.23 13.58 -7.14
N THR F 23 8.68 12.34 -7.12
CA THR F 23 9.80 11.91 -6.30
C THR F 23 11.08 11.93 -7.12
N ALA F 24 12.12 12.50 -6.55
CA ALA F 24 13.43 12.61 -7.17
C ALA F 24 14.33 11.46 -6.75
N SER F 25 15.21 11.05 -7.66
CA SER F 25 16.14 9.96 -7.40
C SER F 25 17.52 10.33 -7.92
N GLY F 26 18.55 10.08 -7.11
CA GLY F 26 19.91 10.30 -7.51
C GLY F 26 20.46 11.68 -7.19
N PHE F 27 19.65 12.58 -6.64
CA PHE F 27 20.10 13.93 -6.32
C PHE F 27 19.20 14.50 -5.24
N ASN F 28 19.47 15.73 -4.85
CA ASN F 28 18.69 16.44 -3.84
C ASN F 28 17.90 17.56 -4.52
N ILE F 29 16.60 17.63 -4.22
CA ILE F 29 15.75 18.64 -4.83
C ILE F 29 16.13 20.06 -4.41
N LYS F 30 16.90 20.21 -3.33
CA LYS F 30 17.33 21.55 -2.91
C LYS F 30 18.28 22.18 -3.91
N ASP F 31 18.86 21.40 -4.82
CA ASP F 31 19.82 21.89 -5.79
C ASP F 31 19.19 22.20 -7.14
N THR F 32 17.87 22.08 -7.28
CA THR F 32 17.20 22.33 -8.55
C THR F 32 15.87 23.02 -8.30
N TYR F 33 15.44 23.80 -9.29
CA TYR F 33 14.08 24.33 -9.30
C TYR F 33 13.16 23.25 -9.86
N ILE F 34 12.03 23.04 -9.19
CA ILE F 34 11.06 22.03 -9.61
C ILE F 34 9.90 22.73 -10.27
N HIS F 35 9.69 22.45 -11.56
CA HIS F 35 8.63 23.05 -12.34
C HIS F 35 7.53 22.04 -12.60
N TRP F 36 6.30 22.56 -12.71
CA TRP F 36 5.13 21.77 -13.10
C TRP F 36 4.55 22.38 -14.35
N VAL F 37 4.26 21.53 -15.35
CA VAL F 37 3.75 21.95 -16.64
C VAL F 37 2.62 21.02 -17.05
N ASN F 38 1.49 21.58 -17.46
CA ASN F 38 0.37 20.77 -17.91
C ASN F 38 0.29 20.77 -19.43
N GLN F 39 -0.17 19.64 -19.98
CA GLN F 39 -0.37 19.48 -21.41
C GLN F 39 -1.75 18.88 -21.62
N ARG F 40 -2.63 19.65 -22.25
CA ARG F 40 -3.98 19.19 -22.52
C ARG F 40 -4.02 18.35 -23.79
N PRO F 41 -5.00 17.45 -23.92
CA PRO F 41 -5.06 16.58 -25.10
C PRO F 41 -5.09 17.38 -26.40
N GLU F 42 -4.12 17.09 -27.27
CA GLU F 42 -3.95 17.79 -28.54
C GLU F 42 -3.80 19.29 -28.33
N GLN F 43 -3.02 19.67 -27.32
CA GLN F 43 -2.79 21.07 -26.99
C GLN F 43 -1.32 21.26 -26.68
N GLY F 44 -0.88 22.51 -26.71
CA GLY F 44 0.51 22.84 -26.42
C GLY F 44 0.83 22.73 -24.93
N LEU F 45 2.12 22.81 -24.65
CA LEU F 45 2.57 22.80 -23.26
C LEU F 45 2.28 24.14 -22.60
N GLU F 46 1.80 24.08 -21.36
CA GLU F 46 1.42 25.26 -20.60
C GLU F 46 2.07 25.20 -19.23
N TRP F 47 2.96 26.15 -18.96
CA TRP F 47 3.74 26.14 -17.73
C TRP F 47 2.85 26.48 -16.53
N ILE F 48 2.71 25.54 -15.61
CA ILE F 48 1.93 25.79 -14.40
C ILE F 48 2.72 26.66 -13.43
N GLY F 49 3.84 26.15 -12.92
CA GLY F 49 4.55 26.93 -11.93
C GLY F 49 5.91 26.34 -11.64
N ARG F 50 6.58 26.94 -10.65
CA ARG F 50 7.89 26.49 -10.22
C ARG F 50 8.03 26.70 -8.72
N ILE F 51 8.98 25.97 -8.14
CA ILE F 51 9.28 26.07 -6.70
C ILE F 51 10.78 25.87 -6.50
N ASP F 52 11.31 26.56 -5.49
CA ASP F 52 12.67 26.33 -5.04
C ASP F 52 12.60 25.56 -3.72
N PRO F 53 12.89 24.25 -3.72
CA PRO F 53 12.80 23.48 -2.47
C PRO F 53 13.81 23.92 -1.41
N ALA F 54 14.84 24.68 -1.79
CA ALA F 54 15.82 25.14 -0.81
C ALA F 54 15.23 26.16 0.14
N ASN F 55 14.31 27.00 -0.34
CA ASN F 55 13.69 28.02 0.49
C ASN F 55 12.17 27.94 0.53
N GLY F 56 11.54 27.16 -0.33
CA GLY F 56 10.10 27.06 -0.37
C GLY F 56 9.42 28.14 -1.18
N HIS F 57 10.18 29.01 -1.86
CA HIS F 57 9.61 30.08 -2.65
C HIS F 57 9.01 29.53 -3.95
N THR F 58 7.74 29.82 -4.17
CA THR F 58 7.01 29.37 -5.35
C THR F 58 6.79 30.55 -6.30
N GLN F 59 6.46 30.21 -7.54
CA GLN F 59 6.17 31.22 -8.55
C GLN F 59 5.22 30.59 -9.55
N TYR F 60 3.99 31.10 -9.62
CA TYR F 60 2.93 30.53 -10.42
C TYR F 60 2.66 31.38 -11.64
N ASP F 61 1.84 30.85 -12.54
CA ASP F 61 1.32 31.50 -13.73
C ASP F 61 0.05 32.27 -13.37
N PRO F 62 -0.08 33.50 -13.86
CA PRO F 62 -1.27 34.31 -13.52
C PRO F 62 -2.60 33.60 -13.68
N LYS F 63 -2.73 32.65 -14.62
CA LYS F 63 -4.01 31.97 -14.81
C LYS F 63 -4.22 30.83 -13.81
N PHE F 64 -3.15 30.31 -13.21
CA PHE F 64 -3.26 29.20 -12.29
C PHE F 64 -3.13 29.60 -10.82
N GLN F 65 -3.03 30.90 -10.54
CA GLN F 65 -2.97 31.35 -9.16
C GLN F 65 -4.33 31.16 -8.49
N GLY F 66 -4.33 30.53 -7.32
CA GLY F 66 -5.54 30.21 -6.60
C GLY F 66 -5.98 28.77 -6.78
N LYS F 67 -5.65 28.16 -7.91
CA LYS F 67 -5.95 26.76 -8.20
C LYS F 67 -4.77 25.84 -7.92
N ALA F 68 -3.59 26.19 -8.44
CA ALA F 68 -2.40 25.37 -8.27
C ALA F 68 -1.60 25.80 -7.05
N THR F 69 -1.07 24.82 -6.32
CA THR F 69 -0.24 25.08 -5.15
C THR F 69 0.91 24.07 -5.15
N ILE F 70 2.14 24.56 -5.28
CA ILE F 70 3.32 23.71 -5.33
C ILE F 70 4.00 23.72 -3.97
N THR F 71 4.33 22.52 -3.46
CA THR F 71 5.06 22.37 -2.22
C THR F 71 6.22 21.41 -2.45
N ALA F 72 7.17 21.40 -1.51
CA ALA F 72 8.34 20.55 -1.64
C ALA F 72 8.77 20.07 -0.26
N ASP F 73 8.96 18.77 -0.11
CA ASP F 73 9.48 18.15 1.10
C ASP F 73 10.90 17.69 0.84
N THR F 74 11.84 18.25 1.60
CA THR F 74 13.27 17.97 1.38
C THR F 74 13.70 16.68 2.08
N SER F 75 13.04 16.30 3.17
CA SER F 75 13.41 15.06 3.85
C SER F 75 13.05 13.84 3.00
N SER F 76 11.98 13.92 2.22
CA SER F 76 11.56 12.84 1.33
C SER F 76 11.99 13.08 -0.11
N ASN F 77 12.57 14.24 -0.42
CA ASN F 77 13.00 14.57 -1.77
C ASN F 77 11.84 14.51 -2.75
N THR F 78 10.75 15.17 -2.41
CA THR F 78 9.52 15.08 -3.19
C THR F 78 8.94 16.47 -3.45
N ALA F 79 8.24 16.61 -4.57
CA ALA F 79 7.48 17.80 -4.88
C ALA F 79 6.01 17.41 -5.04
N TYR F 80 5.12 18.37 -4.75
CA TYR F 80 3.69 18.11 -4.75
C TYR F 80 2.98 19.26 -5.45
N LEU F 81 2.05 18.92 -6.35
CA LEU F 81 1.20 19.89 -7.02
C LEU F 81 -0.24 19.62 -6.61
N GLN F 82 -0.83 20.56 -5.87
CA GLN F 82 -2.20 20.49 -5.43
C GLN F 82 -3.08 21.31 -6.37
N LEU F 83 -4.12 20.67 -6.90
CA LEU F 83 -5.10 21.32 -7.76
C LEU F 83 -6.44 21.33 -7.05
N SER F 84 -7.03 22.52 -6.91
CA SER F 84 -8.27 22.71 -6.18
C SER F 84 -9.39 23.09 -7.12
N SER F 85 -10.56 22.49 -6.91
CA SER F 85 -11.78 22.75 -7.66
C SER F 85 -11.52 22.67 -9.18
N LEU F 86 -11.28 21.44 -9.61
CA LEU F 86 -10.99 21.17 -11.01
C LEU F 86 -12.27 21.17 -11.83
N THR F 87 -12.11 21.41 -13.14
CA THR F 87 -13.21 21.36 -14.09
C THR F 87 -12.79 20.47 -15.26
N SER F 88 -13.68 20.35 -16.25
CA SER F 88 -13.37 19.52 -17.41
C SER F 88 -12.19 20.07 -18.20
N GLU F 89 -11.94 21.37 -18.12
CA GLU F 89 -10.81 21.97 -18.82
C GLU F 89 -9.47 21.59 -18.22
N ASP F 90 -9.45 20.99 -17.03
CA ASP F 90 -8.21 20.59 -16.37
C ASP F 90 -7.78 19.17 -16.70
N THR F 91 -8.62 18.41 -17.40
CA THR F 91 -8.25 17.07 -17.85
C THR F 91 -7.02 17.13 -18.74
N ALA F 92 -5.88 16.67 -18.25
CA ALA F 92 -4.62 16.85 -18.98
C ALA F 92 -3.56 15.95 -18.35
N VAL F 93 -2.37 15.93 -18.96
CA VAL F 93 -1.22 15.23 -18.42
C VAL F 93 -0.30 16.26 -17.78
N TYR F 94 0.01 16.06 -16.50
CA TYR F 94 0.84 16.97 -15.74
C TYR F 94 2.25 16.38 -15.61
N TYR F 95 3.23 17.12 -16.10
CA TYR F 95 4.63 16.73 -16.04
C TYR F 95 5.36 17.54 -14.98
N CYS F 96 6.27 16.88 -14.27
CA CYS F 96 7.16 17.51 -13.31
C CYS F 96 8.58 17.49 -13.87
N ALA F 97 9.25 18.63 -13.83
CA ALA F 97 10.57 18.78 -14.45
C ALA F 97 11.52 19.48 -13.50
N THR F 98 12.81 19.33 -13.78
CA THR F 98 13.88 19.98 -13.02
C THR F 98 14.58 21.01 -13.89
N SER F 99 15.07 22.08 -13.24
CA SER F 99 15.79 23.12 -13.95
C SER F 99 16.87 23.68 -13.03
N ASP F 100 17.86 24.32 -13.64
CA ASP F 100 18.93 24.98 -12.90
C ASP F 100 18.69 26.49 -12.87
N TYR F 101 19.76 27.28 -12.81
CA TYR F 101 19.62 28.73 -12.83
C TYR F 101 19.02 29.25 -14.14
N SER F 102 19.17 28.51 -15.23
CA SER F 102 18.68 28.96 -16.53
C SER F 102 17.18 28.71 -16.71
N TYR F 103 16.54 28.03 -15.76
CA TYR F 103 15.12 27.70 -15.82
C TYR F 103 14.77 26.89 -17.06
N ALA F 104 15.75 26.22 -17.66
CA ALA F 104 15.52 25.35 -18.79
C ALA F 104 15.22 23.95 -18.28
N LEU F 105 14.07 23.42 -18.68
CA LEU F 105 13.60 22.13 -18.20
C LEU F 105 14.40 21.03 -18.91
N ASP F 106 15.43 20.53 -18.23
CA ASP F 106 16.30 19.53 -18.82
C ASP F 106 15.78 18.11 -18.62
N SER F 107 15.38 17.78 -17.40
CA SER F 107 14.88 16.46 -17.06
C SER F 107 13.38 16.53 -16.72
N TRP F 108 12.62 15.60 -17.25
CA TRP F 108 11.17 15.54 -17.08
C TRP F 108 10.77 14.22 -16.44
N GLY F 109 9.50 14.14 -16.05
CA GLY F 109 8.92 12.93 -15.53
C GLY F 109 8.07 12.20 -16.56
N GLN F 110 7.58 11.02 -16.17
CA GLN F 110 6.76 10.22 -17.07
C GLN F 110 5.40 10.84 -17.33
N GLY F 111 4.94 11.74 -16.47
CA GLY F 111 3.65 12.39 -16.65
C GLY F 111 2.54 11.70 -15.88
N THR F 112 1.59 12.48 -15.37
CA THR F 112 0.45 11.97 -14.63
C THR F 112 -0.83 12.41 -15.33
N SER F 113 -1.63 11.43 -15.76
CA SER F 113 -2.87 11.72 -16.49
C SER F 113 -3.99 11.97 -15.48
N VAL F 114 -4.50 13.20 -15.45
CA VAL F 114 -5.60 13.59 -14.59
C VAL F 114 -6.83 13.80 -15.46
N THR F 115 -7.85 12.97 -15.23
CA THR F 115 -9.10 13.03 -15.97
C THR F 115 -10.20 13.53 -15.03
N VAL F 116 -10.86 14.63 -15.42
CA VAL F 116 -11.90 15.25 -14.62
C VAL F 116 -13.23 14.98 -15.30
N SER F 117 -14.02 14.06 -14.73
CA SER F 117 -15.32 13.72 -15.29
C SER F 117 -16.21 13.18 -14.18
N SER F 118 -17.51 13.20 -14.44
CA SER F 118 -18.49 12.69 -13.50
C SER F 118 -18.90 11.25 -13.77
N ALA F 119 -18.44 10.67 -14.87
CA ALA F 119 -18.79 9.30 -15.22
C ALA F 119 -18.21 8.32 -14.21
N LYS F 120 -18.92 7.22 -14.01
CA LYS F 120 -18.48 6.22 -13.04
C LYS F 120 -17.31 5.42 -13.59
N THR F 121 -16.42 5.01 -12.69
CA THR F 121 -15.26 4.21 -13.07
C THR F 121 -15.72 2.81 -13.47
N THR F 122 -15.41 2.42 -14.69
CA THR F 122 -15.83 1.13 -15.24
C THR F 122 -14.59 0.26 -15.46
N ALA F 123 -14.65 -0.98 -14.96
CA ALA F 123 -13.55 -1.90 -15.12
C ALA F 123 -13.47 -2.39 -16.57
N PRO F 124 -12.26 -2.64 -17.07
CA PRO F 124 -12.11 -3.06 -18.47
C PRO F 124 -12.42 -4.54 -18.64
N SER F 125 -12.52 -4.94 -19.90
CA SER F 125 -12.67 -6.34 -20.29
C SER F 125 -11.54 -6.71 -21.23
N VAL F 126 -10.72 -7.68 -20.81
CA VAL F 126 -9.52 -8.05 -21.54
C VAL F 126 -9.80 -9.37 -22.25
N TYR F 127 -9.81 -9.33 -23.58
CA TYR F 127 -10.04 -10.51 -24.40
C TYR F 127 -8.79 -10.83 -25.21
N PRO F 128 -8.28 -12.06 -25.14
CA PRO F 128 -7.15 -12.45 -25.99
C PRO F 128 -7.59 -12.74 -27.41
N LEU F 129 -6.64 -12.61 -28.34
CA LEU F 129 -6.89 -12.81 -29.75
C LEU F 129 -5.78 -13.69 -30.32
N ALA F 130 -6.10 -14.97 -30.56
CA ALA F 130 -5.19 -15.94 -31.15
C ALA F 130 -5.60 -16.27 -32.58
N PRO F 131 -4.66 -16.72 -33.41
CA PRO F 131 -5.01 -17.10 -34.79
C PRO F 131 -5.92 -18.31 -34.82
N VAL F 132 -6.48 -18.57 -36.00
CA VAL F 132 -7.35 -19.71 -36.20
C VAL F 132 -6.51 -20.99 -36.18
N CYS F 133 -7.08 -22.05 -35.60
CA CYS F 133 -6.35 -23.30 -35.45
C CYS F 133 -6.01 -23.93 -36.80
N GLY F 134 -4.81 -24.48 -36.89
CA GLY F 134 -4.30 -25.14 -38.08
C GLY F 134 -3.59 -24.25 -39.06
N ASP F 135 -3.46 -22.95 -38.77
CA ASP F 135 -2.79 -22.01 -39.64
C ASP F 135 -1.36 -21.81 -39.15
N THR F 136 -0.38 -22.06 -40.03
CA THR F 136 1.02 -21.80 -39.71
C THR F 136 1.56 -20.78 -40.71
N THR F 137 1.87 -19.59 -40.23
CA THR F 137 2.41 -18.52 -41.07
C THR F 137 3.94 -18.57 -41.09
N GLY F 138 4.47 -19.74 -41.43
CA GLY F 138 5.90 -19.94 -41.51
C GLY F 138 6.68 -19.66 -40.23
N SER F 139 7.05 -18.39 -40.02
CA SER F 139 7.89 -18.03 -38.88
C SER F 139 7.52 -16.64 -38.37
N SER F 140 6.24 -16.29 -38.41
CA SER F 140 5.79 -15.01 -37.88
C SER F 140 4.33 -15.15 -37.46
N VAL F 141 4.09 -15.10 -36.15
CA VAL F 141 2.76 -15.23 -35.58
C VAL F 141 2.43 -13.94 -34.85
N THR F 142 1.21 -13.43 -35.07
CA THR F 142 0.76 -12.19 -34.47
C THR F 142 -0.40 -12.47 -33.53
N LEU F 143 -0.31 -11.96 -32.30
CA LEU F 143 -1.34 -12.10 -31.30
C LEU F 143 -1.90 -10.73 -30.94
N GLY F 144 -3.12 -10.73 -30.38
CA GLY F 144 -3.80 -9.50 -30.07
C GLY F 144 -4.39 -9.51 -28.67
N CYS F 145 -4.65 -8.31 -28.17
CA CYS F 145 -5.24 -8.11 -26.84
C CYS F 145 -6.24 -6.96 -26.94
N LEU F 146 -7.50 -7.23 -26.64
CA LEU F 146 -8.58 -6.25 -26.79
C LEU F 146 -9.07 -5.85 -25.40
N VAL F 147 -8.87 -4.58 -25.04
CA VAL F 147 -9.31 -4.03 -23.78
C VAL F 147 -10.51 -3.15 -24.07
N LYS F 148 -11.70 -3.67 -23.84
CA LYS F 148 -12.94 -3.01 -24.21
C LYS F 148 -13.72 -2.56 -22.98
N GLY F 149 -14.47 -1.47 -23.11
CA GLY F 149 -15.42 -1.11 -22.08
C GLY F 149 -14.79 -0.65 -20.79
N TYR F 150 -13.99 0.42 -20.84
CA TYR F 150 -13.37 0.97 -19.64
C TYR F 150 -13.44 2.49 -19.68
N PHE F 151 -13.22 3.09 -18.51
CA PHE F 151 -13.21 4.54 -18.34
C PHE F 151 -12.60 4.89 -16.98
N PRO F 152 -11.76 5.92 -16.91
CA PRO F 152 -11.30 6.69 -18.07
C PRO F 152 -9.92 6.29 -18.53
N GLU F 153 -9.34 7.09 -19.42
CA GLU F 153 -7.95 6.90 -19.81
C GLU F 153 -7.04 7.25 -18.64
N PRO F 154 -5.82 6.68 -18.60
CA PRO F 154 -5.25 5.70 -19.53
C PRO F 154 -5.21 4.29 -18.98
N VAL F 155 -4.77 3.35 -19.81
CA VAL F 155 -4.50 1.98 -19.40
C VAL F 155 -3.10 1.64 -19.88
N THR F 156 -2.37 0.86 -19.08
CA THR F 156 -1.01 0.44 -19.43
C THR F 156 -1.05 -1.02 -19.87
N LEU F 157 -0.68 -1.26 -21.12
CA LEU F 157 -0.67 -2.60 -21.69
C LEU F 157 0.76 -2.98 -22.05
N THR F 158 1.23 -4.08 -21.47
CA THR F 158 2.55 -4.62 -21.74
C THR F 158 2.43 -6.09 -22.13
N TRP F 159 3.51 -6.64 -22.67
CA TRP F 159 3.57 -8.03 -23.05
C TRP F 159 4.72 -8.70 -22.31
N ASN F 160 4.38 -9.68 -21.46
CA ASN F 160 5.36 -10.40 -20.64
C ASN F 160 6.15 -9.43 -19.76
N SER F 161 5.42 -8.62 -18.99
CA SER F 161 6.00 -7.64 -18.08
C SER F 161 6.91 -6.66 -18.81
N GLY F 162 6.58 -6.33 -20.05
CA GLY F 162 7.37 -5.41 -20.84
C GLY F 162 8.59 -5.99 -21.49
N SER F 163 8.87 -7.29 -21.32
CA SER F 163 10.05 -7.88 -21.95
C SER F 163 9.89 -8.00 -23.46
N LEU F 164 8.66 -8.05 -23.96
CA LEU F 164 8.40 -8.03 -25.40
C LEU F 164 8.07 -6.59 -25.77
N SER F 165 9.09 -5.85 -26.20
CA SER F 165 8.95 -4.44 -26.50
C SER F 165 8.85 -4.16 -27.99
N SER F 166 9.84 -4.63 -28.76
CA SER F 166 9.84 -4.40 -30.19
C SER F 166 8.69 -5.16 -30.87
N GLY F 167 8.34 -4.72 -32.07
CA GLY F 167 7.29 -5.36 -32.82
C GLY F 167 5.90 -5.26 -32.22
N VAL F 168 5.70 -4.38 -31.23
CA VAL F 168 4.42 -4.21 -30.56
C VAL F 168 3.79 -2.92 -31.08
N HIS F 169 2.50 -3.00 -31.44
CA HIS F 169 1.74 -1.84 -31.89
C HIS F 169 0.51 -1.74 -31.00
N THR F 170 0.53 -0.77 -30.07
CA THR F 170 -0.60 -0.51 -29.19
C THR F 170 -1.38 0.66 -29.78
N PHE F 171 -2.61 0.39 -30.19
CA PHE F 171 -3.42 1.37 -30.90
C PHE F 171 -4.07 2.33 -29.90
N PRO F 172 -4.21 3.59 -30.26
CA PRO F 172 -4.84 4.55 -29.34
C PRO F 172 -6.30 4.20 -29.09
N ALA F 173 -6.79 4.60 -27.92
CA ALA F 173 -8.15 4.27 -27.54
C ALA F 173 -9.16 5.10 -28.33
N VAL F 174 -10.33 4.50 -28.58
CA VAL F 174 -11.43 5.18 -29.25
C VAL F 174 -12.65 5.06 -28.35
N LEU F 175 -13.45 6.13 -28.30
CA LEU F 175 -14.61 6.19 -27.43
C LEU F 175 -15.85 5.76 -28.22
N GLN F 176 -16.49 4.69 -27.76
CA GLN F 176 -17.74 4.20 -28.34
C GLN F 176 -18.85 4.42 -27.32
N SER F 177 -19.61 5.50 -27.50
CA SER F 177 -20.74 5.85 -26.64
C SER F 177 -20.30 5.93 -25.17
N ASP F 178 -19.45 6.92 -24.91
CA ASP F 178 -18.94 7.22 -23.57
C ASP F 178 -18.19 6.03 -22.96
N LEU F 179 -17.55 5.21 -23.80
CA LEU F 179 -16.82 4.06 -23.31
C LEU F 179 -15.59 3.84 -24.18
N TYR F 180 -14.45 3.54 -23.56
CA TYR F 180 -13.20 3.43 -24.27
C TYR F 180 -12.92 2.00 -24.73
N THR F 181 -12.32 1.88 -25.91
CA THR F 181 -11.91 0.60 -26.48
C THR F 181 -10.50 0.73 -27.01
N LEU F 182 -9.64 -0.22 -26.65
CA LEU F 182 -8.24 -0.23 -27.05
C LEU F 182 -7.87 -1.62 -27.53
N SER F 183 -6.90 -1.67 -28.44
CA SER F 183 -6.39 -2.95 -28.93
C SER F 183 -4.87 -2.86 -29.02
N SER F 184 -4.22 -4.01 -28.84
CA SER F 184 -2.78 -4.10 -28.92
C SER F 184 -2.39 -5.33 -29.71
N SER F 185 -1.34 -5.20 -30.52
CA SER F 185 -0.86 -6.28 -31.36
C SER F 185 0.61 -6.55 -31.06
N VAL F 186 0.98 -7.82 -31.04
CA VAL F 186 2.37 -8.23 -30.92
C VAL F 186 2.64 -9.22 -32.04
N THR F 187 3.54 -8.85 -32.97
CA THR F 187 3.74 -9.60 -34.19
C THR F 187 5.12 -10.22 -34.35
N VAL F 188 6.09 -9.83 -33.54
CA VAL F 188 7.43 -10.40 -33.66
C VAL F 188 7.56 -11.55 -32.67
N THR F 189 6.69 -12.55 -32.83
CA THR F 189 6.76 -13.76 -32.02
C THR F 189 7.56 -14.86 -32.69
N SER F 190 7.54 -14.93 -34.02
CA SER F 190 8.20 -16.00 -34.80
C SER F 190 7.60 -17.34 -34.39
N SER F 191 8.38 -18.40 -34.29
CA SER F 191 7.89 -19.73 -33.94
C SER F 191 8.09 -20.02 -32.46
N THR F 192 7.64 -19.08 -31.63
CA THR F 192 7.79 -19.16 -30.18
C THR F 192 6.46 -19.18 -29.47
N TRP F 193 5.35 -19.03 -30.19
CA TRP F 193 4.04 -19.03 -29.57
C TRP F 193 3.75 -20.34 -28.83
N PRO F 194 3.95 -21.52 -29.42
CA PRO F 194 3.79 -22.74 -28.63
C PRO F 194 4.91 -22.86 -27.60
N SER F 195 4.63 -23.64 -26.55
CA SER F 195 5.58 -23.93 -25.46
C SER F 195 5.87 -22.70 -24.59
N GLN F 196 6.26 -21.58 -25.19
CA GLN F 196 6.66 -20.40 -24.44
C GLN F 196 5.46 -19.44 -24.35
N SER F 197 4.99 -19.22 -23.13
CA SER F 197 3.80 -18.41 -22.91
C SER F 197 4.07 -16.92 -23.16
N ILE F 198 3.12 -16.26 -23.81
CA ILE F 198 3.13 -14.81 -23.95
C ILE F 198 1.84 -14.30 -23.31
N THR F 199 1.97 -13.28 -22.47
CA THR F 199 0.85 -12.80 -21.66
C THR F 199 0.65 -11.31 -21.86
N CYS F 200 -0.61 -10.89 -21.85
CA CYS F 200 -0.99 -9.49 -21.98
C CYS F 200 -1.29 -8.94 -20.61
N ASN F 201 -0.52 -7.95 -20.16
CA ASN F 201 -0.68 -7.33 -18.85
C ASN F 201 -1.36 -5.99 -19.02
N VAL F 202 -2.55 -5.84 -18.45
CA VAL F 202 -3.35 -4.62 -18.56
C VAL F 202 -3.54 -4.04 -17.17
N ALA F 203 -3.28 -2.75 -17.03
CA ALA F 203 -3.46 -2.05 -15.77
C ALA F 203 -4.36 -0.85 -15.99
N HIS F 204 -5.42 -0.77 -15.19
CA HIS F 204 -6.36 0.36 -15.19
C HIS F 204 -6.36 0.92 -13.78
N PRO F 205 -5.51 1.91 -13.50
CA PRO F 205 -5.37 2.39 -12.11
C PRO F 205 -6.58 3.14 -11.59
N ALA F 206 -7.49 3.58 -12.46
CA ALA F 206 -8.67 4.30 -12.00
C ALA F 206 -9.59 3.39 -11.19
N SER F 207 -9.66 2.11 -11.54
CA SER F 207 -10.45 1.13 -10.79
C SER F 207 -9.59 0.08 -10.12
N SER F 208 -8.28 0.32 -10.01
CA SER F 208 -7.35 -0.62 -9.40
C SER F 208 -7.45 -2.00 -10.04
N THR F 209 -7.43 -2.01 -11.37
CA THR F 209 -7.56 -3.23 -12.15
C THR F 209 -6.19 -3.67 -12.64
N LYS F 210 -5.88 -4.96 -12.43
CA LYS F 210 -4.61 -5.55 -12.86
C LYS F 210 -4.93 -6.92 -13.42
N VAL F 211 -4.88 -7.06 -14.75
CA VAL F 211 -5.30 -8.28 -15.43
C VAL F 211 -4.12 -8.82 -16.20
N ASP F 212 -3.75 -10.07 -15.95
CA ASP F 212 -2.73 -10.76 -16.72
C ASP F 212 -3.44 -11.87 -17.47
N LYS F 213 -3.69 -11.64 -18.76
CA LYS F 213 -4.45 -12.57 -19.58
C LYS F 213 -3.48 -13.33 -20.48
N LYS F 214 -3.45 -14.65 -20.31
CA LYS F 214 -2.61 -15.49 -21.14
C LYS F 214 -3.35 -15.81 -22.42
N ILE F 215 -2.75 -15.49 -23.57
CA ILE F 215 -3.32 -15.88 -24.84
C ILE F 215 -3.29 -17.39 -24.93
N GLU F 216 -4.32 -17.98 -25.52
CA GLU F 216 -4.36 -19.43 -25.64
C GLU F 216 -4.68 -19.84 -27.06
N PRO F 217 -4.09 -20.94 -27.54
CA PRO F 217 -4.31 -21.37 -28.93
C PRO F 217 -5.73 -21.83 -29.21
N ARG F 218 -5.94 -22.40 -30.39
CA ARG F 218 -7.25 -22.85 -30.85
C ARG F 218 -8.24 -21.69 -30.91
N ASP G 1 2.95 39.04 -21.17
CA ASP G 1 3.70 37.80 -21.31
C ASP G 1 4.25 37.67 -22.73
N ILE G 2 5.34 36.91 -22.87
CA ILE G 2 5.95 36.66 -24.17
C ILE G 2 5.10 35.64 -24.92
N VAL G 3 4.60 36.04 -26.09
CA VAL G 3 3.75 35.20 -26.93
C VAL G 3 4.64 34.52 -27.96
N MET G 4 4.82 33.20 -27.83
CA MET G 4 5.64 32.43 -28.76
C MET G 4 4.77 31.91 -29.90
N THR G 5 5.24 32.11 -31.14
CA THR G 5 4.54 31.63 -32.33
C THR G 5 5.52 30.78 -33.15
N GLN G 6 5.15 29.53 -33.39
CA GLN G 6 5.98 28.62 -34.16
C GLN G 6 5.44 28.47 -35.58
N SER G 7 6.36 28.27 -36.53
CA SER G 7 5.99 28.13 -37.92
C SER G 7 6.90 27.13 -38.63
N PRO G 8 6.34 26.17 -39.37
CA PRO G 8 4.90 25.98 -39.50
C PRO G 8 4.32 25.06 -38.44
N SER G 9 3.01 24.83 -38.48
CA SER G 9 2.38 23.92 -37.52
C SER G 9 2.66 22.47 -37.89
N SER G 10 2.24 22.06 -39.08
CA SER G 10 2.53 20.74 -39.60
C SER G 10 3.69 20.80 -40.58
N LEU G 11 4.51 19.75 -40.58
CA LEU G 11 5.70 19.72 -41.42
C LEU G 11 6.05 18.27 -41.73
N ALA G 12 6.20 17.96 -43.01
CA ALA G 12 6.47 16.59 -43.47
C ALA G 12 7.65 16.63 -44.42
N MET G 13 8.76 16.01 -44.02
CA MET G 13 9.97 15.96 -44.82
C MET G 13 10.47 14.51 -44.91
N SER G 14 10.99 14.15 -46.07
CA SER G 14 11.53 12.81 -46.26
C SER G 14 12.87 12.67 -45.54
N VAL G 15 13.32 11.41 -45.41
CA VAL G 15 14.53 11.12 -44.66
C VAL G 15 15.74 11.72 -45.36
N GLY G 16 16.62 12.36 -44.59
CA GLY G 16 17.82 12.95 -45.12
C GLY G 16 17.71 14.40 -45.52
N GLN G 17 16.50 14.96 -45.51
CA GLN G 17 16.32 16.35 -45.92
C GLN G 17 16.75 17.29 -44.80
N LYS G 18 17.01 18.55 -45.17
CA LYS G 18 17.32 19.59 -44.21
C LYS G 18 16.03 20.32 -43.86
N VAL G 19 15.67 20.31 -42.58
CA VAL G 19 14.39 20.85 -42.12
C VAL G 19 14.65 22.02 -41.19
N THR G 20 13.88 23.09 -41.36
CA THR G 20 13.99 24.28 -40.53
C THR G 20 12.61 24.65 -39.99
N MET G 21 12.57 25.07 -38.73
CA MET G 21 11.33 25.51 -38.10
C MET G 21 11.62 26.75 -37.27
N SER G 22 10.80 27.78 -37.46
CA SER G 22 11.05 29.08 -36.85
C SER G 22 10.17 29.29 -35.63
N CYS G 23 10.70 30.06 -34.69
CA CYS G 23 10.00 30.44 -33.46
C CYS G 23 10.19 31.94 -33.28
N LYS G 24 9.08 32.66 -33.16
CA LYS G 24 9.11 34.12 -33.05
C LYS G 24 8.43 34.52 -31.75
N SER G 25 9.16 35.28 -30.93
CA SER G 25 8.65 35.76 -29.66
C SER G 25 8.25 37.22 -29.79
N SER G 26 7.20 37.59 -29.07
CA SER G 26 6.74 38.97 -29.10
C SER G 26 7.79 39.94 -28.56
N GLN G 27 8.77 39.42 -27.84
CA GLN G 27 9.86 40.24 -27.30
C GLN G 27 11.18 39.50 -27.49
N SER G 28 12.22 40.25 -27.85
CA SER G 28 13.57 39.71 -27.89
C SER G 28 13.95 39.12 -26.54
N LEU G 29 14.47 37.90 -26.56
CA LEU G 29 14.87 37.18 -25.36
C LEU G 29 16.34 37.40 -25.01
N LEU G 30 16.95 38.48 -25.49
CA LEU G 30 18.36 38.75 -25.28
C LEU G 30 18.54 39.49 -23.96
N ASN G 31 19.38 38.93 -23.08
CA ASN G 31 19.74 39.56 -21.82
C ASN G 31 21.10 40.23 -21.99
N SER G 32 21.13 41.56 -21.86
CA SER G 32 22.33 42.32 -22.16
C SER G 32 23.47 42.05 -21.19
N ASN G 33 23.19 41.44 -20.03
CA ASN G 33 24.26 41.20 -19.06
C ASN G 33 25.18 40.09 -19.52
N ASN G 34 24.62 38.94 -19.88
CA ASN G 34 25.41 37.79 -20.32
C ASN G 34 25.40 37.61 -21.83
N GLN G 35 24.69 38.46 -22.56
CA GLN G 35 24.65 38.43 -24.03
C GLN G 35 24.18 37.06 -24.54
N LYS G 36 23.17 36.50 -23.88
CA LYS G 36 22.65 35.18 -24.23
C LYS G 36 21.13 35.28 -24.40
N ASN G 37 20.62 34.56 -25.40
CA ASN G 37 19.19 34.51 -25.67
C ASN G 37 18.57 33.35 -24.91
N TYR G 38 17.57 33.65 -24.07
CA TYR G 38 16.94 32.65 -23.20
C TYR G 38 15.80 31.99 -23.94
N LEU G 39 16.15 31.04 -24.82
CA LEU G 39 15.18 30.26 -25.55
C LEU G 39 15.64 28.81 -25.59
N ALA G 40 14.69 27.89 -25.42
CA ALA G 40 14.98 26.47 -25.41
C ALA G 40 14.04 25.74 -26.36
N TRP G 41 14.50 24.59 -26.84
CA TRP G 41 13.75 23.73 -27.73
C TRP G 41 13.50 22.39 -27.05
N TYR G 42 12.32 21.84 -27.27
CA TYR G 42 11.91 20.58 -26.66
C TYR G 42 11.40 19.64 -27.73
N GLN G 43 11.79 18.37 -27.62
CA GLN G 43 11.37 17.33 -28.55
C GLN G 43 10.51 16.34 -27.78
N GLN G 44 9.25 16.19 -28.21
CA GLN G 44 8.33 15.25 -27.59
C GLN G 44 7.94 14.23 -28.65
N LYS G 45 8.47 13.02 -28.52
CA LYS G 45 8.09 11.94 -29.41
C LYS G 45 6.69 11.44 -29.04
N PRO G 46 5.96 10.85 -30.01
CA PRO G 46 4.58 10.40 -29.73
C PRO G 46 4.47 9.50 -28.51
N GLY G 47 3.74 9.94 -27.50
CA GLY G 47 3.56 9.17 -26.29
C GLY G 47 4.76 9.14 -25.37
N GLN G 48 5.49 10.25 -25.27
CA GLN G 48 6.68 10.32 -24.44
C GLN G 48 6.71 11.68 -23.74
N SER G 49 7.67 11.81 -22.81
CA SER G 49 7.87 13.06 -22.12
C SER G 49 8.77 13.98 -22.95
N PRO G 50 8.55 15.30 -22.86
CA PRO G 50 9.42 16.24 -23.60
C PRO G 50 10.86 16.11 -23.17
N LYS G 51 11.75 16.31 -24.14
CA LYS G 51 13.19 16.21 -23.93
C LYS G 51 13.85 17.51 -24.36
N LEU G 52 14.72 18.04 -23.52
CA LEU G 52 15.43 19.28 -23.84
C LEU G 52 16.49 19.02 -24.89
N LEU G 53 16.38 19.71 -26.03
CA LEU G 53 17.33 19.56 -27.13
C LEU G 53 18.42 20.63 -27.08
N VAL G 54 18.02 21.90 -27.17
CA VAL G 54 18.95 23.02 -27.21
C VAL G 54 18.41 24.13 -26.34
N TYR G 55 19.13 24.45 -25.26
CA TYR G 55 18.78 25.59 -24.43
C TYR G 55 19.72 26.76 -24.74
N PHE G 56 19.37 27.94 -24.22
CA PHE G 56 20.09 29.17 -24.51
C PHE G 56 20.17 29.45 -26.01
N ALA G 57 19.12 29.07 -26.74
CA ALA G 57 18.95 29.34 -28.17
C ALA G 57 19.96 28.61 -29.05
N SER G 58 21.19 28.42 -28.56
CA SER G 58 22.24 27.83 -29.39
C SER G 58 22.97 26.70 -28.68
N THR G 59 22.99 26.71 -27.35
CA THR G 59 23.71 25.71 -26.59
C THR G 59 23.02 24.35 -26.71
N ARG G 60 23.71 23.40 -27.33
CA ARG G 60 23.15 22.06 -27.52
C ARG G 60 23.33 21.23 -26.25
N GLU G 61 22.26 20.52 -25.87
CA GLU G 61 22.29 19.70 -24.67
C GLU G 61 23.19 18.49 -24.86
N SER G 62 23.92 18.12 -23.81
CA SER G 62 24.81 16.98 -23.87
C SER G 62 24.02 15.70 -24.13
N GLY G 63 24.40 14.97 -25.18
CA GLY G 63 23.73 13.75 -25.59
C GLY G 63 22.99 13.89 -26.92
N VAL G 64 22.46 15.07 -27.21
CA VAL G 64 21.77 15.30 -28.48
C VAL G 64 22.77 15.26 -29.62
N PRO G 65 22.49 14.57 -30.72
CA PRO G 65 23.43 14.57 -31.85
C PRO G 65 23.61 15.97 -32.43
N ASP G 66 24.77 16.18 -33.05
CA ASP G 66 25.15 17.49 -33.55
C ASP G 66 24.41 17.89 -34.82
N ARG G 67 23.48 17.07 -35.32
CA ARG G 67 22.68 17.46 -36.48
C ARG G 67 21.60 18.47 -36.13
N PHE G 68 21.33 18.69 -34.84
CA PHE G 68 20.38 19.71 -34.41
C PHE G 68 21.14 21.01 -34.14
N ILE G 69 20.72 22.10 -34.79
CA ILE G 69 21.37 23.39 -34.64
C ILE G 69 20.30 24.40 -34.28
N GLY G 70 20.48 25.08 -33.15
CA GLY G 70 19.61 26.19 -32.80
C GLY G 70 20.28 27.51 -33.10
N SER G 71 19.76 28.24 -34.07
CA SER G 71 20.32 29.52 -34.48
C SER G 71 19.28 30.62 -34.26
N GLY G 72 19.68 31.85 -34.50
CA GLY G 72 18.81 32.99 -34.32
C GLY G 72 19.14 33.78 -33.07
N SER G 73 18.51 34.95 -32.98
CA SER G 73 18.77 35.86 -31.87
C SER G 73 17.59 36.81 -31.73
N GLY G 74 17.69 37.68 -30.72
CA GLY G 74 16.68 38.67 -30.45
C GLY G 74 15.29 38.08 -30.33
N THR G 75 14.46 38.31 -31.34
CA THR G 75 13.09 37.84 -31.34
C THR G 75 12.85 36.67 -32.28
N ASP G 76 13.79 36.37 -33.18
CA ASP G 76 13.59 35.34 -34.20
C ASP G 76 14.61 34.23 -34.00
N PHE G 77 14.14 32.99 -33.91
CA PHE G 77 15.00 31.84 -33.73
C PHE G 77 14.58 30.74 -34.69
N THR G 78 15.50 29.82 -34.96
CA THR G 78 15.25 28.73 -35.89
C THR G 78 15.96 27.47 -35.41
N LEU G 79 15.20 26.38 -35.30
CA LEU G 79 15.77 25.07 -35.06
C LEU G 79 15.88 24.34 -36.39
N THR G 80 17.06 23.84 -36.72
CA THR G 80 17.29 23.20 -37.99
C THR G 80 17.97 21.85 -37.80
N ILE G 81 17.62 20.92 -38.66
CA ILE G 81 18.26 19.61 -38.75
C ILE G 81 18.87 19.50 -40.14
N SER G 82 20.19 19.33 -40.20
CA SER G 82 20.89 19.25 -41.47
C SER G 82 20.46 18.03 -42.26
N SER G 83 20.32 16.89 -41.58
CA SER G 83 19.85 15.65 -42.20
C SER G 83 18.90 14.98 -41.22
N VAL G 84 17.62 15.03 -41.51
CA VAL G 84 16.62 14.46 -40.62
C VAL G 84 16.65 12.95 -40.74
N GLN G 85 16.62 12.26 -39.60
CA GLN G 85 16.62 10.81 -39.57
C GLN G 85 15.21 10.30 -39.31
N ALA G 86 15.06 8.98 -39.39
CA ALA G 86 13.76 8.36 -39.13
C ALA G 86 13.35 8.47 -37.68
N GLU G 87 14.31 8.66 -36.77
CA GLU G 87 14.03 8.77 -35.35
C GLU G 87 13.73 10.19 -34.89
N ASP G 88 13.88 11.18 -35.77
CA ASP G 88 13.60 12.56 -35.42
C ASP G 88 12.11 12.92 -35.49
N LEU G 89 11.26 11.94 -35.79
CA LEU G 89 9.81 12.15 -35.80
C LEU G 89 9.29 12.51 -34.42
N ALA G 90 8.80 13.73 -34.25
CA ALA G 90 8.31 14.20 -32.95
C ALA G 90 7.60 15.54 -33.14
N ASP G 91 7.14 16.09 -32.02
CA ASP G 91 6.60 17.44 -31.95
C ASP G 91 7.64 18.33 -31.27
N TYR G 92 7.95 19.46 -31.91
CA TYR G 92 9.02 20.34 -31.45
C TYR G 92 8.39 21.63 -30.91
N PHE G 93 8.71 21.95 -29.66
CA PHE G 93 8.22 23.13 -28.99
C PHE G 93 9.37 24.11 -28.75
N CYS G 94 9.07 25.40 -28.77
CA CYS G 94 10.02 26.43 -28.35
C CYS G 94 9.45 27.12 -27.12
N GLN G 95 10.32 27.34 -26.13
CA GLN G 95 9.90 27.92 -24.86
C GLN G 95 10.91 28.97 -24.44
N GLN G 96 10.41 30.14 -24.05
CA GLN G 96 11.27 31.18 -23.50
C GLN G 96 11.45 30.92 -22.01
N HIS G 97 12.71 30.77 -21.58
CA HIS G 97 13.01 30.64 -20.16
C HIS G 97 13.67 31.93 -19.69
N TYR G 98 13.03 33.07 -20.01
CA TYR G 98 13.56 34.38 -19.71
C TYR G 98 12.86 34.98 -18.48
N SER G 99 11.58 35.28 -18.61
CA SER G 99 10.81 35.88 -17.52
C SER G 99 9.56 35.04 -17.25
N THR G 100 9.10 35.12 -16.00
CA THR G 100 7.88 34.42 -15.59
C THR G 100 6.65 35.17 -16.09
N PRO G 101 5.67 34.48 -16.68
CA PRO G 101 5.64 33.03 -16.91
C PRO G 101 6.40 32.58 -18.14
N TYR G 102 6.95 31.38 -18.09
CA TYR G 102 7.71 30.82 -19.20
C TYR G 102 6.75 30.20 -20.20
N THR G 103 6.58 30.84 -21.34
CA THR G 103 5.59 30.43 -22.33
C THR G 103 6.22 29.48 -23.34
N PHE G 104 5.45 28.48 -23.74
CA PHE G 104 5.83 27.54 -24.79
C PHE G 104 5.28 27.99 -26.13
N GLY G 105 5.78 27.37 -27.19
CA GLY G 105 5.27 27.62 -28.51
C GLY G 105 4.03 26.79 -28.80
N GLY G 106 3.45 27.03 -29.97
CA GLY G 106 2.29 26.25 -30.38
C GLY G 106 2.65 24.81 -30.67
N GLY G 107 3.81 24.58 -31.26
CA GLY G 107 4.26 23.24 -31.57
C GLY G 107 4.33 22.95 -33.06
N THR G 108 5.46 22.45 -33.52
CA THR G 108 5.66 22.03 -34.91
C THR G 108 5.74 20.51 -34.93
N LYS G 109 4.68 19.87 -35.42
CA LYS G 109 4.66 18.42 -35.57
C LYS G 109 5.38 18.03 -36.85
N LEU G 110 6.44 17.21 -36.74
CA LEU G 110 7.25 16.85 -37.88
C LEU G 110 6.89 15.44 -38.33
N GLU G 111 6.27 15.33 -39.50
CA GLU G 111 6.01 14.04 -40.10
C GLU G 111 7.19 13.64 -40.98
N ILE G 112 7.24 12.37 -41.36
CA ILE G 112 8.32 11.84 -42.18
C ILE G 112 7.73 11.07 -43.35
N ARG G 113 8.23 11.34 -44.55
CA ARG G 113 7.81 10.65 -45.77
C ARG G 113 8.78 9.51 -46.05
N ARG G 114 8.24 8.31 -46.25
CA ARG G 114 9.04 7.14 -46.55
C ARG G 114 8.52 6.47 -47.82
N ALA G 115 9.18 5.38 -48.20
CA ALA G 115 8.71 4.58 -49.33
C ALA G 115 7.43 3.86 -48.95
N ASP G 116 6.44 3.88 -49.85
CA ASP G 116 5.16 3.24 -49.59
C ASP G 116 5.34 1.75 -49.32
N ALA G 117 4.78 1.29 -48.20
CA ALA G 117 4.88 -0.10 -47.78
C ALA G 117 3.49 -0.75 -47.78
N ALA G 118 3.48 -2.06 -47.98
CA ALA G 118 2.21 -2.79 -48.02
C ALA G 118 1.81 -3.25 -46.62
N PRO G 119 0.52 -3.20 -46.30
CA PRO G 119 0.07 -3.57 -44.95
C PRO G 119 0.06 -5.08 -44.74
N THR G 120 0.51 -5.49 -43.56
CA THR G 120 0.41 -6.87 -43.12
C THR G 120 -0.92 -7.03 -42.39
N VAL G 121 -1.83 -7.83 -42.97
CA VAL G 121 -3.19 -7.95 -42.50
C VAL G 121 -3.36 -9.26 -41.74
N SER G 122 -3.96 -9.17 -40.55
CA SER G 122 -4.20 -10.35 -39.72
C SER G 122 -5.60 -10.24 -39.12
N ILE G 123 -6.43 -11.27 -39.35
CA ILE G 123 -7.80 -11.32 -38.84
C ILE G 123 -7.83 -12.20 -37.60
N PHE G 124 -8.68 -11.83 -36.65
CA PHE G 124 -8.78 -12.53 -35.36
C PHE G 124 -10.26 -12.72 -35.03
N PRO G 125 -10.71 -13.96 -34.85
CA PRO G 125 -12.12 -14.19 -34.50
C PRO G 125 -12.39 -13.81 -33.05
N PRO G 126 -13.66 -13.64 -32.69
CA PRO G 126 -14.00 -13.33 -31.29
C PRO G 126 -13.52 -14.40 -30.32
N SER G 127 -13.00 -13.95 -29.18
CA SER G 127 -12.55 -14.85 -28.14
C SER G 127 -13.73 -15.54 -27.47
N SER G 128 -13.44 -16.66 -26.79
CA SER G 128 -14.48 -17.37 -26.06
C SER G 128 -15.00 -16.56 -24.88
N GLU G 129 -14.11 -15.79 -24.22
CA GLU G 129 -14.53 -14.97 -23.10
C GLU G 129 -15.57 -13.94 -23.52
N GLN G 130 -15.34 -13.26 -24.65
CA GLN G 130 -16.32 -12.30 -25.13
C GLN G 130 -17.61 -12.99 -25.57
N LEU G 131 -17.50 -14.20 -26.12
CA LEU G 131 -18.69 -14.95 -26.49
C LEU G 131 -19.53 -15.30 -25.27
N THR G 132 -18.88 -15.57 -24.14
CA THR G 132 -19.61 -15.79 -22.90
C THR G 132 -20.07 -14.48 -22.26
N SER G 133 -19.46 -13.36 -22.63
CA SER G 133 -19.88 -12.07 -22.09
C SER G 133 -21.19 -11.60 -22.71
N GLY G 134 -21.32 -11.75 -24.03
CA GLY G 134 -22.54 -11.34 -24.71
C GLY G 134 -22.29 -10.83 -26.12
N GLY G 135 -21.11 -10.26 -26.34
CA GLY G 135 -20.74 -9.71 -27.63
C GLY G 135 -19.77 -10.60 -28.38
N ALA G 136 -19.31 -10.08 -29.51
CA ALA G 136 -18.34 -10.78 -30.36
C ALA G 136 -17.63 -9.75 -31.22
N SER G 137 -16.33 -9.56 -31.02
CA SER G 137 -15.56 -8.57 -31.74
C SER G 137 -14.55 -9.28 -32.63
N VAL G 138 -14.70 -9.11 -33.94
CA VAL G 138 -13.73 -9.59 -34.92
C VAL G 138 -12.72 -8.48 -35.14
N VAL G 139 -11.44 -8.80 -34.95
CA VAL G 139 -10.39 -7.79 -35.01
C VAL G 139 -9.60 -7.97 -36.30
N CYS G 140 -9.13 -6.85 -36.86
CA CYS G 140 -8.33 -6.86 -38.08
C CYS G 140 -7.19 -5.88 -37.91
N PHE G 141 -5.96 -6.39 -37.92
CA PHE G 141 -4.77 -5.57 -37.79
C PHE G 141 -4.10 -5.39 -39.16
N LEU G 142 -3.70 -4.16 -39.45
CA LEU G 142 -3.00 -3.79 -40.68
C LEU G 142 -1.73 -3.07 -40.26
N ASN G 143 -0.62 -3.79 -40.18
CA ASN G 143 0.61 -3.26 -39.61
C ASN G 143 1.62 -2.91 -40.68
N ASN G 144 2.39 -1.84 -40.43
CA ASN G 144 3.57 -1.47 -41.20
C ASN G 144 3.21 -1.21 -42.67
N PHE G 145 2.51 -0.09 -42.86
CA PHE G 145 2.12 0.37 -44.20
C PHE G 145 2.37 1.88 -44.28
N TYR G 146 2.30 2.39 -45.51
CA TYR G 146 2.48 3.82 -45.75
C TYR G 146 1.91 4.15 -47.12
N PRO G 147 1.21 5.28 -47.28
CA PRO G 147 0.91 6.28 -46.25
C PRO G 147 -0.23 5.88 -45.32
N LYS G 148 -0.60 6.80 -44.41
CA LYS G 148 -1.63 6.52 -43.42
C LYS G 148 -3.01 6.35 -44.05
N ASP G 149 -3.24 6.94 -45.22
CA ASP G 149 -4.54 6.85 -45.88
C ASP G 149 -4.75 5.41 -46.36
N ILE G 150 -5.70 4.71 -45.73
CA ILE G 150 -6.01 3.33 -46.07
C ILE G 150 -7.52 3.14 -45.91
N ASN G 151 -8.03 2.10 -46.57
CA ASN G 151 -9.45 1.78 -46.51
C ASN G 151 -9.65 0.34 -46.07
N VAL G 152 -10.62 0.13 -45.19
CA VAL G 152 -10.91 -1.19 -44.64
C VAL G 152 -12.40 -1.45 -44.82
N LYS G 153 -12.73 -2.64 -45.32
CA LYS G 153 -14.10 -3.06 -45.52
C LYS G 153 -14.32 -4.39 -44.81
N TRP G 154 -15.50 -4.57 -44.23
CA TRP G 154 -15.89 -5.80 -43.58
C TRP G 154 -16.95 -6.49 -44.42
N LYS G 155 -16.81 -7.79 -44.64
CA LYS G 155 -17.76 -8.55 -45.42
C LYS G 155 -18.24 -9.75 -44.62
N ILE G 156 -19.56 -9.91 -44.55
CA ILE G 156 -20.21 -11.05 -43.91
C ILE G 156 -21.00 -11.78 -44.98
N ASP G 157 -20.70 -13.06 -45.17
CA ASP G 157 -21.31 -13.88 -46.22
C ASP G 157 -21.25 -13.19 -47.59
N GLY G 158 -20.21 -12.41 -47.82
CA GLY G 158 -20.05 -11.74 -49.10
C GLY G 158 -20.83 -10.46 -49.26
N SER G 159 -21.30 -9.87 -48.16
CA SER G 159 -22.03 -8.61 -48.19
C SER G 159 -21.34 -7.61 -47.28
N GLU G 160 -21.23 -6.37 -47.74
CA GLU G 160 -20.51 -5.35 -47.00
C GLU G 160 -21.28 -4.95 -45.75
N ARG G 161 -20.54 -4.70 -44.67
CA ARG G 161 -21.09 -4.26 -43.40
C ARG G 161 -20.31 -3.04 -42.94
N GLN G 162 -21.01 -1.96 -42.63
CA GLN G 162 -20.37 -0.70 -42.27
C GLN G 162 -20.68 -0.23 -40.86
N ASN G 163 -21.93 -0.31 -40.42
CA ASN G 163 -22.29 0.15 -39.10
C ASN G 163 -21.77 -0.81 -38.03
N GLY G 164 -21.21 -0.24 -36.97
CA GLY G 164 -20.66 -1.04 -35.90
C GLY G 164 -19.19 -1.37 -36.03
N VAL G 165 -18.40 -0.48 -36.63
CA VAL G 165 -16.98 -0.70 -36.86
C VAL G 165 -16.21 0.43 -36.21
N LEU G 166 -15.23 0.07 -35.38
CA LEU G 166 -14.33 1.03 -34.76
C LEU G 166 -12.96 0.95 -35.41
N ASN G 167 -12.34 2.10 -35.63
CA ASN G 167 -11.05 2.17 -36.28
C ASN G 167 -10.08 2.98 -35.41
N SER G 168 -8.81 2.59 -35.46
CA SER G 168 -7.78 3.28 -34.66
C SER G 168 -6.46 3.23 -35.40
N TRP G 169 -5.88 4.39 -35.67
CA TRP G 169 -4.58 4.51 -36.30
C TRP G 169 -3.52 4.86 -35.25
N THR G 170 -2.39 4.16 -35.31
CA THR G 170 -1.27 4.52 -34.47
C THR G 170 -0.57 5.77 -34.99
N ASP G 171 0.13 6.46 -34.10
CA ASP G 171 1.03 7.50 -34.55
C ASP G 171 2.16 6.85 -35.33
N GLN G 172 2.79 7.65 -36.21
CA GLN G 172 3.85 7.14 -37.05
C GLN G 172 4.96 6.54 -36.19
N ASP G 173 5.56 5.45 -36.66
CA ASP G 173 6.56 4.74 -35.89
C ASP G 173 7.88 5.50 -35.88
N SER G 174 8.59 5.42 -34.76
CA SER G 174 9.86 6.11 -34.59
C SER G 174 11.03 5.35 -35.21
N LYS G 175 10.79 4.17 -35.77
CA LYS G 175 11.85 3.36 -36.36
C LYS G 175 11.70 3.28 -37.87
N ASP G 176 10.64 2.63 -38.37
CA ASP G 176 10.44 2.46 -39.80
C ASP G 176 9.54 3.52 -40.41
N SER G 177 9.01 4.44 -39.61
CA SER G 177 8.15 5.54 -40.09
C SER G 177 6.90 5.02 -40.78
N THR G 178 6.43 3.84 -40.39
CA THR G 178 5.23 3.23 -40.95
C THR G 178 4.03 3.47 -40.04
N TYR G 179 2.87 3.06 -40.52
CA TYR G 179 1.62 3.20 -39.79
C TYR G 179 0.99 1.84 -39.52
N SER G 180 0.13 1.81 -38.51
CA SER G 180 -0.61 0.61 -38.17
C SER G 180 -2.05 1.00 -37.89
N MET G 181 -2.96 0.08 -38.20
CA MET G 181 -4.39 0.36 -38.12
C MET G 181 -5.13 -0.84 -37.56
N SER G 182 -6.01 -0.59 -36.61
CA SER G 182 -6.84 -1.63 -36.00
C SER G 182 -8.29 -1.35 -36.35
N SER G 183 -8.99 -2.39 -36.84
CA SER G 183 -10.39 -2.30 -37.18
C SER G 183 -11.13 -3.39 -36.41
N THR G 184 -12.04 -2.99 -35.54
CA THR G 184 -12.80 -3.91 -34.70
C THR G 184 -14.26 -3.86 -35.10
N LEU G 185 -14.79 -4.99 -35.56
CA LEU G 185 -16.20 -5.13 -35.88
C LEU G 185 -16.87 -5.82 -34.69
N THR G 186 -17.71 -5.08 -33.98
CA THR G 186 -18.38 -5.58 -32.80
C THR G 186 -19.83 -5.91 -33.12
N LEU G 187 -20.26 -7.12 -32.77
CA LEU G 187 -21.62 -7.57 -32.99
C LEU G 187 -22.08 -8.30 -31.74
N THR G 188 -23.34 -8.76 -31.78
CA THR G 188 -23.86 -9.58 -30.69
C THR G 188 -23.59 -11.05 -30.98
N LYS G 189 -23.66 -11.86 -29.91
CA LYS G 189 -23.41 -13.29 -30.05
C LYS G 189 -24.42 -13.94 -30.98
N ASP G 190 -25.69 -13.52 -30.90
CA ASP G 190 -26.72 -14.09 -31.76
C ASP G 190 -26.41 -13.85 -33.22
N GLU G 191 -26.17 -12.59 -33.60
CA GLU G 191 -25.88 -12.27 -34.99
C GLU G 191 -24.51 -12.78 -35.42
N TYR G 192 -23.58 -12.99 -34.48
CA TYR G 192 -22.29 -13.56 -34.84
C TYR G 192 -22.41 -15.02 -35.20
N GLU G 193 -23.14 -15.80 -34.38
CA GLU G 193 -23.36 -17.20 -34.71
C GLU G 193 -24.42 -17.39 -35.78
N ARG G 194 -25.14 -16.33 -36.15
CA ARG G 194 -26.14 -16.42 -37.20
C ARG G 194 -25.50 -16.54 -38.59
N HIS G 195 -24.26 -16.10 -38.74
CA HIS G 195 -23.58 -16.12 -40.03
C HIS G 195 -22.24 -16.83 -39.90
N ASN G 196 -21.54 -16.95 -41.02
CA ASN G 196 -20.22 -17.55 -41.06
C ASN G 196 -19.40 -16.84 -42.13
N SER G 197 -18.08 -17.08 -42.10
CA SER G 197 -17.15 -16.49 -43.05
C SER G 197 -17.14 -14.97 -42.98
N TYR G 198 -16.37 -14.42 -42.05
CA TYR G 198 -16.13 -12.99 -41.95
C TYR G 198 -14.81 -12.67 -42.64
N THR G 199 -14.81 -11.66 -43.49
CA THR G 199 -13.63 -11.28 -44.26
C THR G 199 -13.32 -9.80 -44.02
N CYS G 200 -12.03 -9.49 -43.97
CA CYS G 200 -11.52 -8.14 -43.81
C CYS G 200 -10.73 -7.79 -45.06
N GLU G 201 -11.20 -6.79 -45.80
CA GLU G 201 -10.61 -6.35 -47.05
C GLU G 201 -9.90 -5.03 -46.85
N ALA G 202 -8.72 -4.90 -47.46
CA ALA G 202 -7.88 -3.72 -47.31
C ALA G 202 -7.59 -3.13 -48.68
N THR G 203 -8.06 -1.91 -48.90
CA THR G 203 -7.74 -1.15 -50.11
C THR G 203 -6.68 -0.13 -49.75
N HIS G 204 -5.53 -0.24 -50.41
CA HIS G 204 -4.37 0.62 -50.15
C HIS G 204 -3.81 1.11 -51.48
N LYS G 205 -2.94 2.12 -51.39
CA LYS G 205 -2.32 2.67 -52.59
C LYS G 205 -1.27 1.75 -53.17
N THR G 206 -0.68 0.87 -52.35
CA THR G 206 0.40 0.01 -52.83
C THR G 206 -0.12 -1.11 -53.71
N SER G 207 -1.29 -1.66 -53.39
CA SER G 207 -1.85 -2.80 -54.11
C SER G 207 -3.16 -2.37 -54.77
N THR G 208 -3.22 -2.54 -56.10
CA THR G 208 -4.46 -2.28 -56.82
C THR G 208 -5.53 -3.32 -56.49
N SER G 209 -5.13 -4.51 -56.05
CA SER G 209 -6.06 -5.54 -55.60
C SER G 209 -6.13 -5.55 -54.08
N PRO G 210 -7.33 -5.55 -53.49
CA PRO G 210 -7.43 -5.47 -52.03
C PRO G 210 -6.87 -6.72 -51.37
N ILE G 211 -6.18 -6.51 -50.24
CA ILE G 211 -5.66 -7.62 -49.45
C ILE G 211 -6.76 -8.12 -48.53
N VAL G 212 -7.12 -9.39 -48.67
CA VAL G 212 -8.25 -9.95 -47.93
C VAL G 212 -7.74 -10.98 -46.92
N LYS G 213 -8.40 -11.02 -45.76
CA LYS G 213 -8.12 -12.04 -44.75
C LYS G 213 -9.45 -12.49 -44.17
N SER G 214 -9.76 -13.78 -44.30
CA SER G 214 -11.07 -14.30 -43.93
C SER G 214 -10.94 -15.46 -42.95
N PHE G 215 -12.04 -15.72 -42.24
CA PHE G 215 -12.16 -16.91 -41.42
C PHE G 215 -13.62 -17.33 -41.44
N ASN G 216 -13.86 -18.64 -41.46
CA ASN G 216 -15.21 -19.16 -41.61
C ASN G 216 -15.67 -20.08 -40.49
N ARG G 217 -14.77 -20.64 -39.69
CA ARG G 217 -15.12 -21.75 -38.82
C ARG G 217 -16.31 -21.45 -37.92
N ASN G 218 -16.53 -20.20 -37.56
CA ASN G 218 -17.69 -19.84 -36.77
C ASN G 218 -18.76 -19.18 -37.64
N LYS H 7 2.28 39.90 31.35
CA LYS H 7 2.41 39.16 30.11
C LYS H 7 3.72 39.50 29.40
N ASP H 8 4.71 39.93 30.18
CA ASP H 8 6.01 40.29 29.63
C ASP H 8 7.15 39.59 30.37
N GLN H 9 7.20 39.77 31.70
CA GLN H 9 8.25 39.17 32.50
C GLN H 9 8.13 37.66 32.61
N ILE H 10 6.97 37.10 32.26
CA ILE H 10 6.79 35.64 32.34
C ILE H 10 7.77 34.94 31.41
N ALA H 11 8.04 35.53 30.25
CA ALA H 11 8.99 34.93 29.31
C ALA H 11 10.38 34.82 29.93
N LYS H 12 10.85 35.89 30.57
CA LYS H 12 12.16 35.85 31.20
C LYS H 12 12.17 34.95 32.43
N ASP H 13 11.04 34.84 33.13
CA ASP H 13 10.94 33.91 34.26
C ASP H 13 11.10 32.47 33.79
N VAL H 14 10.40 32.10 32.72
CA VAL H 14 10.55 30.76 32.15
C VAL H 14 11.95 30.58 31.59
N LYS H 15 12.56 31.64 31.06
CA LYS H 15 13.94 31.56 30.59
C LYS H 15 14.89 31.21 31.74
N GLN H 16 14.74 31.88 32.88
CA GLN H 16 15.59 31.59 34.03
C GLN H 16 15.34 30.19 34.57
N PHE H 17 14.06 29.77 34.61
CA PHE H 17 13.74 28.42 35.05
C PHE H 17 14.39 27.37 34.15
N TYR H 18 14.32 27.56 32.84
CA TYR H 18 14.91 26.62 31.89
C TYR H 18 16.42 26.61 32.01
N ASP H 19 17.04 27.79 32.20
CA ASP H 19 18.49 27.84 32.37
C ASP H 19 18.93 27.10 33.62
N GLN H 20 18.21 27.27 34.73
CA GLN H 20 18.58 26.57 35.95
C GLN H 20 18.41 25.06 35.80
N ALA H 21 17.27 24.63 35.24
CA ALA H 21 17.05 23.20 35.03
C ALA H 21 18.09 22.61 34.08
N LEU H 22 18.57 23.40 33.11
CA LEU H 22 19.62 22.93 32.23
C LEU H 22 20.94 22.78 32.98
N GLN H 23 21.27 23.75 33.84
CA GLN H 23 22.46 23.64 34.67
C GLN H 23 22.42 22.44 35.61
N GLN H 24 21.21 21.98 35.96
CA GLN H 24 21.08 20.82 36.84
C GLN H 24 21.67 19.53 36.25
N ALA H 25 21.59 19.34 34.93
CA ALA H 25 22.04 18.11 34.30
C ALA H 25 23.53 17.85 34.56
N VAL H 26 23.95 16.58 34.47
CA VAL H 26 23.15 15.40 34.06
C VAL H 26 22.74 14.45 35.19
N VAL H 27 21.71 13.64 34.91
CA VAL H 27 21.13 12.73 35.89
C VAL H 27 22.10 11.63 36.32
N ASP H 28 22.92 11.14 35.39
CA ASP H 28 23.78 9.99 35.66
C ASP H 28 24.59 10.16 36.94
N ASP H 29 25.16 11.34 37.16
CA ASP H 29 25.90 11.67 38.37
C ASP H 29 25.00 11.93 39.58
N ASP H 30 23.68 11.79 39.46
CA ASP H 30 22.72 11.82 40.56
C ASP H 30 22.45 13.22 41.07
N ALA H 31 23.15 14.23 40.57
CA ALA H 31 22.82 15.61 40.90
C ALA H 31 21.50 16.02 40.26
N ASN H 32 21.34 15.75 38.96
CA ASN H 32 20.16 16.17 38.23
C ASN H 32 18.97 15.27 38.53
N ASN H 33 17.83 15.90 38.84
CA ASN H 33 16.59 15.20 39.10
C ASN H 33 15.44 15.76 38.27
N ALA H 34 15.72 16.73 37.39
CA ALA H 34 14.69 17.35 36.56
C ALA H 34 15.09 17.36 35.08
N LYS H 35 15.95 16.43 34.65
CA LYS H 35 16.23 16.32 33.22
C LYS H 35 14.99 15.88 32.44
N ALA H 36 14.09 15.14 33.09
CA ALA H 36 12.83 14.81 32.46
C ALA H 36 12.00 16.06 32.21
N VAL H 37 12.15 17.08 33.07
CA VAL H 37 11.50 18.36 32.83
C VAL H 37 12.06 19.02 31.58
N VAL H 38 13.39 18.94 31.40
CA VAL H 38 14.02 19.48 30.20
C VAL H 38 13.51 18.76 28.96
N LYS H 39 13.43 17.43 29.03
CA LYS H 39 12.92 16.66 27.89
C LYS H 39 11.48 17.01 27.61
N THR H 40 10.68 17.25 28.65
CA THR H 40 9.27 17.60 28.45
C THR H 40 9.13 18.96 27.78
N PHE H 41 9.87 19.96 28.27
CA PHE H 41 9.87 21.27 27.62
C PHE H 41 10.31 21.17 26.16
N HIS H 42 11.36 20.38 25.91
CA HIS H 42 11.87 20.25 24.55
C HIS H 42 10.83 19.62 23.63
N GLU H 43 10.25 18.49 24.06
CA GLU H 43 9.26 17.80 23.23
C GLU H 43 7.99 18.63 23.06
N THR H 44 7.66 19.47 24.04
CA THR H 44 6.50 20.34 23.90
C THR H 44 6.77 21.49 22.95
N LEU H 45 8.00 21.98 22.89
CA LEU H 45 8.36 23.09 22.02
C LEU H 45 9.08 22.68 20.75
N ASN H 46 9.47 21.40 20.62
CA ASN H 46 10.26 20.91 19.49
C ASN H 46 11.53 21.75 19.31
N CYS H 47 12.27 21.89 20.42
CA CYS H 47 13.50 22.66 20.44
C CYS H 47 14.56 21.87 21.19
N CYS H 48 15.78 22.40 21.20
CA CYS H 48 16.90 21.69 21.82
C CYS H 48 18.02 22.70 22.05
N GLY H 49 17.98 23.36 23.21
CA GLY H 49 18.99 24.32 23.58
C GLY H 49 18.66 25.74 23.15
N SER H 50 19.61 26.63 23.41
CA SER H 50 19.43 28.04 23.10
C SER H 50 20.78 28.63 22.68
N SER H 51 20.71 29.78 21.99
CA SER H 51 21.94 30.43 21.55
C SER H 51 22.73 31.00 22.71
N THR H 52 22.08 31.31 23.83
CA THR H 52 22.78 31.84 24.99
C THR H 52 23.75 30.81 25.57
N LEU H 53 23.22 29.65 25.94
CA LEU H 53 24.04 28.57 26.49
C LEU H 53 24.23 27.47 25.45
N SER H 54 24.84 27.86 24.32
CA SER H 54 25.04 26.94 23.21
C SER H 54 26.13 25.92 23.48
N ALA H 55 27.08 26.23 24.36
CA ALA H 55 28.09 25.26 24.75
C ALA H 55 27.51 24.11 25.56
N LEU H 56 26.36 24.32 26.22
CA LEU H 56 25.72 23.27 26.99
C LEU H 56 24.84 22.35 26.15
N THR H 57 24.49 22.76 24.92
CA THR H 57 23.63 21.95 24.06
C THR H 57 24.34 20.77 23.42
N THR H 58 25.31 20.16 24.12
CA THR H 58 26.01 18.97 23.63
C THR H 58 25.64 17.68 24.38
N SER H 59 25.38 17.75 25.69
CA SER H 59 25.22 16.54 26.48
C SER H 59 23.91 15.83 26.19
N MET H 60 22.83 16.57 25.94
CA MET H 60 21.52 15.95 25.74
C MET H 60 21.50 15.06 24.50
N LEU H 61 22.19 15.46 23.44
CA LEU H 61 22.20 14.65 22.23
C LEU H 61 23.05 13.39 22.40
N LYS H 62 24.09 13.45 23.24
CA LYS H 62 24.97 12.29 23.38
C LYS H 62 24.31 11.18 24.19
N ASN H 63 23.47 11.52 25.16
CA ASN H 63 22.70 10.53 25.91
C ASN H 63 21.28 10.39 25.40
N ASN H 64 20.99 10.96 24.22
CA ASN H 64 19.68 10.89 23.56
C ASN H 64 18.59 11.59 24.38
N LEU H 65 18.98 12.51 25.26
CA LEU H 65 17.97 13.28 25.99
C LEU H 65 17.28 14.28 25.07
N CYS H 66 18.00 14.83 24.11
CA CYS H 66 17.41 15.79 23.19
C CYS H 66 16.37 15.09 22.32
N PRO H 67 15.12 15.55 22.31
CA PRO H 67 14.07 14.87 21.55
C PRO H 67 14.28 15.02 20.05
N SER H 68 14.33 13.87 19.37
CA SER H 68 14.42 13.80 17.91
C SER H 68 13.36 12.83 17.43
N GLY H 69 13.28 12.65 16.12
CA GLY H 69 12.40 11.64 15.58
C GLY H 69 12.83 10.21 15.87
N SER H 70 14.03 10.04 16.44
CA SER H 70 14.72 8.79 16.71
C SER H 70 15.33 8.26 15.42
N SER H 71 15.13 8.95 14.30
CA SER H 71 15.64 8.56 13.01
C SER H 71 16.98 9.24 12.72
N ILE H 72 17.66 8.72 11.71
CA ILE H 72 18.89 9.32 11.21
C ILE H 72 18.52 10.26 10.07
N ILE H 73 19.09 11.47 10.07
CA ILE H 73 18.73 12.46 9.07
C ILE H 73 19.92 13.32 8.68
N SER H 74 19.68 14.34 7.84
CA SER H 74 20.74 15.20 7.34
C SER H 74 20.52 16.66 7.72
N ASN H 75 20.33 16.93 9.01
CA ASN H 75 20.09 18.28 9.50
C ASN H 75 21.19 18.72 10.47
N LEU H 76 21.40 17.97 11.54
CA LEU H 76 22.49 18.18 12.49
C LEU H 76 22.41 19.54 13.20
N PHE H 77 21.27 20.22 13.14
CA PHE H 77 21.10 21.46 13.89
C PHE H 77 19.76 21.43 14.59
N LYS H 78 19.70 22.09 15.75
CA LYS H 78 18.50 22.13 16.56
C LYS H 78 17.69 23.40 16.26
N GLU H 79 16.76 23.73 17.14
CA GLU H 79 16.01 24.97 17.11
C GLU H 79 16.11 25.62 18.48
N ASP H 80 16.24 26.94 18.50
CA ASP H 80 16.42 27.64 19.77
C ASP H 80 15.18 27.51 20.64
N CYS H 81 15.39 27.21 21.92
CA CYS H 81 14.28 27.09 22.86
C CYS H 81 13.79 28.45 23.34
N HIS H 82 14.70 29.41 23.53
CA HIS H 82 14.28 30.76 23.88
C HIS H 82 13.43 31.38 22.77
N GLN H 83 13.77 31.10 21.52
CA GLN H 83 12.97 31.59 20.40
C GLN H 83 11.56 31.01 20.44
N LYS H 84 11.44 29.71 20.71
CA LYS H 84 10.12 29.09 20.79
C LYS H 84 9.33 29.62 21.98
N ILE H 85 10.01 29.87 23.10
CA ILE H 85 9.34 30.42 24.27
C ILE H 85 8.81 31.82 23.97
N ASP H 86 9.61 32.64 23.30
CA ASP H 86 9.15 33.97 22.93
C ASP H 86 8.03 33.91 21.89
N GLU H 87 8.06 32.91 21.00
CA GLU H 87 6.99 32.76 20.03
C GLU H 87 5.69 32.30 20.70
N LEU H 88 5.79 31.57 21.81
CA LEU H 88 4.59 31.16 22.53
C LEU H 88 3.84 32.35 23.11
N PHE H 89 4.53 33.45 23.39
CA PHE H 89 3.93 34.67 23.90
C PHE H 89 3.95 35.79 22.86
N SER H 90 3.87 35.45 21.58
CA SER H 90 3.88 36.45 20.52
C SER H 90 2.47 36.69 19.99
#